data_7ZA6
# 
_entry.id   7ZA6 
# 
_audit_conform.dict_name       mmcif_pdbx.dic 
_audit_conform.dict_version    5.384 
_audit_conform.dict_location   http://mmcif.pdb.org/dictionaries/ascii/mmcif_pdbx.dic 
# 
loop_
_database_2.database_id 
_database_2.database_code 
_database_2.pdbx_database_accession 
_database_2.pdbx_DOI 
PDB   7ZA6         pdb_00007za6 10.2210/pdb7za6/pdb 
WWPDB D_1292121857 ?            ?                   
# 
loop_
_pdbx_audit_revision_history.ordinal 
_pdbx_audit_revision_history.data_content_type 
_pdbx_audit_revision_history.major_revision 
_pdbx_audit_revision_history.minor_revision 
_pdbx_audit_revision_history.revision_date 
1 'Structure model' 1 0 2022-11-23 
2 'Structure model' 1 1 2022-12-07 
3 'Structure model' 1 2 2023-01-11 
4 'Structure model' 1 3 2024-01-31 
# 
_pdbx_audit_revision_details.ordinal             1 
_pdbx_audit_revision_details.revision_ordinal    1 
_pdbx_audit_revision_details.data_content_type   'Structure model' 
_pdbx_audit_revision_details.provider            repository 
_pdbx_audit_revision_details.type                'Initial release' 
_pdbx_audit_revision_details.description         ? 
_pdbx_audit_revision_details.details             ? 
# 
loop_
_pdbx_audit_revision_group.ordinal 
_pdbx_audit_revision_group.revision_ordinal 
_pdbx_audit_revision_group.data_content_type 
_pdbx_audit_revision_group.group 
1 2 'Structure model' 'Database references'    
2 3 'Structure model' 'Database references'    
3 4 'Structure model' 'Data collection'        
4 4 'Structure model' 'Refinement description' 
# 
loop_
_pdbx_audit_revision_category.ordinal 
_pdbx_audit_revision_category.revision_ordinal 
_pdbx_audit_revision_category.data_content_type 
_pdbx_audit_revision_category.category 
1 2 'Structure model' citation                      
2 2 'Structure model' citation_author               
3 3 'Structure model' citation_author               
4 4 'Structure model' chem_comp_atom                
5 4 'Structure model' chem_comp_bond                
6 4 'Structure model' pdbx_initial_refinement_model 
# 
loop_
_pdbx_audit_revision_item.ordinal 
_pdbx_audit_revision_item.revision_ordinal 
_pdbx_audit_revision_item.data_content_type 
_pdbx_audit_revision_item.item 
1 2 'Structure model' '_citation.journal_volume'          
2 2 'Structure model' '_citation.page_first'              
3 2 'Structure model' '_citation.page_last'               
4 2 'Structure model' '_citation_author.identifier_ORCID' 
5 3 'Structure model' '_citation_author.identifier_ORCID' 
# 
_pdbx_database_status.status_code                     REL 
_pdbx_database_status.status_code_sf                  REL 
_pdbx_database_status.status_code_mr                  ? 
_pdbx_database_status.entry_id                        7ZA6 
_pdbx_database_status.recvd_initial_deposition_date   2022-03-22 
_pdbx_database_status.SG_entry                        N 
_pdbx_database_status.deposit_site                    PDBE 
_pdbx_database_status.process_site                    PDBE 
_pdbx_database_status.status_code_cs                  ? 
_pdbx_database_status.status_code_nmr_data            ? 
_pdbx_database_status.methods_development_category    ? 
_pdbx_database_status.pdb_format_compatible           N 
# 
_pdbx_contact_author.id                 2 
_pdbx_contact_author.email              martin.noble@ncl.ac.uk 
_pdbx_contact_author.name_first         Martin 
_pdbx_contact_author.name_last          Noble 
_pdbx_contact_author.name_mi            E.M 
_pdbx_contact_author.role               'principal investigator/group leader' 
_pdbx_contact_author.identifier_ORCID   0000-0002-3595-9807 
# 
loop_
_audit_author.name 
_audit_author.pdbx_ordinal 
_audit_author.identifier_ORCID 
'Turberville, S.' 1 0000-0003-2173-9675 
'Martin, M.P.'    2 0000-0003-4810-3351 
'Hope, I.'        3 ?                   
'Noble, M.E.M.'   4 0000-0002-3595-9807 
# 
_citation.abstract                  ? 
_citation.abstract_id_CAS           ? 
_citation.book_id_ISBN              ? 
_citation.book_publisher            ? 
_citation.book_publisher_city       ? 
_citation.book_title                ? 
_citation.coordinate_linkage        ? 
_citation.country                   US 
_citation.database_id_Medline       ? 
_citation.details                   ? 
_citation.id                        primary 
_citation.journal_abbrev            J.Med.Chem. 
_citation.journal_id_ASTM           JMCMAR 
_citation.journal_id_CSD            0151 
_citation.journal_id_ISSN           0022-2623 
_citation.journal_full              ? 
_citation.journal_issue             ? 
_citation.journal_volume            65 
_citation.language                  ? 
_citation.page_first                15416 
_citation.page_last                 15432 
_citation.title                     
;Mapping Ligand Interactions of Bromodomains BRD4 and ATAD2 with FragLites and PepLites&#9472;Halogenated Probes of Druglike and Peptide-like Molecular Interactions.
;
_citation.year                      2022 
_citation.database_id_CSD           ? 
_citation.pdbx_database_id_DOI      10.1021/acs.jmedchem.2c01357 
_citation.pdbx_database_id_PubMed   36367089 
_citation.pdbx_database_id_patent   ? 
_citation.unpublished_flag          ? 
# 
loop_
_citation_author.citation_id 
_citation_author.name 
_citation_author.ordinal 
_citation_author.identifier_ORCID 
primary 'Davison, G.'       1  0000-0001-5466-2702 
primary 'Martin, M.P.'      2  ?                   
primary 'Turberville, S.'   3  ?                   
primary 'Dormen, S.'        4  ?                   
primary 'Heath, R.'         5  ?                   
primary 'Heptinstall, A.B.' 6  ?                   
primary 'Lawson, M.'        7  ?                   
primary 'Miller, D.C.'      8  0000-0001-6846-2007 
primary 'Ng, Y.M.'          9  ?                   
primary 'Sanderson, J.N.'   10 0000-0003-1000-2897 
primary 'Hope, I.'          11 0000-0002-8002-5026 
primary 'Wood, D.J.'        12 ?                   
primary 'Cano, C.'          13 0000-0002-2032-2272 
primary 'Endicott, J.A.'    14 ?                   
primary 'Hardcastle, I.R.'  15 0000-0001-7495-3769 
primary 'Noble, M.E.M.'     16 ?                   
primary 'Waring, M.J.'      17 0000-0002-9110-8783 
# 
loop_
_entity.id 
_entity.type 
_entity.src_method 
_entity.pdbx_description 
_entity.formula_weight 
_entity.pdbx_number_of_molecules 
_entity.pdbx_ec 
_entity.pdbx_mutation 
_entity.pdbx_fragment 
_entity.details 
1 polymer     man 'Isoform C of Bromodomain-containing protein 4' 15294.578 1   ? ? ? ? 
2 non-polymer syn GLYCEROL                                        92.094    3   ? ? ? ? 
3 non-polymer syn 4-bromanylpyridin-2-amine                       173.011   1   ? ? ? ? 
4 water       nat water                                           18.015    174 ? ? ? ? 
# 
_entity_name_com.entity_id   1 
_entity_name_com.name        'Protein HUNK1' 
# 
_entity_poly.entity_id                      1 
_entity_poly.type                           'polypeptide(L)' 
_entity_poly.nstd_linkage                   no 
_entity_poly.nstd_monomer                   no 
_entity_poly.pdbx_seq_one_letter_code       
;GSHMNPPPPETSNPNKPKRQTNQLQYLLRVVLKTLWKHQFAWPFQQPVDAVKLNLPDYYKIIKTPMDMGTIKKRLENNYY
WNAQECIQDFNTMFTNCYIYNKPGDDIVLMAEALEKLFLQKINELPTEE
;
_entity_poly.pdbx_seq_one_letter_code_can   
;GSHMNPPPPETSNPNKPKRQTNQLQYLLRVVLKTLWKHQFAWPFQQPVDAVKLNLPDYYKIIKTPMDMGTIKKRLENNYY
WNAQECIQDFNTMFTNCYIYNKPGDDIVLMAEALEKLFLQKINELPTEE
;
_entity_poly.pdbx_strand_id                 AAA 
_entity_poly.pdbx_target_identifier         ? 
# 
loop_
_pdbx_entity_nonpoly.entity_id 
_pdbx_entity_nonpoly.name 
_pdbx_entity_nonpoly.comp_id 
2 GLYCEROL                  GOL 
3 4-bromanylpyridin-2-amine HEW 
4 water                     HOH 
# 
loop_
_entity_poly_seq.entity_id 
_entity_poly_seq.num 
_entity_poly_seq.mon_id 
_entity_poly_seq.hetero 
1 1   GLY n 
1 2   SER n 
1 3   HIS n 
1 4   MET n 
1 5   ASN n 
1 6   PRO n 
1 7   PRO n 
1 8   PRO n 
1 9   PRO n 
1 10  GLU n 
1 11  THR n 
1 12  SER n 
1 13  ASN n 
1 14  PRO n 
1 15  ASN n 
1 16  LYS n 
1 17  PRO n 
1 18  LYS n 
1 19  ARG n 
1 20  GLN n 
1 21  THR n 
1 22  ASN n 
1 23  GLN n 
1 24  LEU n 
1 25  GLN n 
1 26  TYR n 
1 27  LEU n 
1 28  LEU n 
1 29  ARG n 
1 30  VAL n 
1 31  VAL n 
1 32  LEU n 
1 33  LYS n 
1 34  THR n 
1 35  LEU n 
1 36  TRP n 
1 37  LYS n 
1 38  HIS n 
1 39  GLN n 
1 40  PHE n 
1 41  ALA n 
1 42  TRP n 
1 43  PRO n 
1 44  PHE n 
1 45  GLN n 
1 46  GLN n 
1 47  PRO n 
1 48  VAL n 
1 49  ASP n 
1 50  ALA n 
1 51  VAL n 
1 52  LYS n 
1 53  LEU n 
1 54  ASN n 
1 55  LEU n 
1 56  PRO n 
1 57  ASP n 
1 58  TYR n 
1 59  TYR n 
1 60  LYS n 
1 61  ILE n 
1 62  ILE n 
1 63  LYS n 
1 64  THR n 
1 65  PRO n 
1 66  MET n 
1 67  ASP n 
1 68  MET n 
1 69  GLY n 
1 70  THR n 
1 71  ILE n 
1 72  LYS n 
1 73  LYS n 
1 74  ARG n 
1 75  LEU n 
1 76  GLU n 
1 77  ASN n 
1 78  ASN n 
1 79  TYR n 
1 80  TYR n 
1 81  TRP n 
1 82  ASN n 
1 83  ALA n 
1 84  GLN n 
1 85  GLU n 
1 86  CYS n 
1 87  ILE n 
1 88  GLN n 
1 89  ASP n 
1 90  PHE n 
1 91  ASN n 
1 92  THR n 
1 93  MET n 
1 94  PHE n 
1 95  THR n 
1 96  ASN n 
1 97  CYS n 
1 98  TYR n 
1 99  ILE n 
1 100 TYR n 
1 101 ASN n 
1 102 LYS n 
1 103 PRO n 
1 104 GLY n 
1 105 ASP n 
1 106 ASP n 
1 107 ILE n 
1 108 VAL n 
1 109 LEU n 
1 110 MET n 
1 111 ALA n 
1 112 GLU n 
1 113 ALA n 
1 114 LEU n 
1 115 GLU n 
1 116 LYS n 
1 117 LEU n 
1 118 PHE n 
1 119 LEU n 
1 120 GLN n 
1 121 LYS n 
1 122 ILE n 
1 123 ASN n 
1 124 GLU n 
1 125 LEU n 
1 126 PRO n 
1 127 THR n 
1 128 GLU n 
1 129 GLU n 
# 
_entity_src_gen.entity_id                          1 
_entity_src_gen.pdbx_src_id                        1 
_entity_src_gen.pdbx_alt_source_flag               sample 
_entity_src_gen.pdbx_seq_type                      'Biological sequence' 
_entity_src_gen.pdbx_beg_seq_num                   1 
_entity_src_gen.pdbx_end_seq_num                   129 
_entity_src_gen.gene_src_common_name               human 
_entity_src_gen.gene_src_genus                     ? 
_entity_src_gen.pdbx_gene_src_gene                 'BRD4, HUNK1' 
_entity_src_gen.gene_src_species                   ? 
_entity_src_gen.gene_src_strain                    ? 
_entity_src_gen.gene_src_tissue                    ? 
_entity_src_gen.gene_src_tissue_fraction           ? 
_entity_src_gen.gene_src_details                   ? 
_entity_src_gen.pdbx_gene_src_fragment             ? 
_entity_src_gen.pdbx_gene_src_scientific_name      'Homo sapiens' 
_entity_src_gen.pdbx_gene_src_ncbi_taxonomy_id     9606 
_entity_src_gen.pdbx_gene_src_variant              ? 
_entity_src_gen.pdbx_gene_src_cell_line            ? 
_entity_src_gen.pdbx_gene_src_atcc                 ? 
_entity_src_gen.pdbx_gene_src_organ                ? 
_entity_src_gen.pdbx_gene_src_organelle            ? 
_entity_src_gen.pdbx_gene_src_cell                 ? 
_entity_src_gen.pdbx_gene_src_cellular_location    ? 
_entity_src_gen.host_org_common_name               ? 
_entity_src_gen.pdbx_host_org_scientific_name      'Escherichia coli BL21(DE3)' 
_entity_src_gen.pdbx_host_org_ncbi_taxonomy_id     469008 
_entity_src_gen.host_org_genus                     ? 
_entity_src_gen.pdbx_host_org_gene                 ? 
_entity_src_gen.pdbx_host_org_organ                ? 
_entity_src_gen.host_org_species                   ? 
_entity_src_gen.pdbx_host_org_tissue               ? 
_entity_src_gen.pdbx_host_org_tissue_fraction      ? 
_entity_src_gen.pdbx_host_org_strain               ? 
_entity_src_gen.pdbx_host_org_variant              ? 
_entity_src_gen.pdbx_host_org_cell_line            ? 
_entity_src_gen.pdbx_host_org_atcc                 ? 
_entity_src_gen.pdbx_host_org_culture_collection   ? 
_entity_src_gen.pdbx_host_org_cell                 ? 
_entity_src_gen.pdbx_host_org_organelle            ? 
_entity_src_gen.pdbx_host_org_cellular_location    ? 
_entity_src_gen.pdbx_host_org_vector_type          ? 
_entity_src_gen.pdbx_host_org_vector               ? 
_entity_src_gen.host_org_details                   ? 
_entity_src_gen.expression_system_id               ? 
_entity_src_gen.plasmid_name                       pET28b 
_entity_src_gen.plasmid_details                    ? 
_entity_src_gen.pdbx_description                   ? 
# 
loop_
_chem_comp.id 
_chem_comp.type 
_chem_comp.mon_nstd_flag 
_chem_comp.name 
_chem_comp.pdbx_synonyms 
_chem_comp.formula 
_chem_comp.formula_weight 
ALA 'L-peptide linking' y ALANINE                   ?                               'C3 H7 N O2'     89.093  
ARG 'L-peptide linking' y ARGININE                  ?                               'C6 H15 N4 O2 1' 175.209 
ASN 'L-peptide linking' y ASPARAGINE                ?                               'C4 H8 N2 O3'    132.118 
ASP 'L-peptide linking' y 'ASPARTIC ACID'           ?                               'C4 H7 N O4'     133.103 
CYS 'L-peptide linking' y CYSTEINE                  ?                               'C3 H7 N O2 S'   121.158 
GLN 'L-peptide linking' y GLUTAMINE                 ?                               'C5 H10 N2 O3'   146.144 
GLU 'L-peptide linking' y 'GLUTAMIC ACID'           ?                               'C5 H9 N O4'     147.129 
GLY 'peptide linking'   y GLYCINE                   ?                               'C2 H5 N O2'     75.067  
GOL non-polymer         . GLYCEROL                  'GLYCERIN; PROPANE-1,2,3-TRIOL' 'C3 H8 O3'       92.094  
HEW non-polymer         . 4-bromanylpyridin-2-amine ?                               'C5 H5 Br N2'    173.011 
HIS 'L-peptide linking' y HISTIDINE                 ?                               'C6 H10 N3 O2 1' 156.162 
HOH non-polymer         . WATER                     ?                               'H2 O'           18.015  
ILE 'L-peptide linking' y ISOLEUCINE                ?                               'C6 H13 N O2'    131.173 
LEU 'L-peptide linking' y LEUCINE                   ?                               'C6 H13 N O2'    131.173 
LYS 'L-peptide linking' y LYSINE                    ?                               'C6 H15 N2 O2 1' 147.195 
MET 'L-peptide linking' y METHIONINE                ?                               'C5 H11 N O2 S'  149.211 
PHE 'L-peptide linking' y PHENYLALANINE             ?                               'C9 H11 N O2'    165.189 
PRO 'L-peptide linking' y PROLINE                   ?                               'C5 H9 N O2'     115.130 
SER 'L-peptide linking' y SERINE                    ?                               'C3 H7 N O3'     105.093 
THR 'L-peptide linking' y THREONINE                 ?                               'C4 H9 N O3'     119.119 
TRP 'L-peptide linking' y TRYPTOPHAN                ?                               'C11 H12 N2 O2'  204.225 
TYR 'L-peptide linking' y TYROSINE                  ?                               'C9 H11 N O3'    181.189 
VAL 'L-peptide linking' y VALINE                    ?                               'C5 H11 N O2'    117.146 
# 
loop_
_pdbx_poly_seq_scheme.asym_id 
_pdbx_poly_seq_scheme.entity_id 
_pdbx_poly_seq_scheme.seq_id 
_pdbx_poly_seq_scheme.mon_id 
_pdbx_poly_seq_scheme.ndb_seq_num 
_pdbx_poly_seq_scheme.pdb_seq_num 
_pdbx_poly_seq_scheme.auth_seq_num 
_pdbx_poly_seq_scheme.pdb_mon_id 
_pdbx_poly_seq_scheme.auth_mon_id 
_pdbx_poly_seq_scheme.pdb_strand_id 
_pdbx_poly_seq_scheme.pdb_ins_code 
_pdbx_poly_seq_scheme.hetero 
A 1 1   GLY 1   40  40  GLY GLY AAA . n 
A 1 2   SER 2   41  41  SER SER AAA . n 
A 1 3   HIS 3   42  42  HIS HIS AAA . n 
A 1 4   MET 4   43  43  MET MET AAA . n 
A 1 5   ASN 5   44  44  ASN ASN AAA . n 
A 1 6   PRO 6   45  45  PRO PRO AAA . n 
A 1 7   PRO 7   46  46  PRO PRO AAA . n 
A 1 8   PRO 8   47  47  PRO PRO AAA . n 
A 1 9   PRO 9   48  48  PRO PRO AAA . n 
A 1 10  GLU 10  49  49  GLU GLU AAA . n 
A 1 11  THR 11  50  50  THR THR AAA . n 
A 1 12  SER 12  51  51  SER SER AAA . n 
A 1 13  ASN 13  52  52  ASN ASN AAA . n 
A 1 14  PRO 14  53  53  PRO PRO AAA . n 
A 1 15  ASN 15  54  54  ASN ASN AAA . n 
A 1 16  LYS 16  55  55  LYS LYS AAA . n 
A 1 17  PRO 17  56  56  PRO PRO AAA . n 
A 1 18  LYS 18  57  57  LYS LYS AAA . n 
A 1 19  ARG 19  58  58  ARG ARG AAA . n 
A 1 20  GLN 20  59  59  GLN GLN AAA . n 
A 1 21  THR 21  60  60  THR THR AAA . n 
A 1 22  ASN 22  61  61  ASN ASN AAA . n 
A 1 23  GLN 23  62  62  GLN GLN AAA . n 
A 1 24  LEU 24  63  63  LEU LEU AAA . n 
A 1 25  GLN 25  64  64  GLN GLN AAA . n 
A 1 26  TYR 26  65  65  TYR TYR AAA . n 
A 1 27  LEU 27  66  66  LEU LEU AAA . n 
A 1 28  LEU 28  67  67  LEU LEU AAA . n 
A 1 29  ARG 29  68  68  ARG ARG AAA . n 
A 1 30  VAL 30  69  69  VAL VAL AAA . n 
A 1 31  VAL 31  70  70  VAL VAL AAA . n 
A 1 32  LEU 32  71  71  LEU LEU AAA . n 
A 1 33  LYS 33  72  72  LYS LYS AAA . n 
A 1 34  THR 34  73  73  THR THR AAA . n 
A 1 35  LEU 35  74  74  LEU LEU AAA . n 
A 1 36  TRP 36  75  75  TRP TRP AAA . n 
A 1 37  LYS 37  76  76  LYS LYS AAA . n 
A 1 38  HIS 38  77  77  HIS HIS AAA . n 
A 1 39  GLN 39  78  78  GLN GLN AAA . n 
A 1 40  PHE 40  79  79  PHE PHE AAA . n 
A 1 41  ALA 41  80  80  ALA ALA AAA . n 
A 1 42  TRP 42  81  81  TRP TRP AAA . n 
A 1 43  PRO 43  82  82  PRO PRO AAA . n 
A 1 44  PHE 44  83  83  PHE PHE AAA . n 
A 1 45  GLN 45  84  84  GLN GLN AAA . n 
A 1 46  GLN 46  85  85  GLN GLN AAA . n 
A 1 47  PRO 47  86  86  PRO PRO AAA . n 
A 1 48  VAL 48  87  87  VAL VAL AAA . n 
A 1 49  ASP 49  88  88  ASP ASP AAA . n 
A 1 50  ALA 50  89  89  ALA ALA AAA . n 
A 1 51  VAL 51  90  90  VAL VAL AAA . n 
A 1 52  LYS 52  91  91  LYS LYS AAA . n 
A 1 53  LEU 53  92  92  LEU LEU AAA . n 
A 1 54  ASN 54  93  93  ASN ASN AAA . n 
A 1 55  LEU 55  94  94  LEU LEU AAA . n 
A 1 56  PRO 56  95  95  PRO PRO AAA . n 
A 1 57  ASP 57  96  96  ASP ASP AAA . n 
A 1 58  TYR 58  97  97  TYR TYR AAA . n 
A 1 59  TYR 59  98  98  TYR TYR AAA . n 
A 1 60  LYS 60  99  99  LYS LYS AAA . n 
A 1 61  ILE 61  100 100 ILE ILE AAA . n 
A 1 62  ILE 62  101 101 ILE ILE AAA . n 
A 1 63  LYS 63  102 102 LYS LYS AAA . n 
A 1 64  THR 64  103 103 THR THR AAA . n 
A 1 65  PRO 65  104 104 PRO PRO AAA . n 
A 1 66  MET 66  105 105 MET MET AAA . n 
A 1 67  ASP 67  106 106 ASP ASP AAA . n 
A 1 68  MET 68  107 107 MET MET AAA . n 
A 1 69  GLY 69  108 108 GLY GLY AAA . n 
A 1 70  THR 70  109 109 THR THR AAA . n 
A 1 71  ILE 71  110 110 ILE ILE AAA . n 
A 1 72  LYS 72  111 111 LYS LYS AAA . n 
A 1 73  LYS 73  112 112 LYS LYS AAA . n 
A 1 74  ARG 74  113 113 ARG ARG AAA . n 
A 1 75  LEU 75  114 114 LEU LEU AAA . n 
A 1 76  GLU 76  115 115 GLU GLU AAA . n 
A 1 77  ASN 77  116 116 ASN ASN AAA . n 
A 1 78  ASN 78  117 117 ASN ASN AAA . n 
A 1 79  TYR 79  118 118 TYR TYR AAA . n 
A 1 80  TYR 80  119 119 TYR TYR AAA . n 
A 1 81  TRP 81  120 120 TRP TRP AAA . n 
A 1 82  ASN 82  121 121 ASN ASN AAA . n 
A 1 83  ALA 83  122 122 ALA ALA AAA . n 
A 1 84  GLN 84  123 123 GLN GLN AAA . n 
A 1 85  GLU 85  124 124 GLU GLU AAA . n 
A 1 86  CYS 86  125 125 CYS CYS AAA . n 
A 1 87  ILE 87  126 126 ILE ILE AAA . n 
A 1 88  GLN 88  127 127 GLN GLN AAA . n 
A 1 89  ASP 89  128 128 ASP ASP AAA . n 
A 1 90  PHE 90  129 129 PHE PHE AAA . n 
A 1 91  ASN 91  130 130 ASN ASN AAA . n 
A 1 92  THR 92  131 131 THR THR AAA . n 
A 1 93  MET 93  132 132 MET MET AAA . n 
A 1 94  PHE 94  133 133 PHE PHE AAA . n 
A 1 95  THR 95  134 134 THR THR AAA . n 
A 1 96  ASN 96  135 135 ASN ASN AAA . n 
A 1 97  CYS 97  136 136 CYS CYS AAA . n 
A 1 98  TYR 98  137 137 TYR TYR AAA . n 
A 1 99  ILE 99  138 138 ILE ILE AAA . n 
A 1 100 TYR 100 139 139 TYR TYR AAA . n 
A 1 101 ASN 101 140 140 ASN ASN AAA . n 
A 1 102 LYS 102 141 141 LYS LYS AAA . n 
A 1 103 PRO 103 142 142 PRO PRO AAA . n 
A 1 104 GLY 104 143 143 GLY GLY AAA . n 
A 1 105 ASP 105 144 144 ASP ASP AAA . n 
A 1 106 ASP 106 145 145 ASP ASP AAA . n 
A 1 107 ILE 107 146 146 ILE ILE AAA . n 
A 1 108 VAL 108 147 147 VAL VAL AAA . n 
A 1 109 LEU 109 148 148 LEU LEU AAA . n 
A 1 110 MET 110 149 149 MET MET AAA . n 
A 1 111 ALA 111 150 150 ALA ALA AAA . n 
A 1 112 GLU 112 151 151 GLU GLU AAA . n 
A 1 113 ALA 113 152 152 ALA ALA AAA . n 
A 1 114 LEU 114 153 153 LEU LEU AAA . n 
A 1 115 GLU 115 154 154 GLU GLU AAA . n 
A 1 116 LYS 116 155 155 LYS LYS AAA . n 
A 1 117 LEU 117 156 156 LEU LEU AAA . n 
A 1 118 PHE 118 157 157 PHE PHE AAA . n 
A 1 119 LEU 119 158 158 LEU LEU AAA . n 
A 1 120 GLN 120 159 159 GLN GLN AAA . n 
A 1 121 LYS 121 160 160 LYS LYS AAA . n 
A 1 122 ILE 122 161 161 ILE ILE AAA . n 
A 1 123 ASN 123 162 162 ASN ASN AAA . n 
A 1 124 GLU 124 163 163 GLU GLU AAA . n 
A 1 125 LEU 125 164 164 LEU LEU AAA . n 
A 1 126 PRO 126 165 165 PRO PRO AAA . n 
A 1 127 THR 127 166 166 THR THR AAA . n 
A 1 128 GLU 128 167 167 GLU GLU AAA . n 
A 1 129 GLU 129 168 168 GLU GLU AAA . n 
# 
loop_
_pdbx_nonpoly_scheme.asym_id 
_pdbx_nonpoly_scheme.entity_id 
_pdbx_nonpoly_scheme.mon_id 
_pdbx_nonpoly_scheme.ndb_seq_num 
_pdbx_nonpoly_scheme.pdb_seq_num 
_pdbx_nonpoly_scheme.auth_seq_num 
_pdbx_nonpoly_scheme.pdb_mon_id 
_pdbx_nonpoly_scheme.auth_mon_id 
_pdbx_nonpoly_scheme.pdb_strand_id 
_pdbx_nonpoly_scheme.pdb_ins_code 
B 2 GOL 1   201 201 GOL GOL AAA . 
C 2 GOL 1   202 301 GOL GOL AAA . 
D 2 GOL 1   203 401 GOL GOL AAA . 
E 3 HEW 1   204 501 HEW DRG AAA . 
F 4 HOH 1   301 153 HOH HOH AAA . 
F 4 HOH 2   302 113 HOH HOH AAA . 
F 4 HOH 3   303 108 HOH HOH AAA . 
F 4 HOH 4   304 149 HOH HOH AAA . 
F 4 HOH 5   305 167 HOH HOH AAA . 
F 4 HOH 6   306 160 HOH HOH AAA . 
F 4 HOH 7   307 53  HOH HOH AAA . 
F 4 HOH 8   308 104 HOH HOH AAA . 
F 4 HOH 9   309 96  HOH HOH AAA . 
F 4 HOH 10  310 58  HOH HOH AAA . 
F 4 HOH 11  311 90  HOH HOH AAA . 
F 4 HOH 12  312 165 HOH HOH AAA . 
F 4 HOH 13  313 22  HOH HOH AAA . 
F 4 HOH 14  314 38  HOH HOH AAA . 
F 4 HOH 15  315 75  HOH HOH AAA . 
F 4 HOH 16  316 27  HOH HOH AAA . 
F 4 HOH 17  317 128 HOH HOH AAA . 
F 4 HOH 18  318 73  HOH HOH AAA . 
F 4 HOH 19  319 4   HOH HOH AAA . 
F 4 HOH 20  320 135 HOH HOH AAA . 
F 4 HOH 21  321 61  HOH HOH AAA . 
F 4 HOH 22  322 94  HOH HOH AAA . 
F 4 HOH 23  323 77  HOH HOH AAA . 
F 4 HOH 24  324 65  HOH HOH AAA . 
F 4 HOH 25  325 159 HOH HOH AAA . 
F 4 HOH 26  326 158 HOH HOH AAA . 
F 4 HOH 27  327 140 HOH HOH AAA . 
F 4 HOH 28  328 171 HOH HOH AAA . 
F 4 HOH 29  329 49  HOH HOH AAA . 
F 4 HOH 30  330 10  HOH HOH AAA . 
F 4 HOH 31  331 30  HOH HOH AAA . 
F 4 HOH 32  332 143 HOH HOH AAA . 
F 4 HOH 33  333 47  HOH HOH AAA . 
F 4 HOH 34  334 25  HOH HOH AAA . 
F 4 HOH 35  335 162 HOH HOH AAA . 
F 4 HOH 36  336 35  HOH HOH AAA . 
F 4 HOH 37  337 26  HOH HOH AAA . 
F 4 HOH 38  338 76  HOH HOH AAA . 
F 4 HOH 39  339 14  HOH HOH AAA . 
F 4 HOH 40  340 137 HOH HOH AAA . 
F 4 HOH 41  341 51  HOH HOH AAA . 
F 4 HOH 42  342 114 HOH HOH AAA . 
F 4 HOH 43  343 11  HOH HOH AAA . 
F 4 HOH 44  344 50  HOH HOH AAA . 
F 4 HOH 45  345 147 HOH HOH AAA . 
F 4 HOH 46  346 85  HOH HOH AAA . 
F 4 HOH 47  347 40  HOH HOH AAA . 
F 4 HOH 48  348 19  HOH HOH AAA . 
F 4 HOH 49  349 157 HOH HOH AAA . 
F 4 HOH 50  350 54  HOH HOH AAA . 
F 4 HOH 51  351 154 HOH HOH AAA . 
F 4 HOH 52  352 74  HOH HOH AAA . 
F 4 HOH 53  353 57  HOH HOH AAA . 
F 4 HOH 54  354 83  HOH HOH AAA . 
F 4 HOH 55  355 161 HOH HOH AAA . 
F 4 HOH 56  356 13  HOH HOH AAA . 
F 4 HOH 57  357 156 HOH HOH AAA . 
F 4 HOH 58  358 36  HOH HOH AAA . 
F 4 HOH 59  359 46  HOH HOH AAA . 
F 4 HOH 60  360 99  HOH HOH AAA . 
F 4 HOH 61  361 64  HOH HOH AAA . 
F 4 HOH 62  362 24  HOH HOH AAA . 
F 4 HOH 63  363 52  HOH HOH AAA . 
F 4 HOH 64  364 139 HOH HOH AAA . 
F 4 HOH 65  365 8   HOH HOH AAA . 
F 4 HOH 66  366 56  HOH HOH AAA . 
F 4 HOH 67  367 71  HOH HOH AAA . 
F 4 HOH 68  368 82  HOH HOH AAA . 
F 4 HOH 69  369 170 HOH HOH AAA . 
F 4 HOH 70  370 89  HOH HOH AAA . 
F 4 HOH 71  371 124 HOH HOH AAA . 
F 4 HOH 72  372 20  HOH HOH AAA . 
F 4 HOH 73  373 155 HOH HOH AAA . 
F 4 HOH 74  374 106 HOH HOH AAA . 
F 4 HOH 75  375 12  HOH HOH AAA . 
F 4 HOH 76  376 172 HOH HOH AAA . 
F 4 HOH 77  377 138 HOH HOH AAA . 
F 4 HOH 78  378 31  HOH HOH AAA . 
F 4 HOH 79  379 129 HOH HOH AAA . 
F 4 HOH 80  380 44  HOH HOH AAA . 
F 4 HOH 81  381 17  HOH HOH AAA . 
F 4 HOH 82  382 91  HOH HOH AAA . 
F 4 HOH 83  383 168 HOH HOH AAA . 
F 4 HOH 84  384 2   HOH HOH AAA . 
F 4 HOH 85  385 6   HOH HOH AAA . 
F 4 HOH 86  386 48  HOH HOH AAA . 
F 4 HOH 87  387 92  HOH HOH AAA . 
F 4 HOH 88  388 23  HOH HOH AAA . 
F 4 HOH 89  389 37  HOH HOH AAA . 
F 4 HOH 90  390 133 HOH HOH AAA . 
F 4 HOH 91  391 95  HOH HOH AAA . 
F 4 HOH 92  392 7   HOH HOH AAA . 
F 4 HOH 93  393 86  HOH HOH AAA . 
F 4 HOH 94  394 134 HOH HOH AAA . 
F 4 HOH 95  395 63  HOH HOH AAA . 
F 4 HOH 96  396 5   HOH HOH AAA . 
F 4 HOH 97  397 34  HOH HOH AAA . 
F 4 HOH 98  398 29  HOH HOH AAA . 
F 4 HOH 99  399 32  HOH HOH AAA . 
F 4 HOH 100 400 62  HOH HOH AAA . 
F 4 HOH 101 401 136 HOH HOH AAA . 
F 4 HOH 102 402 1   HOH HOH AAA . 
F 4 HOH 103 403 144 HOH HOH AAA . 
F 4 HOH 104 404 9   HOH HOH AAA . 
F 4 HOH 105 405 131 HOH HOH AAA . 
F 4 HOH 106 406 80  HOH HOH AAA . 
F 4 HOH 107 407 18  HOH HOH AAA . 
F 4 HOH 108 408 174 HOH HOH AAA . 
F 4 HOH 109 409 43  HOH HOH AAA . 
F 4 HOH 110 410 33  HOH HOH AAA . 
F 4 HOH 111 411 59  HOH HOH AAA . 
F 4 HOH 112 412 126 HOH HOH AAA . 
F 4 HOH 113 413 102 HOH HOH AAA . 
F 4 HOH 114 414 97  HOH HOH AAA . 
F 4 HOH 115 415 103 HOH HOH AAA . 
F 4 HOH 116 416 42  HOH HOH AAA . 
F 4 HOH 117 417 130 HOH HOH AAA . 
F 4 HOH 118 418 84  HOH HOH AAA . 
F 4 HOH 119 419 100 HOH HOH AAA . 
F 4 HOH 120 420 175 HOH HOH AAA . 
F 4 HOH 121 421 39  HOH HOH AAA . 
F 4 HOH 122 422 41  HOH HOH AAA . 
F 4 HOH 123 423 3   HOH HOH AAA . 
F 4 HOH 124 424 163 HOH HOH AAA . 
F 4 HOH 125 425 111 HOH HOH AAA . 
F 4 HOH 126 426 125 HOH HOH AAA . 
F 4 HOH 127 427 21  HOH HOH AAA . 
F 4 HOH 128 428 45  HOH HOH AAA . 
F 4 HOH 129 429 117 HOH HOH AAA . 
F 4 HOH 130 430 101 HOH HOH AAA . 
F 4 HOH 131 431 68  HOH HOH AAA . 
F 4 HOH 132 432 166 HOH HOH AAA . 
F 4 HOH 133 433 93  HOH HOH AAA . 
F 4 HOH 134 434 173 HOH HOH AAA . 
F 4 HOH 135 435 15  HOH HOH AAA . 
F 4 HOH 136 436 127 HOH HOH AAA . 
F 4 HOH 137 437 98  HOH HOH AAA . 
F 4 HOH 138 438 141 HOH HOH AAA . 
F 4 HOH 139 439 118 HOH HOH AAA . 
F 4 HOH 140 440 87  HOH HOH AAA . 
F 4 HOH 141 441 70  HOH HOH AAA . 
F 4 HOH 142 442 67  HOH HOH AAA . 
F 4 HOH 143 443 151 HOH HOH AAA . 
F 4 HOH 144 444 60  HOH HOH AAA . 
F 4 HOH 145 445 142 HOH HOH AAA . 
F 4 HOH 146 446 81  HOH HOH AAA . 
F 4 HOH 147 447 88  HOH HOH AAA . 
F 4 HOH 148 448 107 HOH HOH AAA . 
F 4 HOH 149 449 119 HOH HOH AAA . 
F 4 HOH 150 450 69  HOH HOH AAA . 
F 4 HOH 151 451 132 HOH HOH AAA . 
F 4 HOH 152 452 66  HOH HOH AAA . 
F 4 HOH 153 453 145 HOH HOH AAA . 
F 4 HOH 154 454 112 HOH HOH AAA . 
F 4 HOH 155 455 123 HOH HOH AAA . 
F 4 HOH 156 456 150 HOH HOH AAA . 
F 4 HOH 157 457 105 HOH HOH AAA . 
F 4 HOH 158 458 121 HOH HOH AAA . 
F 4 HOH 159 459 109 HOH HOH AAA . 
F 4 HOH 160 460 164 HOH HOH AAA . 
F 4 HOH 161 461 55  HOH HOH AAA . 
F 4 HOH 162 462 28  HOH HOH AAA . 
F 4 HOH 163 463 169 HOH HOH AAA . 
F 4 HOH 164 464 110 HOH HOH AAA . 
F 4 HOH 165 465 148 HOH HOH AAA . 
F 4 HOH 166 466 122 HOH HOH AAA . 
F 4 HOH 167 467 120 HOH HOH AAA . 
F 4 HOH 168 468 115 HOH HOH AAA . 
F 4 HOH 169 469 78  HOH HOH AAA . 
F 4 HOH 170 470 116 HOH HOH AAA . 
F 4 HOH 171 471 72  HOH HOH AAA . 
F 4 HOH 172 472 146 HOH HOH AAA . 
F 4 HOH 173 473 152 HOH HOH AAA . 
F 4 HOH 174 474 79  HOH HOH AAA . 
# 
loop_
_software.citation_id 
_software.classification 
_software.compiler_name 
_software.compiler_version 
_software.contact_author 
_software.contact_author_email 
_software.date 
_software.description 
_software.dependencies 
_software.hardware 
_software.language 
_software.location 
_software.mods 
_software.name 
_software.os 
_software.os_version 
_software.type 
_software.version 
_software.pdbx_ordinal 
? refinement       ? ? ? ? ? ? ? ? ? ? ? REFMAC  ? ? ? 5.8.0258 1 
? refinement       ? ? ? ? ? ? ? ? ? ? ? REFMAC  ? ? ? 5.8.0258 2 
? 'data scaling'   ? ? ? ? ? ? ? ? ? ? ? Aimless ? ? ? 0.7.4    3 
? 'data reduction' ? ? ? ? ? ? ? ? ? ? ? xia2    ? ? ? .        4 
? phasing          ? ? ? ? ? ? ? ? ? ? ? PHASER  ? ? ? .        5 
# 
_cell.angle_alpha                  90.000 
_cell.angle_alpha_esd              ? 
_cell.angle_beta                   90.000 
_cell.angle_beta_esd               ? 
_cell.angle_gamma                  90.000 
_cell.angle_gamma_esd              ? 
_cell.entry_id                     7ZA6 
_cell.details                      ? 
_cell.formula_units_Z              ? 
_cell.length_a                     37.919 
_cell.length_a_esd                 ? 
_cell.length_b                     43.119 
_cell.length_b_esd                 ? 
_cell.length_c                     79.236 
_cell.length_c_esd                 ? 
_cell.volume                       ? 
_cell.volume_esd                   ? 
_cell.Z_PDB                        4 
_cell.reciprocal_angle_alpha       ? 
_cell.reciprocal_angle_beta        ? 
_cell.reciprocal_angle_gamma       ? 
_cell.reciprocal_angle_alpha_esd   ? 
_cell.reciprocal_angle_beta_esd    ? 
_cell.reciprocal_angle_gamma_esd   ? 
_cell.reciprocal_length_a          ? 
_cell.reciprocal_length_b          ? 
_cell.reciprocal_length_c          ? 
_cell.reciprocal_length_a_esd      ? 
_cell.reciprocal_length_b_esd      ? 
_cell.reciprocal_length_c_esd      ? 
_cell.pdbx_unique_axis             ? 
# 
_symmetry.entry_id                         7ZA6 
_symmetry.cell_setting                     ? 
_symmetry.Int_Tables_number                19 
_symmetry.space_group_name_Hall            ? 
_symmetry.space_group_name_H-M             'P 21 21 21' 
_symmetry.pdbx_full_space_group_name_H-M   ? 
# 
_exptl.absorpt_coefficient_mu     ? 
_exptl.absorpt_correction_T_max   ? 
_exptl.absorpt_correction_T_min   ? 
_exptl.absorpt_correction_type    ? 
_exptl.absorpt_process_details    ? 
_exptl.entry_id                   7ZA6 
_exptl.crystals_number            1 
_exptl.details                    ? 
_exptl.method                     'X-RAY DIFFRACTION' 
_exptl.method_details             ? 
# 
_exptl_crystal.colour                      ? 
_exptl_crystal.density_diffrn              ? 
_exptl_crystal.density_Matthews            2.12 
_exptl_crystal.density_method              ? 
_exptl_crystal.density_percent_sol         41.92 
_exptl_crystal.description                 ? 
_exptl_crystal.F_000                       ? 
_exptl_crystal.id                          1 
_exptl_crystal.preparation                 ? 
_exptl_crystal.size_max                    ? 
_exptl_crystal.size_mid                    ? 
_exptl_crystal.size_min                    ? 
_exptl_crystal.size_rad                    ? 
_exptl_crystal.colour_lustre               ? 
_exptl_crystal.colour_modifier             ? 
_exptl_crystal.colour_primary              ? 
_exptl_crystal.density_meas                ? 
_exptl_crystal.density_meas_esd            ? 
_exptl_crystal.density_meas_gt             ? 
_exptl_crystal.density_meas_lt             ? 
_exptl_crystal.density_meas_temp           ? 
_exptl_crystal.density_meas_temp_esd       ? 
_exptl_crystal.density_meas_temp_gt        ? 
_exptl_crystal.density_meas_temp_lt        ? 
_exptl_crystal.pdbx_crystal_image_url      ? 
_exptl_crystal.pdbx_crystal_image_format   ? 
_exptl_crystal.pdbx_mosaicity              ? 
_exptl_crystal.pdbx_mosaicity_esd          ? 
# 
_exptl_crystal_grow.apparatus       ? 
_exptl_crystal_grow.atmosphere      ? 
_exptl_crystal_grow.crystal_id      1 
_exptl_crystal_grow.details         ? 
_exptl_crystal_grow.method          'VAPOR DIFFUSION, SITTING DROP' 
_exptl_crystal_grow.method_ref      ? 
_exptl_crystal_grow.pH              8.5 
_exptl_crystal_grow.pressure        ? 
_exptl_crystal_grow.pressure_esd    ? 
_exptl_crystal_grow.seeding         ? 
_exptl_crystal_grow.seeding_ref     ? 
_exptl_crystal_grow.temp            293 
_exptl_crystal_grow.temp_details    ? 
_exptl_crystal_grow.temp_esd        ? 
_exptl_crystal_grow.time            ? 
_exptl_crystal_grow.pdbx_details    
;0.1 M Buffer system 3 (1 M Tris, 1 M BICINE, pH 8.5), 34-44% Precipitant Solution 3 (20% PEG 4000, 40%) and 60-80 mM Halogens Mix (NaF, NaBr and NaI) solution
;
_exptl_crystal_grow.pdbx_pH_range   ? 
# 
_diffrn.ambient_environment              ? 
_diffrn.ambient_temp                     100 
_diffrn.ambient_temp_details             ? 
_diffrn.ambient_temp_esd                 ? 
_diffrn.crystal_id                       1 
_diffrn.crystal_support                  ? 
_diffrn.crystal_treatment                ? 
_diffrn.details                          ? 
_diffrn.id                               1 
_diffrn.ambient_pressure                 ? 
_diffrn.ambient_pressure_esd             ? 
_diffrn.ambient_pressure_gt              ? 
_diffrn.ambient_pressure_lt              ? 
_diffrn.ambient_temp_gt                  ? 
_diffrn.ambient_temp_lt                  ? 
_diffrn.pdbx_serial_crystal_experiment   N 
# 
_diffrn_detector.details                      ? 
_diffrn_detector.detector                     PIXEL 
_diffrn_detector.diffrn_id                    1 
_diffrn_detector.type                         'DECTRIS PILATUS 6M' 
_diffrn_detector.area_resol_mean              ? 
_diffrn_detector.dtime                        ? 
_diffrn_detector.pdbx_frames_total            ? 
_diffrn_detector.pdbx_collection_time_total   ? 
_diffrn_detector.pdbx_collection_date         2019-11-23 
_diffrn_detector.pdbx_frequency               ? 
# 
_diffrn_radiation.collimation                      ? 
_diffrn_radiation.diffrn_id                        1 
_diffrn_radiation.filter_edge                      ? 
_diffrn_radiation.inhomogeneity                    ? 
_diffrn_radiation.monochromator                    ? 
_diffrn_radiation.polarisn_norm                    ? 
_diffrn_radiation.polarisn_ratio                   ? 
_diffrn_radiation.probe                            ? 
_diffrn_radiation.type                             ? 
_diffrn_radiation.xray_symbol                      ? 
_diffrn_radiation.wavelength_id                    1 
_diffrn_radiation.pdbx_monochromatic_or_laue_m_l   M 
_diffrn_radiation.pdbx_wavelength_list             ? 
_diffrn_radiation.pdbx_wavelength                  ? 
_diffrn_radiation.pdbx_diffrn_protocol             'SINGLE WAVELENGTH' 
_diffrn_radiation.pdbx_analyzer                    ? 
_diffrn_radiation.pdbx_scattering_type             x-ray 
# 
_diffrn_radiation_wavelength.id           1 
_diffrn_radiation_wavelength.wavelength   0.91167 
_diffrn_radiation_wavelength.wt           1.0 
# 
_diffrn_source.current                     ? 
_diffrn_source.details                     ? 
_diffrn_source.diffrn_id                   1 
_diffrn_source.power                       ? 
_diffrn_source.size                        ? 
_diffrn_source.source                      SYNCHROTRON 
_diffrn_source.target                      ? 
_diffrn_source.type                        'DIAMOND BEAMLINE I04-1' 
_diffrn_source.voltage                     ? 
_diffrn_source.take-off_angle              ? 
_diffrn_source.pdbx_wavelength_list        0.91167 
_diffrn_source.pdbx_wavelength             ? 
_diffrn_source.pdbx_synchrotron_beamline   I04-1 
_diffrn_source.pdbx_synchrotron_site       Diamond 
# 
_reflns.B_iso_Wilson_estimate                          ? 
_reflns.entry_id                                       7ZA6 
_reflns.data_reduction_details                         ? 
_reflns.data_reduction_method                          ? 
_reflns.d_resolution_high                              1.12 
_reflns.d_resolution_low                               39.62 
_reflns.details                                        ? 
_reflns.limit_h_max                                    ? 
_reflns.limit_h_min                                    ? 
_reflns.limit_k_max                                    ? 
_reflns.limit_k_min                                    ? 
_reflns.limit_l_max                                    ? 
_reflns.limit_l_min                                    ? 
_reflns.number_all                                     ? 
_reflns.number_obs                                     50845 
_reflns.observed_criterion                             ? 
_reflns.observed_criterion_F_max                       ? 
_reflns.observed_criterion_F_min                       ? 
_reflns.observed_criterion_I_max                       ? 
_reflns.observed_criterion_I_min                       ? 
_reflns.observed_criterion_sigma_F                     ? 
_reflns.observed_criterion_sigma_I                     ? 
_reflns.percent_possible_obs                           100.0 
_reflns.R_free_details                                 ? 
_reflns.Rmerge_F_all                                   ? 
_reflns.Rmerge_F_obs                                   ? 
_reflns.Friedel_coverage                               ? 
_reflns.number_gt                                      ? 
_reflns.threshold_expression                           ? 
_reflns.pdbx_redundancy                                12.1 
_reflns.pdbx_Rmerge_I_obs                              0.103 
_reflns.pdbx_Rmerge_I_all                              ? 
_reflns.pdbx_Rsym_value                                ? 
_reflns.pdbx_netI_over_av_sigmaI                       ? 
_reflns.pdbx_netI_over_sigmaI                          12.1 
_reflns.pdbx_res_netI_over_av_sigmaI_2                 ? 
_reflns.pdbx_res_netI_over_sigmaI_2                    ? 
_reflns.pdbx_chi_squared                               ? 
_reflns.pdbx_scaling_rejects                           ? 
_reflns.pdbx_d_res_high_opt                            ? 
_reflns.pdbx_d_res_low_opt                             ? 
_reflns.pdbx_d_res_opt_method                          ? 
_reflns.phase_calculation_details                      ? 
_reflns.pdbx_Rrim_I_all                                0.112 
_reflns.pdbx_Rpim_I_all                                0.044 
_reflns.pdbx_d_opt                                     ? 
_reflns.pdbx_number_measured_all                       ? 
_reflns.pdbx_diffrn_id                                 1 
_reflns.pdbx_ordinal                                   1 
_reflns.pdbx_CC_half                                   0.999 
_reflns.pdbx_CC_star                                   ? 
_reflns.pdbx_R_split                                   ? 
_reflns.pdbx_aniso_diffraction_limit_axis_1_ortho[1]   ? 
_reflns.pdbx_aniso_diffraction_limit_axis_1_ortho[2]   ? 
_reflns.pdbx_aniso_diffraction_limit_axis_1_ortho[3]   ? 
_reflns.pdbx_aniso_diffraction_limit_axis_2_ortho[1]   ? 
_reflns.pdbx_aniso_diffraction_limit_axis_2_ortho[2]   ? 
_reflns.pdbx_aniso_diffraction_limit_axis_2_ortho[3]   ? 
_reflns.pdbx_aniso_diffraction_limit_axis_3_ortho[1]   ? 
_reflns.pdbx_aniso_diffraction_limit_axis_3_ortho[2]   ? 
_reflns.pdbx_aniso_diffraction_limit_axis_3_ortho[3]   ? 
_reflns.pdbx_aniso_diffraction_limit_1                 ? 
_reflns.pdbx_aniso_diffraction_limit_2                 ? 
_reflns.pdbx_aniso_diffraction_limit_3                 ? 
_reflns.pdbx_aniso_B_tensor_eigenvector_1_ortho[1]     ? 
_reflns.pdbx_aniso_B_tensor_eigenvector_1_ortho[2]     ? 
_reflns.pdbx_aniso_B_tensor_eigenvector_1_ortho[3]     ? 
_reflns.pdbx_aniso_B_tensor_eigenvector_2_ortho[1]     ? 
_reflns.pdbx_aniso_B_tensor_eigenvector_2_ortho[2]     ? 
_reflns.pdbx_aniso_B_tensor_eigenvector_2_ortho[3]     ? 
_reflns.pdbx_aniso_B_tensor_eigenvector_3_ortho[1]     ? 
_reflns.pdbx_aniso_B_tensor_eigenvector_3_ortho[2]     ? 
_reflns.pdbx_aniso_B_tensor_eigenvector_3_ortho[3]     ? 
_reflns.pdbx_aniso_B_tensor_eigenvalue_1               ? 
_reflns.pdbx_aniso_B_tensor_eigenvalue_2               ? 
_reflns.pdbx_aniso_B_tensor_eigenvalue_3               ? 
_reflns.pdbx_orthogonalization_convention              ? 
_reflns.pdbx_percent_possible_ellipsoidal              ? 
_reflns.pdbx_percent_possible_spherical                ? 
_reflns.pdbx_percent_possible_ellipsoidal_anomalous    ? 
_reflns.pdbx_percent_possible_spherical_anomalous      ? 
_reflns.pdbx_redundancy_anomalous                      ? 
_reflns.pdbx_CC_half_anomalous                         ? 
_reflns.pdbx_absDiff_over_sigma_anomalous              ? 
_reflns.pdbx_percent_possible_anomalous                ? 
_reflns.pdbx_observed_signal_threshold                 ? 
_reflns.pdbx_signal_type                               ? 
_reflns.pdbx_signal_details                            ? 
_reflns.pdbx_signal_software_id                        ? 
# 
loop_
_reflns_shell.d_res_high 
_reflns_shell.d_res_low 
_reflns_shell.meanI_over_sigI_all 
_reflns_shell.meanI_over_sigI_obs 
_reflns_shell.number_measured_all 
_reflns_shell.number_measured_obs 
_reflns_shell.number_possible 
_reflns_shell.number_unique_all 
_reflns_shell.number_unique_obs 
_reflns_shell.percent_possible_all 
_reflns_shell.percent_possible_obs 
_reflns_shell.Rmerge_F_all 
_reflns_shell.Rmerge_F_obs 
_reflns_shell.Rmerge_I_all 
_reflns_shell.Rmerge_I_obs 
_reflns_shell.meanI_over_sigI_gt 
_reflns_shell.meanI_over_uI_all 
_reflns_shell.meanI_over_uI_gt 
_reflns_shell.number_measured_gt 
_reflns_shell.number_unique_gt 
_reflns_shell.percent_possible_gt 
_reflns_shell.Rmerge_F_gt 
_reflns_shell.Rmerge_I_gt 
_reflns_shell.pdbx_redundancy 
_reflns_shell.pdbx_Rsym_value 
_reflns_shell.pdbx_chi_squared 
_reflns_shell.pdbx_netI_over_sigmaI_all 
_reflns_shell.pdbx_netI_over_sigmaI_obs 
_reflns_shell.pdbx_Rrim_I_all 
_reflns_shell.pdbx_Rpim_I_all 
_reflns_shell.pdbx_rejects 
_reflns_shell.pdbx_ordinal 
_reflns_shell.pdbx_diffrn_id 
_reflns_shell.pdbx_CC_half 
_reflns_shell.pdbx_CC_star 
_reflns_shell.pdbx_R_split 
_reflns_shell.pdbx_percent_possible_ellipsoidal 
_reflns_shell.pdbx_percent_possible_spherical 
_reflns_shell.pdbx_percent_possible_ellipsoidal_anomalous 
_reflns_shell.pdbx_percent_possible_spherical_anomalous 
_reflns_shell.pdbx_redundancy_anomalous 
_reflns_shell.pdbx_CC_half_anomalous 
_reflns_shell.pdbx_absDiff_over_sigma_anomalous 
_reflns_shell.pdbx_percent_possible_anomalous 
6.03 39.62 ? ? ? ? ? ? 401  ? ? ? ? ? 0.062 ? ? ? ? ? ? ? ? 11.1 ? ? ? ? 0.067 0.025 ? 1 1 0.998 ? ? ? ? ? ? ? ? ? ? 
1.12 1.14  ? ? ? ? ? ? 2563 ? ? ? ? ? 2.612 ? ? ? ? ? ? ? ? 10.5 ? ? ? ? 2.893 1.217 ? 2 1 0.403 ? ? ? ? ? ? ? ? ? ? 
# 
_refine.aniso_B[1][1]                            0.491 
_refine.aniso_B[1][2]                            0.000 
_refine.aniso_B[1][3]                            -0.000 
_refine.aniso_B[2][2]                            -0.306 
_refine.aniso_B[2][3]                            0.000 
_refine.aniso_B[3][3]                            -0.185 
_refine.B_iso_max                                ? 
_refine.B_iso_mean                               15.541 
_refine.B_iso_min                                ? 
_refine.correlation_coeff_Fo_to_Fc               0.965 
_refine.correlation_coeff_Fo_to_Fc_free          0.952 
_refine.details                                  'Hydrogens have been added in their riding positions' 
_refine.diff_density_max                         ? 
_refine.diff_density_max_esd                     ? 
_refine.diff_density_min                         ? 
_refine.diff_density_min_esd                     ? 
_refine.diff_density_rms                         ? 
_refine.diff_density_rms_esd                     ? 
_refine.entry_id                                 7ZA6 
_refine.pdbx_refine_id                           'X-RAY DIFFRACTION' 
_refine.ls_abs_structure_details                 ? 
_refine.ls_abs_structure_Flack                   ? 
_refine.ls_abs_structure_Flack_esd               ? 
_refine.ls_abs_structure_Rogers                  ? 
_refine.ls_abs_structure_Rogers_esd              ? 
_refine.ls_d_res_high                            1.120 
_refine.ls_d_res_low                             39.62 
_refine.ls_extinction_coef                       ? 
_refine.ls_extinction_coef_esd                   ? 
_refine.ls_extinction_expression                 ? 
_refine.ls_extinction_method                     ? 
_refine.ls_goodness_of_fit_all                   ? 
_refine.ls_goodness_of_fit_all_esd               ? 
_refine.ls_goodness_of_fit_obs                   ? 
_refine.ls_goodness_of_fit_obs_esd               ? 
_refine.ls_hydrogen_treatment                    ? 
_refine.ls_matrix_type                           ? 
_refine.ls_number_constraints                    ? 
_refine.ls_number_parameters                     ? 
_refine.ls_number_reflns_all                     ? 
_refine.ls_number_reflns_obs                     50776 
_refine.ls_number_reflns_R_free                  2537 
_refine.ls_number_reflns_R_work                  48239 
_refine.ls_number_restraints                     ? 
_refine.ls_percent_reflns_obs                    99.970 
_refine.ls_percent_reflns_R_free                 4.996 
_refine.ls_R_factor_all                          0.198 
_refine.ls_R_factor_obs                          ? 
_refine.ls_R_factor_R_free                       0.2212 
_refine.ls_R_factor_R_free_error                 ? 
_refine.ls_R_factor_R_free_error_details         ? 
_refine.ls_R_factor_R_work                       0.1963 
_refine.ls_R_Fsqd_factor_obs                     ? 
_refine.ls_R_I_factor_obs                        ? 
_refine.ls_redundancy_reflns_all                 ? 
_refine.ls_redundancy_reflns_obs                 ? 
_refine.ls_restrained_S_all                      ? 
_refine.ls_restrained_S_obs                      ? 
_refine.ls_shift_over_esd_max                    ? 
_refine.ls_shift_over_esd_mean                   ? 
_refine.ls_structure_factor_coef                 ? 
_refine.ls_weighting_details                     ? 
_refine.ls_weighting_scheme                      ? 
_refine.ls_wR_factor_all                         ? 
_refine.ls_wR_factor_obs                         ? 
_refine.ls_wR_factor_R_free                      ? 
_refine.ls_wR_factor_R_work                      ? 
_refine.occupancy_max                            ? 
_refine.occupancy_min                            ? 
_refine.solvent_model_details                    'MASK BULK SOLVENT' 
_refine.solvent_model_param_bsol                 ? 
_refine.solvent_model_param_ksol                 ? 
_refine.pdbx_R_complete                          ? 
_refine.ls_R_factor_gt                           ? 
_refine.ls_goodness_of_fit_gt                    ? 
_refine.ls_goodness_of_fit_ref                   ? 
_refine.ls_shift_over_su_max                     ? 
_refine.ls_shift_over_su_max_lt                  ? 
_refine.ls_shift_over_su_mean                    ? 
_refine.ls_shift_over_su_mean_lt                 ? 
_refine.pdbx_ls_sigma_I                          ? 
_refine.pdbx_ls_sigma_F                          ? 
_refine.pdbx_ls_sigma_Fsqd                       ? 
_refine.pdbx_data_cutoff_high_absF               ? 
_refine.pdbx_data_cutoff_high_rms_absF           ? 
_refine.pdbx_data_cutoff_low_absF                ? 
_refine.pdbx_isotropic_thermal_model             ? 
_refine.pdbx_ls_cross_valid_method               'FREE R-VALUE' 
_refine.pdbx_method_to_determine_struct          'MOLECULAR REPLACEMENT' 
_refine.pdbx_starting_model                      5LRQ 
_refine.pdbx_stereochemistry_target_values       ? 
_refine.pdbx_R_Free_selection_details            ? 
_refine.pdbx_stereochem_target_val_spec_case     ? 
_refine.pdbx_overall_ESU_R                       0.039 
_refine.pdbx_overall_ESU_R_Free                  0.041 
_refine.pdbx_solvent_vdw_probe_radii             1.200 
_refine.pdbx_solvent_ion_probe_radii             0.800 
_refine.pdbx_solvent_shrinkage_radii             0.800 
_refine.pdbx_real_space_R                        ? 
_refine.pdbx_density_correlation                 ? 
_refine.pdbx_pd_number_of_powder_patterns        ? 
_refine.pdbx_pd_number_of_points                 ? 
_refine.pdbx_pd_meas_number_of_points            ? 
_refine.pdbx_pd_proc_ls_prof_R_factor            ? 
_refine.pdbx_pd_proc_ls_prof_wR_factor           ? 
_refine.pdbx_pd_Marquardt_correlation_coeff      ? 
_refine.pdbx_pd_Fsqrd_R_factor                   ? 
_refine.pdbx_pd_ls_matrix_band_width             ? 
_refine.pdbx_overall_phase_error                 ? 
_refine.pdbx_overall_SU_R_free_Cruickshank_DPI   ? 
_refine.pdbx_overall_SU_R_free_Blow_DPI          ? 
_refine.pdbx_overall_SU_R_Blow_DPI               ? 
_refine.pdbx_TLS_residual_ADP_flag               ? 
_refine.pdbx_diffrn_id                           1 
_refine.overall_SU_B                             0.676 
_refine.overall_SU_ML                            0.031 
_refine.overall_SU_R_Cruickshank_DPI             ? 
_refine.overall_SU_R_free                        ? 
_refine.overall_FOM_free_R_set                   ? 
_refine.overall_FOM_work_R_set                   ? 
_refine.pdbx_average_fsc_overall                 ? 
_refine.pdbx_average_fsc_work                    ? 
_refine.pdbx_average_fsc_free                    ? 
# 
_refine_hist.pdbx_refine_id                   'X-RAY DIFFRACTION' 
_refine_hist.cycle_id                         LAST 
_refine_hist.details                          ? 
_refine_hist.d_res_high                       1.120 
_refine_hist.d_res_low                        39.62 
_refine_hist.number_atoms_solvent             174 
_refine_hist.number_atoms_total               1276 
_refine_hist.number_reflns_all                ? 
_refine_hist.number_reflns_obs                ? 
_refine_hist.number_reflns_R_free             ? 
_refine_hist.number_reflns_R_work             ? 
_refine_hist.R_factor_all                     ? 
_refine_hist.R_factor_obs                     ? 
_refine_hist.R_factor_R_free                  ? 
_refine_hist.R_factor_R_work                  ? 
_refine_hist.pdbx_number_residues_total       ? 
_refine_hist.pdbx_B_iso_mean_ligand           ? 
_refine_hist.pdbx_B_iso_mean_solvent          ? 
_refine_hist.pdbx_number_atoms_protein        1076 
_refine_hist.pdbx_number_atoms_nucleic_acid   0 
_refine_hist.pdbx_number_atoms_ligand         26 
_refine_hist.pdbx_number_atoms_lipid          ? 
_refine_hist.pdbx_number_atoms_carb           ? 
_refine_hist.pdbx_pseudo_atom_details         ? 
# 
loop_
_refine_ls_restr.pdbx_refine_id 
_refine_ls_restr.criterion 
_refine_ls_restr.dev_ideal 
_refine_ls_restr.dev_ideal_target 
_refine_ls_restr.number 
_refine_ls_restr.rejects 
_refine_ls_restr.type 
_refine_ls_restr.weight 
_refine_ls_restr.pdbx_restraint_function 
'X-RAY DIFFRACTION' ? 0.011  0.012  1144 ? r_bond_refined_d               ? ? 
'X-RAY DIFFRACTION' ? 1.814  1.654  1554 ? r_angle_refined_deg            ? ? 
'X-RAY DIFFRACTION' ? 5.825  5.000  132  ? r_dihedral_angle_1_deg         ? ? 
'X-RAY DIFFRACTION' ? 37.203 25.000 58   ? r_dihedral_angle_2_deg         ? ? 
'X-RAY DIFFRACTION' ? 11.653 15.000 201  ? r_dihedral_angle_3_deg         ? ? 
'X-RAY DIFFRACTION' ? 32.232 15.000 3    ? r_dihedral_angle_4_deg         ? ? 
'X-RAY DIFFRACTION' ? 0.102  0.200  145  ? r_chiral_restr                 ? ? 
'X-RAY DIFFRACTION' ? 0.012  0.020  879  ? r_gen_planes_refined           ? ? 
'X-RAY DIFFRACTION' ? 0.246  0.200  575  ? r_nbd_refined                  ? ? 
'X-RAY DIFFRACTION' ? 0.325  0.200  784  ? r_nbtor_refined                ? ? 
'X-RAY DIFFRACTION' ? 0.262  0.200  117  ? r_xyhbond_nbd_refined          ? ? 
'X-RAY DIFFRACTION' ? 0.261  0.200  48   ? r_symmetry_nbd_refined         ? ? 
'X-RAY DIFFRACTION' ? 0.224  0.200  26   ? r_symmetry_xyhbond_nbd_refined ? ? 
'X-RAY DIFFRACTION' ? 1.257  1.156  522  ? r_mcbond_it                    ? ? 
'X-RAY DIFFRACTION' ? 1.844  1.732  653  ? r_mcangle_it                   ? ? 
'X-RAY DIFFRACTION' ? 2.582  1.442  622  ? r_scbond_it                    ? ? 
'X-RAY DIFFRACTION' ? 3.649  2.065  900  ? r_scangle_it                   ? ? 
'X-RAY DIFFRACTION' ? 5.611  18.194 1871 ? r_lrange_it                    ? ? 
# 
loop_
_refine_ls_shell.pdbx_refine_id 
_refine_ls_shell.d_res_high 
_refine_ls_shell.d_res_low 
_refine_ls_shell.number_reflns_all 
_refine_ls_shell.number_reflns_obs 
_refine_ls_shell.number_reflns_R_free 
_refine_ls_shell.number_reflns_R_work 
_refine_ls_shell.percent_reflns_obs 
_refine_ls_shell.percent_reflns_R_free 
_refine_ls_shell.R_factor_all 
_refine_ls_shell.R_factor_obs 
_refine_ls_shell.R_factor_R_free 
_refine_ls_shell.R_factor_R_free_error 
_refine_ls_shell.R_factor_R_work 
_refine_ls_shell.redundancy_reflns_all 
_refine_ls_shell.redundancy_reflns_obs 
_refine_ls_shell.wR_factor_all 
_refine_ls_shell.wR_factor_obs 
_refine_ls_shell.wR_factor_R_free 
_refine_ls_shell.wR_factor_R_work 
_refine_ls_shell.pdbx_R_complete 
_refine_ls_shell.pdbx_total_number_of_bins_used 
_refine_ls_shell.pdbx_phase_error 
_refine_ls_shell.pdbx_fsc_work 
_refine_ls_shell.pdbx_fsc_free 
'X-RAY DIFFRACTION' 1.120 1.149 . . 170 3565 99.8930  . . . 0.335 . 0.305 . . . . . . . . . . . 
'X-RAY DIFFRACTION' 1.149 1.181 . . 171 3405 100.0000 . . . 0.304 . 0.287 . . . . . . . . . . . 
'X-RAY DIFFRACTION' 1.181 1.215 . . 196 3306 100.0000 . . . 0.273 . 0.277 . . . . . . . . . . . 
'X-RAY DIFFRACTION' 1.215 1.252 . . 171 3263 100.0000 . . . 0.302 . 0.252 . . . . . . . . . . . 
'X-RAY DIFFRACTION' 1.252 1.293 . . 167 3132 100.0000 . . . 0.230 . 0.238 . . . . . . . . . . . 
'X-RAY DIFFRACTION' 1.293 1.339 . . 161 3054 100.0000 . . . 0.226 . 0.210 . . . . . . . . . . . 
'X-RAY DIFFRACTION' 1.339 1.389 . . 159 2938 100.0000 . . . 0.230 . 0.202 . . . . . . . . . . . 
'X-RAY DIFFRACTION' 1.389 1.446 . . 149 2839 100.0000 . . . 0.202 . 0.188 . . . . . . . . . . . 
'X-RAY DIFFRACTION' 1.446 1.510 . . 146 2722 100.0000 . . . 0.222 . 0.178 . . . . . . . . . . . 
'X-RAY DIFFRACTION' 1.510 1.584 . . 144 2615 100.0000 . . . 0.188 . 0.161 . . . . . . . . . . . 
'X-RAY DIFFRACTION' 1.584 1.669 . . 134 2466 100.0000 . . . 0.200 . 0.170 . . . . . . . . . . . 
'X-RAY DIFFRACTION' 1.669 1.771 . . 128 2358 100.0000 . . . 0.196 . 0.174 . . . . . . . . . . . 
'X-RAY DIFFRACTION' 1.771 1.893 . . 131 2217 100.0000 . . . 0.158 . 0.171 . . . . . . . . . . . 
'X-RAY DIFFRACTION' 1.893 2.044 . . 103 2096 100.0000 . . . 0.217 . 0.193 . . . . . . . . . . . 
'X-RAY DIFFRACTION' 2.044 2.239 . . 94  1929 99.9506  . . . 0.206 . 0.189 . . . . . . . . . . . 
'X-RAY DIFFRACTION' 2.239 2.503 . . 81  1767 100.0000 . . . 0.196 . 0.189 . . . . . . . . . . . 
'X-RAY DIFFRACTION' 2.503 2.890 . . 79  1546 100.0000 . . . 0.224 . 0.193 . . . . . . . . . . . 
'X-RAY DIFFRACTION' 2.890 3.539 . . 65  1334 100.0000 . . . 0.215 . 0.184 . . . . . . . . . . . 
'X-RAY DIFFRACTION' 3.539 4.999 . . 47  1066 100.0000 . . . 0.208 . 0.163 . . . . . . . . . . . 
'X-RAY DIFFRACTION' 4.999 39.62 . . 41  621  100.0000 . . . 0.330 . 0.259 . . . . . . . . . . . 
# 
_struct.entry_id                     7ZA6 
_struct.title                        'BRD4 in complex with FragLite4' 
_struct.pdbx_model_details           ? 
_struct.pdbx_formula_weight          ? 
_struct.pdbx_formula_weight_method   ? 
_struct.pdbx_model_type_details      ? 
_struct.pdbx_CASP_flag               N 
# 
_struct_keywords.entry_id        7ZA6 
_struct_keywords.text            'BRD4, INHIBITOR, FRAGMENT, BROMODOMAIN, FRAGLITE, TRANSCRIPTION' 
_struct_keywords.pdbx_keywords   TRANSCRIPTION 
# 
loop_
_struct_asym.id 
_struct_asym.pdbx_blank_PDB_chainid_flag 
_struct_asym.pdbx_modified 
_struct_asym.entity_id 
_struct_asym.details 
A N N 1 ? 
B N N 2 ? 
C N N 2 ? 
D N N 2 ? 
E N N 3 ? 
F N N 4 ? 
# 
_struct_ref.id                         1 
_struct_ref.db_name                    UNP 
_struct_ref.db_code                    BRD4-2_HUMAN 
_struct_ref.pdbx_db_accession          O60885-2 
_struct_ref.pdbx_db_isoform            ? 
_struct_ref.entity_id                  1 
_struct_ref.pdbx_seq_one_letter_code   
;NPPPPETSNPNKPKRQTNQLQYLLRVVLKTLWKHQFAWPFQQPVDAVKLNLPDYYKIIKTPMDMGTIKKRLENNYYWNAQ
ECIQDFNTMFTNCYIYNKPGDDIVLMAEALEKLFLQKINELPTEE
;
_struct_ref.pdbx_align_begin           44 
# 
_struct_ref_seq.align_id                      1 
_struct_ref_seq.ref_id                        1 
_struct_ref_seq.pdbx_PDB_id_code              7ZA6 
_struct_ref_seq.pdbx_strand_id                AAA 
_struct_ref_seq.seq_align_beg                 5 
_struct_ref_seq.pdbx_seq_align_beg_ins_code   ? 
_struct_ref_seq.seq_align_end                 129 
_struct_ref_seq.pdbx_seq_align_end_ins_code   ? 
_struct_ref_seq.pdbx_db_accession             O60885-2 
_struct_ref_seq.db_align_beg                  44 
_struct_ref_seq.pdbx_db_align_beg_ins_code    ? 
_struct_ref_seq.db_align_end                  168 
_struct_ref_seq.pdbx_db_align_end_ins_code    ? 
_struct_ref_seq.pdbx_auth_seq_align_beg       44 
_struct_ref_seq.pdbx_auth_seq_align_end       168 
# 
loop_
_struct_ref_seq_dif.align_id 
_struct_ref_seq_dif.pdbx_pdb_id_code 
_struct_ref_seq_dif.mon_id 
_struct_ref_seq_dif.pdbx_pdb_strand_id 
_struct_ref_seq_dif.seq_num 
_struct_ref_seq_dif.pdbx_pdb_ins_code 
_struct_ref_seq_dif.pdbx_seq_db_name 
_struct_ref_seq_dif.pdbx_seq_db_accession_code 
_struct_ref_seq_dif.db_mon_id 
_struct_ref_seq_dif.pdbx_seq_db_seq_num 
_struct_ref_seq_dif.details 
_struct_ref_seq_dif.pdbx_auth_seq_num 
_struct_ref_seq_dif.pdbx_ordinal 
1 7ZA6 GLY AAA 1 ? UNP O60885-2 ? ? 'expression tag' 40 1 
1 7ZA6 SER AAA 2 ? UNP O60885-2 ? ? 'expression tag' 41 2 
1 7ZA6 HIS AAA 3 ? UNP O60885-2 ? ? 'expression tag' 42 3 
1 7ZA6 MET AAA 4 ? UNP O60885-2 ? ? 'expression tag' 43 4 
# 
_pdbx_struct_assembly.id                   1 
_pdbx_struct_assembly.details              author_defined_assembly 
_pdbx_struct_assembly.method_details       ? 
_pdbx_struct_assembly.oligomeric_details   monomeric 
_pdbx_struct_assembly.oligomeric_count     1 
# 
_pdbx_struct_assembly_gen.assembly_id       1 
_pdbx_struct_assembly_gen.oper_expression   1 
_pdbx_struct_assembly_gen.asym_id_list      A,B,C,D,E,F 
# 
_pdbx_struct_assembly_auth_evidence.id                     1 
_pdbx_struct_assembly_auth_evidence.assembly_id            1 
_pdbx_struct_assembly_auth_evidence.experimental_support   'gel filtration' 
_pdbx_struct_assembly_auth_evidence.details                ? 
# 
_pdbx_struct_oper_list.id                   1 
_pdbx_struct_oper_list.type                 'identity operation' 
_pdbx_struct_oper_list.name                 1_555 
_pdbx_struct_oper_list.symmetry_operation   x,y,z 
_pdbx_struct_oper_list.matrix[1][1]         1.0000000000 
_pdbx_struct_oper_list.matrix[1][2]         0.0000000000 
_pdbx_struct_oper_list.matrix[1][3]         0.0000000000 
_pdbx_struct_oper_list.vector[1]            0.0000000000 
_pdbx_struct_oper_list.matrix[2][1]         0.0000000000 
_pdbx_struct_oper_list.matrix[2][2]         1.0000000000 
_pdbx_struct_oper_list.matrix[2][3]         0.0000000000 
_pdbx_struct_oper_list.vector[2]            0.0000000000 
_pdbx_struct_oper_list.matrix[3][1]         0.0000000000 
_pdbx_struct_oper_list.matrix[3][2]         0.0000000000 
_pdbx_struct_oper_list.matrix[3][3]         1.0000000000 
_pdbx_struct_oper_list.vector[3]            0.0000000000 
# 
loop_
_struct_conf.conf_type_id 
_struct_conf.id 
_struct_conf.pdbx_PDB_helix_id 
_struct_conf.beg_label_comp_id 
_struct_conf.beg_label_asym_id 
_struct_conf.beg_label_seq_id 
_struct_conf.pdbx_beg_PDB_ins_code 
_struct_conf.end_label_comp_id 
_struct_conf.end_label_asym_id 
_struct_conf.end_label_seq_id 
_struct_conf.pdbx_end_PDB_ins_code 
_struct_conf.beg_auth_comp_id 
_struct_conf.beg_auth_asym_id 
_struct_conf.beg_auth_seq_id 
_struct_conf.end_auth_comp_id 
_struct_conf.end_auth_asym_id 
_struct_conf.end_auth_seq_id 
_struct_conf.pdbx_PDB_helix_class 
_struct_conf.details 
_struct_conf.pdbx_PDB_helix_length 
HELX_P HELX_P1 AA1 THR A 21  ? VAL A 30  ? THR AAA 60  VAL AAA 69  1 ? 10 
HELX_P HELX_P2 AA2 VAL A 30  ? LYS A 37  ? VAL AAA 69  LYS AAA 76  1 ? 8  
HELX_P HELX_P3 AA3 ALA A 41  ? GLN A 45  ? ALA AAA 80  GLN AAA 84  5 ? 5  
HELX_P HELX_P4 AA4 ASP A 57  ? ILE A 62  ? ASP AAA 96  ILE AAA 101 1 ? 6  
HELX_P HELX_P5 AA5 ASP A 67  ? ASN A 77  ? ASP AAA 106 ASN AAA 116 1 ? 11 
HELX_P HELX_P6 AA6 ASN A 82  ? ASN A 101 ? ASN AAA 121 ASN AAA 140 1 ? 20 
HELX_P HELX_P7 AA7 ASP A 105 ? GLU A 124 ? ASP AAA 144 GLU AAA 163 1 ? 20 
# 
_struct_conf_type.id          HELX_P 
_struct_conf_type.criteria    ? 
_struct_conf_type.reference   ? 
# 
loop_
_pdbx_validate_close_contact.id 
_pdbx_validate_close_contact.PDB_model_num 
_pdbx_validate_close_contact.auth_atom_id_1 
_pdbx_validate_close_contact.auth_asym_id_1 
_pdbx_validate_close_contact.auth_comp_id_1 
_pdbx_validate_close_contact.auth_seq_id_1 
_pdbx_validate_close_contact.PDB_ins_code_1 
_pdbx_validate_close_contact.label_alt_id_1 
_pdbx_validate_close_contact.auth_atom_id_2 
_pdbx_validate_close_contact.auth_asym_id_2 
_pdbx_validate_close_contact.auth_comp_id_2 
_pdbx_validate_close_contact.auth_seq_id_2 
_pdbx_validate_close_contact.PDB_ins_code_2 
_pdbx_validate_close_contact.label_alt_id_2 
_pdbx_validate_close_contact.dist 
1 1 ND2 AAA ASN 135 ? ? O  AAA HOH 301 ? ? 1.07 
2 1 O   AAA HOH 345 ? ? O  AAA HOH 409 ? ? 1.59 
3 1 CG  AAA ASN 135 ? ? O  AAA HOH 301 ? ? 1.94 
4 1 O   AAA HOH 304 ? ? O  AAA HOH 335 ? ? 1.98 
5 1 OD1 AAA ASN 135 ? ? O3 AAA GOL 201 ? ? 2.03 
6 1 O   AAA HOH 325 ? ? O  AAA HOH 418 ? ? 2.08 
# 
_pdbx_validate_symm_contact.id                1 
_pdbx_validate_symm_contact.PDB_model_num     1 
_pdbx_validate_symm_contact.auth_atom_id_1    O 
_pdbx_validate_symm_contact.auth_asym_id_1    AAA 
_pdbx_validate_symm_contact.auth_comp_id_1    HOH 
_pdbx_validate_symm_contact.auth_seq_id_1     304 
_pdbx_validate_symm_contact.PDB_ins_code_1    ? 
_pdbx_validate_symm_contact.label_alt_id_1    ? 
_pdbx_validate_symm_contact.site_symmetry_1   1_555 
_pdbx_validate_symm_contact.auth_atom_id_2    O 
_pdbx_validate_symm_contact.auth_asym_id_2    AAA 
_pdbx_validate_symm_contact.auth_comp_id_2    HOH 
_pdbx_validate_symm_contact.auth_seq_id_2     466 
_pdbx_validate_symm_contact.PDB_ins_code_2    ? 
_pdbx_validate_symm_contact.label_alt_id_2    ? 
_pdbx_validate_symm_contact.site_symmetry_2   4_555 
_pdbx_validate_symm_contact.dist              2.04 
# 
_pdbx_validate_rmsd_bond.id                        1 
_pdbx_validate_rmsd_bond.PDB_model_num             1 
_pdbx_validate_rmsd_bond.auth_atom_id_1            CD 
_pdbx_validate_rmsd_bond.auth_asym_id_1            AAA 
_pdbx_validate_rmsd_bond.auth_comp_id_1            GLU 
_pdbx_validate_rmsd_bond.auth_seq_id_1             124 
_pdbx_validate_rmsd_bond.PDB_ins_code_1            ? 
_pdbx_validate_rmsd_bond.label_alt_id_1            ? 
_pdbx_validate_rmsd_bond.auth_atom_id_2            OE2 
_pdbx_validate_rmsd_bond.auth_asym_id_2            AAA 
_pdbx_validate_rmsd_bond.auth_comp_id_2            GLU 
_pdbx_validate_rmsd_bond.auth_seq_id_2             124 
_pdbx_validate_rmsd_bond.PDB_ins_code_2            ? 
_pdbx_validate_rmsd_bond.label_alt_id_2            ? 
_pdbx_validate_rmsd_bond.bond_value                1.181 
_pdbx_validate_rmsd_bond.bond_target_value         1.252 
_pdbx_validate_rmsd_bond.bond_deviation            -0.071 
_pdbx_validate_rmsd_bond.bond_standard_deviation   0.011 
_pdbx_validate_rmsd_bond.linker_flag               N 
# 
loop_
_pdbx_validate_torsion.id 
_pdbx_validate_torsion.PDB_model_num 
_pdbx_validate_torsion.auth_comp_id 
_pdbx_validate_torsion.auth_asym_id 
_pdbx_validate_torsion.auth_seq_id 
_pdbx_validate_torsion.PDB_ins_code 
_pdbx_validate_torsion.label_alt_id 
_pdbx_validate_torsion.phi 
_pdbx_validate_torsion.psi 
1 1 ASN AAA 52  ? ? -165.86 104.00 
2 1 ASN AAA 117 ? ? 40.83   71.24  
# 
_pdbx_entry_details.entry_id                 7ZA6 
_pdbx_entry_details.has_ligand_of_interest   Y 
_pdbx_entry_details.compound_details         ? 
_pdbx_entry_details.source_details           ? 
_pdbx_entry_details.nonpolymer_details       ? 
_pdbx_entry_details.sequence_details         ? 
# 
loop_
_chem_comp_atom.comp_id 
_chem_comp_atom.atom_id 
_chem_comp_atom.type_symbol 
_chem_comp_atom.pdbx_aromatic_flag 
_chem_comp_atom.pdbx_stereo_config 
_chem_comp_atom.pdbx_ordinal 
ALA N    N  N N 1   
ALA CA   C  N S 2   
ALA C    C  N N 3   
ALA O    O  N N 4   
ALA CB   C  N N 5   
ALA OXT  O  N N 6   
ALA H    H  N N 7   
ALA H2   H  N N 8   
ALA HA   H  N N 9   
ALA HB1  H  N N 10  
ALA HB2  H  N N 11  
ALA HB3  H  N N 12  
ALA HXT  H  N N 13  
ARG N    N  N N 14  
ARG CA   C  N S 15  
ARG C    C  N N 16  
ARG O    O  N N 17  
ARG CB   C  N N 18  
ARG CG   C  N N 19  
ARG CD   C  N N 20  
ARG NE   N  N N 21  
ARG CZ   C  N N 22  
ARG NH1  N  N N 23  
ARG NH2  N  N N 24  
ARG OXT  O  N N 25  
ARG H    H  N N 26  
ARG H2   H  N N 27  
ARG HA   H  N N 28  
ARG HB2  H  N N 29  
ARG HB3  H  N N 30  
ARG HG2  H  N N 31  
ARG HG3  H  N N 32  
ARG HD2  H  N N 33  
ARG HD3  H  N N 34  
ARG HE   H  N N 35  
ARG HH11 H  N N 36  
ARG HH12 H  N N 37  
ARG HH21 H  N N 38  
ARG HH22 H  N N 39  
ARG HXT  H  N N 40  
ASN N    N  N N 41  
ASN CA   C  N S 42  
ASN C    C  N N 43  
ASN O    O  N N 44  
ASN CB   C  N N 45  
ASN CG   C  N N 46  
ASN OD1  O  N N 47  
ASN ND2  N  N N 48  
ASN OXT  O  N N 49  
ASN H    H  N N 50  
ASN H2   H  N N 51  
ASN HA   H  N N 52  
ASN HB2  H  N N 53  
ASN HB3  H  N N 54  
ASN HD21 H  N N 55  
ASN HD22 H  N N 56  
ASN HXT  H  N N 57  
ASP N    N  N N 58  
ASP CA   C  N S 59  
ASP C    C  N N 60  
ASP O    O  N N 61  
ASP CB   C  N N 62  
ASP CG   C  N N 63  
ASP OD1  O  N N 64  
ASP OD2  O  N N 65  
ASP OXT  O  N N 66  
ASP H    H  N N 67  
ASP H2   H  N N 68  
ASP HA   H  N N 69  
ASP HB2  H  N N 70  
ASP HB3  H  N N 71  
ASP HD2  H  N N 72  
ASP HXT  H  N N 73  
CYS N    N  N N 74  
CYS CA   C  N R 75  
CYS C    C  N N 76  
CYS O    O  N N 77  
CYS CB   C  N N 78  
CYS SG   S  N N 79  
CYS OXT  O  N N 80  
CYS H    H  N N 81  
CYS H2   H  N N 82  
CYS HA   H  N N 83  
CYS HB2  H  N N 84  
CYS HB3  H  N N 85  
CYS HG   H  N N 86  
CYS HXT  H  N N 87  
GLN N    N  N N 88  
GLN CA   C  N S 89  
GLN C    C  N N 90  
GLN O    O  N N 91  
GLN CB   C  N N 92  
GLN CG   C  N N 93  
GLN CD   C  N N 94  
GLN OE1  O  N N 95  
GLN NE2  N  N N 96  
GLN OXT  O  N N 97  
GLN H    H  N N 98  
GLN H2   H  N N 99  
GLN HA   H  N N 100 
GLN HB2  H  N N 101 
GLN HB3  H  N N 102 
GLN HG2  H  N N 103 
GLN HG3  H  N N 104 
GLN HE21 H  N N 105 
GLN HE22 H  N N 106 
GLN HXT  H  N N 107 
GLU N    N  N N 108 
GLU CA   C  N S 109 
GLU C    C  N N 110 
GLU O    O  N N 111 
GLU CB   C  N N 112 
GLU CG   C  N N 113 
GLU CD   C  N N 114 
GLU OE1  O  N N 115 
GLU OE2  O  N N 116 
GLU OXT  O  N N 117 
GLU H    H  N N 118 
GLU H2   H  N N 119 
GLU HA   H  N N 120 
GLU HB2  H  N N 121 
GLU HB3  H  N N 122 
GLU HG2  H  N N 123 
GLU HG3  H  N N 124 
GLU HE2  H  N N 125 
GLU HXT  H  N N 126 
GLY N    N  N N 127 
GLY CA   C  N N 128 
GLY C    C  N N 129 
GLY O    O  N N 130 
GLY OXT  O  N N 131 
GLY H    H  N N 132 
GLY H2   H  N N 133 
GLY HA2  H  N N 134 
GLY HA3  H  N N 135 
GLY HXT  H  N N 136 
GOL C1   C  N N 137 
GOL O1   O  N N 138 
GOL C2   C  N N 139 
GOL O2   O  N N 140 
GOL C3   C  N N 141 
GOL O3   O  N N 142 
GOL H11  H  N N 143 
GOL H12  H  N N 144 
GOL HO1  H  N N 145 
GOL H2   H  N N 146 
GOL HO2  H  N N 147 
GOL H31  H  N N 148 
GOL H32  H  N N 149 
GOL HO3  H  N N 150 
HEW C4   C  Y N 151 
HEW C5   C  Y N 152 
HEW N1   N  N N 153 
HEW N2   N  Y N 154 
HEW C3   C  Y N 155 
HEW C1   C  Y N 156 
HEW C2   C  Y N 157 
HEW BR1  BR N N 158 
HEW H1   H  N N 159 
HEW H2   H  N N 160 
HEW H3   H  N N 161 
HEW H4   H  N N 162 
HEW H5   H  N N 163 
HIS N    N  N N 164 
HIS CA   C  N S 165 
HIS C    C  N N 166 
HIS O    O  N N 167 
HIS CB   C  N N 168 
HIS CG   C  Y N 169 
HIS ND1  N  Y N 170 
HIS CD2  C  Y N 171 
HIS CE1  C  Y N 172 
HIS NE2  N  Y N 173 
HIS OXT  O  N N 174 
HIS H    H  N N 175 
HIS H2   H  N N 176 
HIS HA   H  N N 177 
HIS HB2  H  N N 178 
HIS HB3  H  N N 179 
HIS HD1  H  N N 180 
HIS HD2  H  N N 181 
HIS HE1  H  N N 182 
HIS HE2  H  N N 183 
HIS HXT  H  N N 184 
HOH O    O  N N 185 
HOH H1   H  N N 186 
HOH H2   H  N N 187 
ILE N    N  N N 188 
ILE CA   C  N S 189 
ILE C    C  N N 190 
ILE O    O  N N 191 
ILE CB   C  N S 192 
ILE CG1  C  N N 193 
ILE CG2  C  N N 194 
ILE CD1  C  N N 195 
ILE OXT  O  N N 196 
ILE H    H  N N 197 
ILE H2   H  N N 198 
ILE HA   H  N N 199 
ILE HB   H  N N 200 
ILE HG12 H  N N 201 
ILE HG13 H  N N 202 
ILE HG21 H  N N 203 
ILE HG22 H  N N 204 
ILE HG23 H  N N 205 
ILE HD11 H  N N 206 
ILE HD12 H  N N 207 
ILE HD13 H  N N 208 
ILE HXT  H  N N 209 
LEU N    N  N N 210 
LEU CA   C  N S 211 
LEU C    C  N N 212 
LEU O    O  N N 213 
LEU CB   C  N N 214 
LEU CG   C  N N 215 
LEU CD1  C  N N 216 
LEU CD2  C  N N 217 
LEU OXT  O  N N 218 
LEU H    H  N N 219 
LEU H2   H  N N 220 
LEU HA   H  N N 221 
LEU HB2  H  N N 222 
LEU HB3  H  N N 223 
LEU HG   H  N N 224 
LEU HD11 H  N N 225 
LEU HD12 H  N N 226 
LEU HD13 H  N N 227 
LEU HD21 H  N N 228 
LEU HD22 H  N N 229 
LEU HD23 H  N N 230 
LEU HXT  H  N N 231 
LYS N    N  N N 232 
LYS CA   C  N S 233 
LYS C    C  N N 234 
LYS O    O  N N 235 
LYS CB   C  N N 236 
LYS CG   C  N N 237 
LYS CD   C  N N 238 
LYS CE   C  N N 239 
LYS NZ   N  N N 240 
LYS OXT  O  N N 241 
LYS H    H  N N 242 
LYS H2   H  N N 243 
LYS HA   H  N N 244 
LYS HB2  H  N N 245 
LYS HB3  H  N N 246 
LYS HG2  H  N N 247 
LYS HG3  H  N N 248 
LYS HD2  H  N N 249 
LYS HD3  H  N N 250 
LYS HE2  H  N N 251 
LYS HE3  H  N N 252 
LYS HZ1  H  N N 253 
LYS HZ2  H  N N 254 
LYS HZ3  H  N N 255 
LYS HXT  H  N N 256 
MET N    N  N N 257 
MET CA   C  N S 258 
MET C    C  N N 259 
MET O    O  N N 260 
MET CB   C  N N 261 
MET CG   C  N N 262 
MET SD   S  N N 263 
MET CE   C  N N 264 
MET OXT  O  N N 265 
MET H    H  N N 266 
MET H2   H  N N 267 
MET HA   H  N N 268 
MET HB2  H  N N 269 
MET HB3  H  N N 270 
MET HG2  H  N N 271 
MET HG3  H  N N 272 
MET HE1  H  N N 273 
MET HE2  H  N N 274 
MET HE3  H  N N 275 
MET HXT  H  N N 276 
PHE N    N  N N 277 
PHE CA   C  N S 278 
PHE C    C  N N 279 
PHE O    O  N N 280 
PHE CB   C  N N 281 
PHE CG   C  Y N 282 
PHE CD1  C  Y N 283 
PHE CD2  C  Y N 284 
PHE CE1  C  Y N 285 
PHE CE2  C  Y N 286 
PHE CZ   C  Y N 287 
PHE OXT  O  N N 288 
PHE H    H  N N 289 
PHE H2   H  N N 290 
PHE HA   H  N N 291 
PHE HB2  H  N N 292 
PHE HB3  H  N N 293 
PHE HD1  H  N N 294 
PHE HD2  H  N N 295 
PHE HE1  H  N N 296 
PHE HE2  H  N N 297 
PHE HZ   H  N N 298 
PHE HXT  H  N N 299 
PRO N    N  N N 300 
PRO CA   C  N S 301 
PRO C    C  N N 302 
PRO O    O  N N 303 
PRO CB   C  N N 304 
PRO CG   C  N N 305 
PRO CD   C  N N 306 
PRO OXT  O  N N 307 
PRO H    H  N N 308 
PRO HA   H  N N 309 
PRO HB2  H  N N 310 
PRO HB3  H  N N 311 
PRO HG2  H  N N 312 
PRO HG3  H  N N 313 
PRO HD2  H  N N 314 
PRO HD3  H  N N 315 
PRO HXT  H  N N 316 
SER N    N  N N 317 
SER CA   C  N S 318 
SER C    C  N N 319 
SER O    O  N N 320 
SER CB   C  N N 321 
SER OG   O  N N 322 
SER OXT  O  N N 323 
SER H    H  N N 324 
SER H2   H  N N 325 
SER HA   H  N N 326 
SER HB2  H  N N 327 
SER HB3  H  N N 328 
SER HG   H  N N 329 
SER HXT  H  N N 330 
THR N    N  N N 331 
THR CA   C  N S 332 
THR C    C  N N 333 
THR O    O  N N 334 
THR CB   C  N R 335 
THR OG1  O  N N 336 
THR CG2  C  N N 337 
THR OXT  O  N N 338 
THR H    H  N N 339 
THR H2   H  N N 340 
THR HA   H  N N 341 
THR HB   H  N N 342 
THR HG1  H  N N 343 
THR HG21 H  N N 344 
THR HG22 H  N N 345 
THR HG23 H  N N 346 
THR HXT  H  N N 347 
TRP N    N  N N 348 
TRP CA   C  N S 349 
TRP C    C  N N 350 
TRP O    O  N N 351 
TRP CB   C  N N 352 
TRP CG   C  Y N 353 
TRP CD1  C  Y N 354 
TRP CD2  C  Y N 355 
TRP NE1  N  Y N 356 
TRP CE2  C  Y N 357 
TRP CE3  C  Y N 358 
TRP CZ2  C  Y N 359 
TRP CZ3  C  Y N 360 
TRP CH2  C  Y N 361 
TRP OXT  O  N N 362 
TRP H    H  N N 363 
TRP H2   H  N N 364 
TRP HA   H  N N 365 
TRP HB2  H  N N 366 
TRP HB3  H  N N 367 
TRP HD1  H  N N 368 
TRP HE1  H  N N 369 
TRP HE3  H  N N 370 
TRP HZ2  H  N N 371 
TRP HZ3  H  N N 372 
TRP HH2  H  N N 373 
TRP HXT  H  N N 374 
TYR N    N  N N 375 
TYR CA   C  N S 376 
TYR C    C  N N 377 
TYR O    O  N N 378 
TYR CB   C  N N 379 
TYR CG   C  Y N 380 
TYR CD1  C  Y N 381 
TYR CD2  C  Y N 382 
TYR CE1  C  Y N 383 
TYR CE2  C  Y N 384 
TYR CZ   C  Y N 385 
TYR OH   O  N N 386 
TYR OXT  O  N N 387 
TYR H    H  N N 388 
TYR H2   H  N N 389 
TYR HA   H  N N 390 
TYR HB2  H  N N 391 
TYR HB3  H  N N 392 
TYR HD1  H  N N 393 
TYR HD2  H  N N 394 
TYR HE1  H  N N 395 
TYR HE2  H  N N 396 
TYR HH   H  N N 397 
TYR HXT  H  N N 398 
VAL N    N  N N 399 
VAL CA   C  N S 400 
VAL C    C  N N 401 
VAL O    O  N N 402 
VAL CB   C  N N 403 
VAL CG1  C  N N 404 
VAL CG2  C  N N 405 
VAL OXT  O  N N 406 
VAL H    H  N N 407 
VAL H2   H  N N 408 
VAL HA   H  N N 409 
VAL HB   H  N N 410 
VAL HG11 H  N N 411 
VAL HG12 H  N N 412 
VAL HG13 H  N N 413 
VAL HG21 H  N N 414 
VAL HG22 H  N N 415 
VAL HG23 H  N N 416 
VAL HXT  H  N N 417 
# 
loop_
_chem_comp_bond.comp_id 
_chem_comp_bond.atom_id_1 
_chem_comp_bond.atom_id_2 
_chem_comp_bond.value_order 
_chem_comp_bond.pdbx_aromatic_flag 
_chem_comp_bond.pdbx_stereo_config 
_chem_comp_bond.pdbx_ordinal 
ALA N   CA   sing N N 1   
ALA N   H    sing N N 2   
ALA N   H2   sing N N 3   
ALA CA  C    sing N N 4   
ALA CA  CB   sing N N 5   
ALA CA  HA   sing N N 6   
ALA C   O    doub N N 7   
ALA C   OXT  sing N N 8   
ALA CB  HB1  sing N N 9   
ALA CB  HB2  sing N N 10  
ALA CB  HB3  sing N N 11  
ALA OXT HXT  sing N N 12  
ARG N   CA   sing N N 13  
ARG N   H    sing N N 14  
ARG N   H2   sing N N 15  
ARG CA  C    sing N N 16  
ARG CA  CB   sing N N 17  
ARG CA  HA   sing N N 18  
ARG C   O    doub N N 19  
ARG C   OXT  sing N N 20  
ARG CB  CG   sing N N 21  
ARG CB  HB2  sing N N 22  
ARG CB  HB3  sing N N 23  
ARG CG  CD   sing N N 24  
ARG CG  HG2  sing N N 25  
ARG CG  HG3  sing N N 26  
ARG CD  NE   sing N N 27  
ARG CD  HD2  sing N N 28  
ARG CD  HD3  sing N N 29  
ARG NE  CZ   sing N N 30  
ARG NE  HE   sing N N 31  
ARG CZ  NH1  sing N N 32  
ARG CZ  NH2  doub N N 33  
ARG NH1 HH11 sing N N 34  
ARG NH1 HH12 sing N N 35  
ARG NH2 HH21 sing N N 36  
ARG NH2 HH22 sing N N 37  
ARG OXT HXT  sing N N 38  
ASN N   CA   sing N N 39  
ASN N   H    sing N N 40  
ASN N   H2   sing N N 41  
ASN CA  C    sing N N 42  
ASN CA  CB   sing N N 43  
ASN CA  HA   sing N N 44  
ASN C   O    doub N N 45  
ASN C   OXT  sing N N 46  
ASN CB  CG   sing N N 47  
ASN CB  HB2  sing N N 48  
ASN CB  HB3  sing N N 49  
ASN CG  OD1  doub N N 50  
ASN CG  ND2  sing N N 51  
ASN ND2 HD21 sing N N 52  
ASN ND2 HD22 sing N N 53  
ASN OXT HXT  sing N N 54  
ASP N   CA   sing N N 55  
ASP N   H    sing N N 56  
ASP N   H2   sing N N 57  
ASP CA  C    sing N N 58  
ASP CA  CB   sing N N 59  
ASP CA  HA   sing N N 60  
ASP C   O    doub N N 61  
ASP C   OXT  sing N N 62  
ASP CB  CG   sing N N 63  
ASP CB  HB2  sing N N 64  
ASP CB  HB3  sing N N 65  
ASP CG  OD1  doub N N 66  
ASP CG  OD2  sing N N 67  
ASP OD2 HD2  sing N N 68  
ASP OXT HXT  sing N N 69  
CYS N   CA   sing N N 70  
CYS N   H    sing N N 71  
CYS N   H2   sing N N 72  
CYS CA  C    sing N N 73  
CYS CA  CB   sing N N 74  
CYS CA  HA   sing N N 75  
CYS C   O    doub N N 76  
CYS C   OXT  sing N N 77  
CYS CB  SG   sing N N 78  
CYS CB  HB2  sing N N 79  
CYS CB  HB3  sing N N 80  
CYS SG  HG   sing N N 81  
CYS OXT HXT  sing N N 82  
GLN N   CA   sing N N 83  
GLN N   H    sing N N 84  
GLN N   H2   sing N N 85  
GLN CA  C    sing N N 86  
GLN CA  CB   sing N N 87  
GLN CA  HA   sing N N 88  
GLN C   O    doub N N 89  
GLN C   OXT  sing N N 90  
GLN CB  CG   sing N N 91  
GLN CB  HB2  sing N N 92  
GLN CB  HB3  sing N N 93  
GLN CG  CD   sing N N 94  
GLN CG  HG2  sing N N 95  
GLN CG  HG3  sing N N 96  
GLN CD  OE1  doub N N 97  
GLN CD  NE2  sing N N 98  
GLN NE2 HE21 sing N N 99  
GLN NE2 HE22 sing N N 100 
GLN OXT HXT  sing N N 101 
GLU N   CA   sing N N 102 
GLU N   H    sing N N 103 
GLU N   H2   sing N N 104 
GLU CA  C    sing N N 105 
GLU CA  CB   sing N N 106 
GLU CA  HA   sing N N 107 
GLU C   O    doub N N 108 
GLU C   OXT  sing N N 109 
GLU CB  CG   sing N N 110 
GLU CB  HB2  sing N N 111 
GLU CB  HB3  sing N N 112 
GLU CG  CD   sing N N 113 
GLU CG  HG2  sing N N 114 
GLU CG  HG3  sing N N 115 
GLU CD  OE1  doub N N 116 
GLU CD  OE2  sing N N 117 
GLU OE2 HE2  sing N N 118 
GLU OXT HXT  sing N N 119 
GLY N   CA   sing N N 120 
GLY N   H    sing N N 121 
GLY N   H2   sing N N 122 
GLY CA  C    sing N N 123 
GLY CA  HA2  sing N N 124 
GLY CA  HA3  sing N N 125 
GLY C   O    doub N N 126 
GLY C   OXT  sing N N 127 
GLY OXT HXT  sing N N 128 
GOL C1  O1   sing N N 129 
GOL C1  C2   sing N N 130 
GOL C1  H11  sing N N 131 
GOL C1  H12  sing N N 132 
GOL O1  HO1  sing N N 133 
GOL C2  O2   sing N N 134 
GOL C2  C3   sing N N 135 
GOL C2  H2   sing N N 136 
GOL O2  HO2  sing N N 137 
GOL C3  O3   sing N N 138 
GOL C3  H31  sing N N 139 
GOL C3  H32  sing N N 140 
GOL O3  HO3  sing N N 141 
HEW BR1 C3   sing N N 142 
HEW C4  C3   doub Y N 143 
HEW C4  C5   sing Y N 144 
HEW C3  C2   sing Y N 145 
HEW C5  N2   doub Y N 146 
HEW C2  C1   doub Y N 147 
HEW N2  C1   sing Y N 148 
HEW C1  N1   sing N N 149 
HEW C4  H1   sing N N 150 
HEW C5  H2   sing N N 151 
HEW N1  H3   sing N N 152 
HEW N1  H4   sing N N 153 
HEW C2  H5   sing N N 154 
HIS N   CA   sing N N 155 
HIS N   H    sing N N 156 
HIS N   H2   sing N N 157 
HIS CA  C    sing N N 158 
HIS CA  CB   sing N N 159 
HIS CA  HA   sing N N 160 
HIS C   O    doub N N 161 
HIS C   OXT  sing N N 162 
HIS CB  CG   sing N N 163 
HIS CB  HB2  sing N N 164 
HIS CB  HB3  sing N N 165 
HIS CG  ND1  sing Y N 166 
HIS CG  CD2  doub Y N 167 
HIS ND1 CE1  doub Y N 168 
HIS ND1 HD1  sing N N 169 
HIS CD2 NE2  sing Y N 170 
HIS CD2 HD2  sing N N 171 
HIS CE1 NE2  sing Y N 172 
HIS CE1 HE1  sing N N 173 
HIS NE2 HE2  sing N N 174 
HIS OXT HXT  sing N N 175 
HOH O   H1   sing N N 176 
HOH O   H2   sing N N 177 
ILE N   CA   sing N N 178 
ILE N   H    sing N N 179 
ILE N   H2   sing N N 180 
ILE CA  C    sing N N 181 
ILE CA  CB   sing N N 182 
ILE CA  HA   sing N N 183 
ILE C   O    doub N N 184 
ILE C   OXT  sing N N 185 
ILE CB  CG1  sing N N 186 
ILE CB  CG2  sing N N 187 
ILE CB  HB   sing N N 188 
ILE CG1 CD1  sing N N 189 
ILE CG1 HG12 sing N N 190 
ILE CG1 HG13 sing N N 191 
ILE CG2 HG21 sing N N 192 
ILE CG2 HG22 sing N N 193 
ILE CG2 HG23 sing N N 194 
ILE CD1 HD11 sing N N 195 
ILE CD1 HD12 sing N N 196 
ILE CD1 HD13 sing N N 197 
ILE OXT HXT  sing N N 198 
LEU N   CA   sing N N 199 
LEU N   H    sing N N 200 
LEU N   H2   sing N N 201 
LEU CA  C    sing N N 202 
LEU CA  CB   sing N N 203 
LEU CA  HA   sing N N 204 
LEU C   O    doub N N 205 
LEU C   OXT  sing N N 206 
LEU CB  CG   sing N N 207 
LEU CB  HB2  sing N N 208 
LEU CB  HB3  sing N N 209 
LEU CG  CD1  sing N N 210 
LEU CG  CD2  sing N N 211 
LEU CG  HG   sing N N 212 
LEU CD1 HD11 sing N N 213 
LEU CD1 HD12 sing N N 214 
LEU CD1 HD13 sing N N 215 
LEU CD2 HD21 sing N N 216 
LEU CD2 HD22 sing N N 217 
LEU CD2 HD23 sing N N 218 
LEU OXT HXT  sing N N 219 
LYS N   CA   sing N N 220 
LYS N   H    sing N N 221 
LYS N   H2   sing N N 222 
LYS CA  C    sing N N 223 
LYS CA  CB   sing N N 224 
LYS CA  HA   sing N N 225 
LYS C   O    doub N N 226 
LYS C   OXT  sing N N 227 
LYS CB  CG   sing N N 228 
LYS CB  HB2  sing N N 229 
LYS CB  HB3  sing N N 230 
LYS CG  CD   sing N N 231 
LYS CG  HG2  sing N N 232 
LYS CG  HG3  sing N N 233 
LYS CD  CE   sing N N 234 
LYS CD  HD2  sing N N 235 
LYS CD  HD3  sing N N 236 
LYS CE  NZ   sing N N 237 
LYS CE  HE2  sing N N 238 
LYS CE  HE3  sing N N 239 
LYS NZ  HZ1  sing N N 240 
LYS NZ  HZ2  sing N N 241 
LYS NZ  HZ3  sing N N 242 
LYS OXT HXT  sing N N 243 
MET N   CA   sing N N 244 
MET N   H    sing N N 245 
MET N   H2   sing N N 246 
MET CA  C    sing N N 247 
MET CA  CB   sing N N 248 
MET CA  HA   sing N N 249 
MET C   O    doub N N 250 
MET C   OXT  sing N N 251 
MET CB  CG   sing N N 252 
MET CB  HB2  sing N N 253 
MET CB  HB3  sing N N 254 
MET CG  SD   sing N N 255 
MET CG  HG2  sing N N 256 
MET CG  HG3  sing N N 257 
MET SD  CE   sing N N 258 
MET CE  HE1  sing N N 259 
MET CE  HE2  sing N N 260 
MET CE  HE3  sing N N 261 
MET OXT HXT  sing N N 262 
PHE N   CA   sing N N 263 
PHE N   H    sing N N 264 
PHE N   H2   sing N N 265 
PHE CA  C    sing N N 266 
PHE CA  CB   sing N N 267 
PHE CA  HA   sing N N 268 
PHE C   O    doub N N 269 
PHE C   OXT  sing N N 270 
PHE CB  CG   sing N N 271 
PHE CB  HB2  sing N N 272 
PHE CB  HB3  sing N N 273 
PHE CG  CD1  doub Y N 274 
PHE CG  CD2  sing Y N 275 
PHE CD1 CE1  sing Y N 276 
PHE CD1 HD1  sing N N 277 
PHE CD2 CE2  doub Y N 278 
PHE CD2 HD2  sing N N 279 
PHE CE1 CZ   doub Y N 280 
PHE CE1 HE1  sing N N 281 
PHE CE2 CZ   sing Y N 282 
PHE CE2 HE2  sing N N 283 
PHE CZ  HZ   sing N N 284 
PHE OXT HXT  sing N N 285 
PRO N   CA   sing N N 286 
PRO N   CD   sing N N 287 
PRO N   H    sing N N 288 
PRO CA  C    sing N N 289 
PRO CA  CB   sing N N 290 
PRO CA  HA   sing N N 291 
PRO C   O    doub N N 292 
PRO C   OXT  sing N N 293 
PRO CB  CG   sing N N 294 
PRO CB  HB2  sing N N 295 
PRO CB  HB3  sing N N 296 
PRO CG  CD   sing N N 297 
PRO CG  HG2  sing N N 298 
PRO CG  HG3  sing N N 299 
PRO CD  HD2  sing N N 300 
PRO CD  HD3  sing N N 301 
PRO OXT HXT  sing N N 302 
SER N   CA   sing N N 303 
SER N   H    sing N N 304 
SER N   H2   sing N N 305 
SER CA  C    sing N N 306 
SER CA  CB   sing N N 307 
SER CA  HA   sing N N 308 
SER C   O    doub N N 309 
SER C   OXT  sing N N 310 
SER CB  OG   sing N N 311 
SER CB  HB2  sing N N 312 
SER CB  HB3  sing N N 313 
SER OG  HG   sing N N 314 
SER OXT HXT  sing N N 315 
THR N   CA   sing N N 316 
THR N   H    sing N N 317 
THR N   H2   sing N N 318 
THR CA  C    sing N N 319 
THR CA  CB   sing N N 320 
THR CA  HA   sing N N 321 
THR C   O    doub N N 322 
THR C   OXT  sing N N 323 
THR CB  OG1  sing N N 324 
THR CB  CG2  sing N N 325 
THR CB  HB   sing N N 326 
THR OG1 HG1  sing N N 327 
THR CG2 HG21 sing N N 328 
THR CG2 HG22 sing N N 329 
THR CG2 HG23 sing N N 330 
THR OXT HXT  sing N N 331 
TRP N   CA   sing N N 332 
TRP N   H    sing N N 333 
TRP N   H2   sing N N 334 
TRP CA  C    sing N N 335 
TRP CA  CB   sing N N 336 
TRP CA  HA   sing N N 337 
TRP C   O    doub N N 338 
TRP C   OXT  sing N N 339 
TRP CB  CG   sing N N 340 
TRP CB  HB2  sing N N 341 
TRP CB  HB3  sing N N 342 
TRP CG  CD1  doub Y N 343 
TRP CG  CD2  sing Y N 344 
TRP CD1 NE1  sing Y N 345 
TRP CD1 HD1  sing N N 346 
TRP CD2 CE2  doub Y N 347 
TRP CD2 CE3  sing Y N 348 
TRP NE1 CE2  sing Y N 349 
TRP NE1 HE1  sing N N 350 
TRP CE2 CZ2  sing Y N 351 
TRP CE3 CZ3  doub Y N 352 
TRP CE3 HE3  sing N N 353 
TRP CZ2 CH2  doub Y N 354 
TRP CZ2 HZ2  sing N N 355 
TRP CZ3 CH2  sing Y N 356 
TRP CZ3 HZ3  sing N N 357 
TRP CH2 HH2  sing N N 358 
TRP OXT HXT  sing N N 359 
TYR N   CA   sing N N 360 
TYR N   H    sing N N 361 
TYR N   H2   sing N N 362 
TYR CA  C    sing N N 363 
TYR CA  CB   sing N N 364 
TYR CA  HA   sing N N 365 
TYR C   O    doub N N 366 
TYR C   OXT  sing N N 367 
TYR CB  CG   sing N N 368 
TYR CB  HB2  sing N N 369 
TYR CB  HB3  sing N N 370 
TYR CG  CD1  doub Y N 371 
TYR CG  CD2  sing Y N 372 
TYR CD1 CE1  sing Y N 373 
TYR CD1 HD1  sing N N 374 
TYR CD2 CE2  doub Y N 375 
TYR CD2 HD2  sing N N 376 
TYR CE1 CZ   doub Y N 377 
TYR CE1 HE1  sing N N 378 
TYR CE2 CZ   sing Y N 379 
TYR CE2 HE2  sing N N 380 
TYR CZ  OH   sing N N 381 
TYR OH  HH   sing N N 382 
TYR OXT HXT  sing N N 383 
VAL N   CA   sing N N 384 
VAL N   H    sing N N 385 
VAL N   H2   sing N N 386 
VAL CA  C    sing N N 387 
VAL CA  CB   sing N N 388 
VAL CA  HA   sing N N 389 
VAL C   O    doub N N 390 
VAL C   OXT  sing N N 391 
VAL CB  CG1  sing N N 392 
VAL CB  CG2  sing N N 393 
VAL CB  HB   sing N N 394 
VAL CG1 HG11 sing N N 395 
VAL CG1 HG12 sing N N 396 
VAL CG1 HG13 sing N N 397 
VAL CG2 HG21 sing N N 398 
VAL CG2 HG22 sing N N 399 
VAL CG2 HG23 sing N N 400 
VAL OXT HXT  sing N N 401 
# 
loop_
_pdbx_audit_support.funding_organization 
_pdbx_audit_support.country 
_pdbx_audit_support.grant_number 
_pdbx_audit_support.ordinal 
'Cancer Research UK' 'United Kingdom' C57659/A27310 1 
'Cancer Research UK' 'United Kingdom' C1362/A20263  2 
'Cancer Research UK' 'United Kingdom' C2215/A21421  3 
# 
_pdbx_entity_instance_feature.ordinal        1 
_pdbx_entity_instance_feature.comp_id        HEW 
_pdbx_entity_instance_feature.asym_id        ? 
_pdbx_entity_instance_feature.seq_num        ? 
_pdbx_entity_instance_feature.auth_comp_id   HEW 
_pdbx_entity_instance_feature.auth_asym_id   ? 
_pdbx_entity_instance_feature.auth_seq_num   ? 
_pdbx_entity_instance_feature.feature_type   'SUBJECT OF INVESTIGATION' 
_pdbx_entity_instance_feature.details        ? 
# 
_pdbx_initial_refinement_model.id               1 
_pdbx_initial_refinement_model.entity_id_list   ? 
_pdbx_initial_refinement_model.type             'experimental model' 
_pdbx_initial_refinement_model.source_name      PDB 
_pdbx_initial_refinement_model.accession_code   5LRQ 
_pdbx_initial_refinement_model.details          ? 
# 
_atom_sites.entry_id                    7ZA6 
_atom_sites.Cartn_transf_matrix[1][1]   ? 
_atom_sites.Cartn_transf_matrix[1][2]   ? 
_atom_sites.Cartn_transf_matrix[1][3]   ? 
_atom_sites.Cartn_transf_matrix[2][1]   ? 
_atom_sites.Cartn_transf_matrix[2][2]   ? 
_atom_sites.Cartn_transf_matrix[2][3]   ? 
_atom_sites.Cartn_transf_matrix[3][1]   ? 
_atom_sites.Cartn_transf_matrix[3][2]   ? 
_atom_sites.Cartn_transf_matrix[3][3]   ? 
_atom_sites.Cartn_transf_vector[1]      ? 
_atom_sites.Cartn_transf_vector[2]      ? 
_atom_sites.Cartn_transf_vector[3]      ? 
_atom_sites.fract_transf_matrix[1][1]   0.01148717 
_atom_sites.fract_transf_matrix[1][2]   -0.00258520 
_atom_sites.fract_transf_matrix[1][3]   0.02359755 
_atom_sites.fract_transf_matrix[2][1]   0.01121058 
_atom_sites.fract_transf_matrix[2][2]   0.02003875 
_atom_sites.fract_transf_matrix[2][3]   -0.00326194 
_atom_sites.fract_transf_matrix[3][1]   -0.00958374 
_atom_sites.fract_transf_matrix[3][2]   0.00623214 
_atom_sites.fract_transf_matrix[3][3]   0.00534807 
_atom_sites.fract_transf_vector[1]      -0.317876 
_atom_sites.fract_transf_vector[2]      0.069139 
_atom_sites.fract_transf_vector[3]      -0.115755 
_atom_sites.solution_primary            ? 
_atom_sites.solution_secondary          ? 
_atom_sites.solution_hydrogens          ? 
_atom_sites.special_details             ? 
# 
loop_
_atom_type.symbol 
_atom_type.pdbx_scat_Z 
_atom_type.pdbx_N_electrons 
_atom_type.scat_Cromer_Mann_a1 
_atom_type.scat_Cromer_Mann_b1 
_atom_type.scat_Cromer_Mann_a2 
_atom_type.scat_Cromer_Mann_b2 
_atom_type.scat_Cromer_Mann_a3 
_atom_type.scat_Cromer_Mann_b3 
_atom_type.scat_Cromer_Mann_a4 
_atom_type.scat_Cromer_Mann_b4 
_atom_type.scat_Cromer_Mann_c 
BR 35 35 17.182 2.172  5.237 16.580 5.639 0.261  3.986 41.433 -1.148  
C  6  6  2.310  20.844 1.020 10.208 1.589 0.569  0.865 51.651 0.216   
N  7  7  12.222 0.006  3.135 9.893  2.014 28.997 1.167 0.583  -11.538 
O  8  8  3.049  13.277 2.287 5.701  1.546 0.324  0.867 32.909 0.251   
S  16 16 6.905  1.468  5.203 22.215 1.438 0.254  1.586 56.172 1.030   
# 
loop_
_atom_site.group_PDB 
_atom_site.id 
_atom_site.type_symbol 
_atom_site.label_atom_id 
_atom_site.label_alt_id 
_atom_site.label_comp_id 
_atom_site.label_asym_id 
_atom_site.label_entity_id 
_atom_site.label_seq_id 
_atom_site.pdbx_PDB_ins_code 
_atom_site.Cartn_x 
_atom_site.Cartn_y 
_atom_site.Cartn_z 
_atom_site.occupancy 
_atom_site.B_iso_or_equiv 
_atom_site.pdbx_formal_charge 
_atom_site.auth_seq_id 
_atom_site.auth_comp_id 
_atom_site.auth_asym_id 
_atom_site.auth_atom_id 
_atom_site.pdbx_PDB_model_num 
_atom_site.calc_flag 
ATOM   1    N  N   . GLY A 1 1   ? -3.579  -18.735 4.171   1.000 28.748 ? 40  GLY AAA N   1 ? 
ATOM   2    C  CA  . GLY A 1 1   ? -4.948  -18.321 4.531   1.000 20.931 ? 40  GLY AAA CA  1 ? 
ATOM   3    C  C   . GLY A 1 1   ? -5.962  -19.063 3.671   1.000 18.402 ? 40  GLY AAA C   1 ? 
ATOM   4    O  O   . GLY A 1 1   ? -5.629  -20.076 3.064   1.000 19.924 ? 40  GLY AAA O   1 ? 
ATOM   5    N  N   . SER A 1 2   ? -7.162  -18.491 3.598   1.000 16.174 ? 41  SER AAA N   1 ? 
ATOM   6    C  CA  . SER A 1 2   ? -8.250  -19.149 2.884   1.000 14.873 ? 41  SER AAA CA  1 ? 
ATOM   7    C  C   . SER A 1 2   ? -8.013  -19.224 1.376   1.000 12.834 ? 41  SER AAA C   1 ? 
ATOM   8    O  O   . SER A 1 2   ? -7.624  -18.207 0.745   1.000 13.498 ? 41  SER AAA O   1 ? 
ATOM   9    C  CB  . SER A 1 2   ? -9.493  -18.400 3.174   1.000 15.576 ? 41  SER AAA CB  1 ? 
ATOM   10   O  OG  . SER A 1 2   ? -10.556 -18.933 2.369   1.000 13.701 ? 41  SER AAA OG  1 ? 
ATOM   11   N  N   . HIS A 1 3   ? -8.455  -20.331 0.738   1.000 12.273 ? 42  HIS AAA N   1 ? 
ATOM   12   C  CA  . HIS A 1 3   ? -8.512  -20.445 -0.693  1.000 12.651 ? 42  HIS AAA CA  1 ? 
ATOM   13   C  C   . HIS A 1 3   ? -9.476  -19.456 -1.345  1.000 13.012 ? 42  HIS AAA C   1 ? 
ATOM   14   O  O   . HIS A 1 3   ? -9.489  -19.285 -2.575  1.000 15.126 ? 42  HIS AAA O   1 ? 
ATOM   15   C  CB  . HIS A 1 3   ? -8.880  -21.888 -1.104  1.000 14.768 ? 42  HIS AAA CB  1 ? 
ATOM   16   C  CG  . HIS A 1 3   ? -10.340 -22.191 -0.938  1.000 14.422 ? 42  HIS AAA CG  1 ? 
ATOM   17   N  ND1 . HIS A 1 3   ? -10.913 -22.303 0.293   1.000 14.480 ? 42  HIS AAA ND1 1 ? 
ATOM   18   C  CD2 . HIS A 1 3   ? -11.313 -22.465 -1.829  1.000 17.814 ? 42  HIS AAA CD2 1 ? 
ATOM   19   C  CE1 . HIS A 1 3   ? -12.217 -22.622 0.170   1.000 16.198 ? 42  HIS AAA CE1 1 ? 
ATOM   20   N  NE2 . HIS A 1 3   ? -12.469 -22.667 -1.114  1.000 15.894 ? 42  HIS AAA NE2 1 ? 
ATOM   21   N  N   . MET A 1 4   ? -10.332 -18.819 -0.536  1.000 10.746 ? 43  MET AAA N   1 ? 
ATOM   22   C  CA  . MET A 1 4   ? -11.291 -17.877 -1.068  1.000 11.896 ? 43  MET AAA CA  1 ? 
ATOM   23   C  C   . MET A 1 4   ? -10.753 -16.455 -1.162  1.000 11.372 ? 43  MET AAA C   1 ? 
ATOM   24   O  O   . MET A 1 4   ? -11.435 -15.599 -1.737  1.000 13.291 ? 43  MET AAA O   1 ? 
ATOM   25   C  CB  . MET A 1 4   ? -12.572 -17.899 -0.239  1.000 13.728 ? 43  MET AAA CB  1 ? 
ATOM   26   C  CG  . MET A 1 4   ? -13.247 -19.255 -0.364  1.000 13.930 ? 43  MET AAA CG  1 ? 
ATOM   27   S  SD  . MET A 1 4   ? -14.906 -19.383 0.209   1.000 20.452 ? 43  MET AAA SD  1 ? 
ATOM   28   C  CE  . MET A 1 4   ? -15.014 -18.152 1.480   1.000 19.091 ? 43  MET AAA CE  1 ? 
ATOM   29   N  N   . ASN A 1 5   ? -9.576  -16.207 -0.585  1.000 10.117 ? 44  ASN AAA N   1 ? 
ATOM   30   C  CA  . ASN A 1 5   ? -8.883  -14.954 -0.819  1.000 10.045 ? 44  ASN AAA CA  1 ? 
ATOM   31   C  C   . ASN A 1 5   ? -7.932  -15.156 -1.987  1.000 10.750 ? 44  ASN AAA C   1 ? 
ATOM   32   O  O   . ASN A 1 5   ? -7.377  -16.241 -2.174  1.000 12.028 ? 44  ASN AAA O   1 ? 
ATOM   33   C  CB  . ASN A 1 5   ? -8.141  -14.479 0.417   1.000 11.197 ? 44  ASN AAA CB  1 ? 
ATOM   34   C  CG  . ASN A 1 5   ? -9.061  -13.937 1.499   1.000 10.792 ? 44  ASN AAA CG  1 ? 
ATOM   35   O  OD1 . ASN A 1 5   ? -10.011 -13.187 1.224   1.000 11.807 ? 44  ASN AAA OD1 1 ? 
ATOM   36   N  ND2 . ASN A 1 5   ? -8.781  -14.383 2.717   1.000 11.969 ? 44  ASN AAA ND2 1 ? 
ATOM   37   N  N   . PRO A 1 6   ? -7.662  -14.131 -2.811  1.000 10.273 ? 45  PRO AAA N   1 ? 
ATOM   38   C  CA  . PRO A 1 6   ? -6.708  -14.265 -3.900  1.000 10.537 ? 45  PRO AAA CA  1 ? 
ATOM   39   C  C   . PRO A 1 6   ? -5.316  -14.368 -3.321  1.000 10.790 ? 45  PRO AAA C   1 ? 
ATOM   40   O  O   . PRO A 1 6   ? -5.017  -13.948 -2.215  1.000 11.829 ? 45  PRO AAA O   1 ? 
ATOM   41   C  CB  . PRO A 1 6   ? -6.846  -12.954 -4.702  1.000 11.275 ? 45  PRO AAA CB  1 ? 
ATOM   42   C  CG  . PRO A 1 6   ? -7.307  -11.959 -3.645  1.000 10.767 ? 45  PRO AAA CG  1 ? 
ATOM   43   C  CD  . PRO A 1 6   ? -8.197  -12.761 -2.713  1.000 10.706 ? 45  PRO AAA CD  1 ? 
ATOM   44   N  N   . PRO A 1 7   ? -4.369  -14.921 -4.121  1.000 11.700 ? 46  PRO AAA N   1 ? 
ATOM   45   C  CA  . PRO A 1 7   ? -2.979  -14.829 -3.751  1.000 12.151 ? 46  PRO AAA CA  1 ? 
ATOM   46   C  C   . PRO A 1 7   ? -2.605  -13.354 -3.586  1.000 12.591 ? 46  PRO AAA C   1 ? 
ATOM   47   O  O   . PRO A 1 7   ? -3.152  -12.500 -4.252  1.000 12.651 ? 46  PRO AAA O   1 ? 
ATOM   48   C  CB  . PRO A 1 7   ? -2.227  -15.366 -4.998  1.000 13.203 ? 46  PRO AAA CB  1 ? 
ATOM   49   C  CG  . PRO A 1 7   ? -3.233  -15.688 -6.035  1.000 18.732 ? 46  PRO AAA CG  1 ? 
ATOM   50   C  CD  . PRO A 1 7   ? -4.610  -15.434 -5.470  1.000 13.005 ? 46  PRO AAA CD  1 ? 
ATOM   51   N  N   . PRO A 1 8   ? -1.698  -13.018 -2.675  1.000 12.727 ? 47  PRO AAA N   1 ? 
ATOM   52   C  CA  . PRO A 1 8   ? -1.290  -11.627 -2.514  1.000 14.063 ? 47  PRO AAA CA  1 ? 
ATOM   53   C  C   . PRO A 1 8   ? -0.485  -11.083 -3.691  1.000 12.222 ? 47  PRO AAA C   1 ? 
ATOM   54   O  O   . PRO A 1 8   ? -0.056  -11.857 -4.568  1.000 13.576 ? 47  PRO AAA O   1 ? 
ATOM   55   C  CB  . PRO A 1 8   ? -0.480  -11.687 -1.209  1.000 18.266 ? 47  PRO AAA CB  1 ? 
ATOM   56   C  CG  . PRO A 1 8   ? 0.152   -13.054 -1.265  1.000 18.439 ? 47  PRO AAA CG  1 ? 
ATOM   57   C  CD  . PRO A 1 8   ? -0.978  -13.923 -1.766  1.000 16.030 ? 47  PRO AAA CD  1 ? 
ATOM   58   N  N   . PRO A 1 9   ? -0.293  -9.764  -3.827  1.000 11.541 ? 48  PRO AAA N   1 ? 
ATOM   59   C  CA  . PRO A 1 9   ? 0.527   -9.249  -4.910  1.000 11.493 ? 48  PRO AAA CA  1 ? 
ATOM   60   C  C   . PRO A 1 9   ? 1.945   -9.799  -4.752  1.000 12.456 ? 48  PRO AAA C   1 ? 
ATOM   61   O  O   . PRO A 1 9   ? 2.390   -10.068 -3.665  1.000 12.678 ? 48  PRO AAA O   1 ? 
ATOM   62   C  CB  . PRO A 1 9   ? 0.486   -7.721  -4.736  1.000 11.181 ? 48  PRO AAA CB  1 ? 
ATOM   63   C  CG  . PRO A 1 9   ? -0.763  -7.488  -3.896  1.000 11.056 ? 48  PRO AAA CG  1 ? 
ATOM   64   C  CD  . PRO A 1 9   ? -0.886  -8.679  -3.001  1.000 10.963 ? 48  PRO AAA CD  1 ? 
ATOM   65   N  N   . GLU A 1 10  ? 2.579   -9.945  -5.944  1.000 13.756 ? 49  GLU AAA N   1 ? 
ATOM   66   C  CA  . GLU A 1 10  ? 3.958   -10.412 -6.042  1.000 14.096 ? 49  GLU AAA CA  1 ? 
ATOM   67   C  C   . GLU A 1 10  ? 4.900   -9.599  -5.140  1.000 12.756 ? 49  GLU AAA C   1 ? 
ATOM   68   O  O   . GLU A 1 10  ? 4.884   -8.364  -5.236  1.000 12.452 ? 49  GLU AAA O   1 ? 
ATOM   69   C  CB  . GLU A 1 10  ? 4.416   -10.307 -7.518  1.000 13.902 ? 49  GLU AAA CB  1 ? 
ATOM   70   C  CG  . GLU A 1 10  ? 5.750   -10.963 -7.780  1.000 16.689 ? 49  GLU AAA CG  1 ? 
ATOM   71   C  CD  . GLU A 1 10  ? 6.081   -10.922 -9.231  1.000 17.803 ? 49  GLU AAA CD  1 ? 
ATOM   72   O  OE1 . GLU A 1 10  ? 6.060   -12.014 -9.866  1.000 21.305 ? 49  GLU AAA OE1 1 ? 
ATOM   73   O  OE2 . GLU A 1 10  ? 6.419   -9.862  -9.706  1.000 17.185 ? 49  GLU AAA OE2 1 ? 
ATOM   74   N  N   . THR A 1 11  ? 5.774   -10.233 -4.358  1.000 12.374 ? 50  THR AAA N   1 ? 
ATOM   75   C  CA  . THR A 1 11  ? 6.823   -9.520  -3.638  1.000 13.270 ? 50  THR AAA CA  1 ? 
ATOM   76   C  C   . THR A 1 11  ? 8.236   -10.048 -3.935  1.000 12.408 ? 50  THR AAA C   1 ? 
ATOM   77   O  O   . THR A 1 11  ? 9.178   -9.445  -3.460  1.000 13.511 ? 50  THR AAA O   1 ? 
ATOM   78   C  CB  . THR A 1 11  ? 6.572   -9.564  -2.141  1.000 13.574 ? 50  THR AAA CB  1 ? 
ATOM   79   O  OG1 . THR A 1 11  ? 6.362   -10.953 -1.819  1.000 16.271 ? 50  THR AAA OG1 1 ? 
ATOM   80   C  CG2 . THR A 1 11  ? 5.289   -8.824  -1.790  1.000 14.378 ? 50  THR AAA CG2 1 ? 
ATOM   81   N  N   . SER A 1 12  ? 8.312   -11.122 -4.710  1.000 12.872 ? 51  SER AAA N   1 ? 
ATOM   82   C  CA  . SER A 1 12  ? 9.592   -11.754 -5.022  1.000 13.885 ? 51  SER AAA CA  1 ? 
ATOM   83   C  C   . SER A 1 12  ? 9.484   -12.251 -6.449  1.000 15.105 ? 51  SER AAA C   1 ? 
ATOM   84   O  O   . SER A 1 12  ? 8.562   -13.000 -6.803  1.000 16.760 ? 51  SER AAA O   1 ? 
ATOM   85   C  CB  . SER A 1 12  ? 9.742   -12.939 -4.082  1.000 16.165 ? 51  SER AAA CB  1 ? 
ATOM   86   O  OG  . SER A 1 12  ? 10.927  -13.681 -4.383  1.000 18.565 ? 51  SER AAA OG  1 ? 
ATOM   87   N  N   . ASN A 1 13  ? 10.480  -11.903 -7.277  1.000 12.455 ? 52  ASN AAA N   1 ? 
ATOM   88   C  CA  . ASN A 1 13  ? 10.546  -12.443 -8.623  1.000 12.601 ? 52  ASN AAA CA  1 ? 
ATOM   89   C  C   . ASN A 1 13  ? 11.934  -12.144 -9.144  1.000 10.589 ? 52  ASN AAA C   1 ? 
ATOM   90   O  O   . ASN A 1 13  ? 12.228  -11.017 -9.536  1.000 10.275 ? 52  ASN AAA O   1 ? 
ATOM   91   C  CB  . ASN A 1 13  ? 9.525   -11.858 -9.605  1.000 13.881 ? 52  ASN AAA CB  1 ? 
ATOM   92   C  CG  . ASN A 1 13  ? 9.604   -12.540 -10.963 1.000 13.781 ? 52  ASN AAA CG  1 ? 
ATOM   93   O  OD1 . ASN A 1 13  ? 10.563  -13.243 -11.278 1.000 16.166 ? 52  ASN AAA OD1 1 ? 
ATOM   94   N  ND2 . ASN A 1 13  ? 8.558   -12.373 -11.769 1.000 20.778 ? 52  ASN AAA ND2 1 ? 
ATOM   95   N  N   . PRO A 1 14  ? 12.856  -13.123 -9.206  1.000 10.059 ? 53  PRO AAA N   1 ? 
ATOM   96   C  CA  . PRO A 1 14  ? 14.198  -12.878 -9.730  1.000 10.867 ? 53  PRO AAA CA  1 ? 
ATOM   97   C  C   . PRO A 1 14  ? 14.281  -12.369 -11.149 1.000 11.708 ? 53  PRO AAA C   1 ? 
ATOM   98   O  O   . PRO A 1 14  ? 15.315  -11.807 -11.477 1.000 13.438 ? 53  PRO AAA O   1 ? 
ATOM   99   C  CB  . PRO A 1 14  ? 14.869  -14.264 -9.671  1.000 11.393 ? 53  PRO AAA CB  1 ? 
ATOM   100  C  CG  . PRO A 1 14  ? 14.211  -14.877 -8.478  1.000 12.094 ? 53  PRO AAA CG  1 ? 
ATOM   101  C  CD  . PRO A 1 14  ? 12.738  -14.466 -8.612  1.000 11.403 ? 53  PRO AAA CD  1 ? 
ATOM   102  N  N   . ASN A 1 15  ? 13.251  -12.572 -11.960 1.000 11.027 ? 54  ASN AAA N   1 ? 
ATOM   103  C  CA  . ASN A 1 15  ? 13.329  -12.124 -13.347 1.000 11.702 ? 54  ASN AAA CA  1 ? 
ATOM   104  C  C   . ASN A 1 15  ? 13.102  -10.618 -13.457 1.000 11.708 ? 54  ASN AAA C   1 ? 
ATOM   105  O  O   . ASN A 1 15  ? 13.367  -10.052 -14.511 1.000 12.558 ? 54  ASN AAA O   1 ? 
ATOM   106  C  CB  . ASN A 1 15  ? 12.271  -12.831 -14.175 1.000 12.686 ? 54  ASN AAA CB  1 ? 
ATOM   107  C  CG  . ASN A 1 15  ? 12.608  -14.308 -14.302 1.000 11.474 ? 54  ASN AAA CG  1 ? 
ATOM   108  O  OD1 . ASN A 1 15  ? 13.790  -14.671 -14.451 1.000 14.088 ? 54  ASN AAA OD1 1 ? 
ATOM   109  N  ND2 . ASN A 1 15  ? 11.598  -15.158 -14.213 1.000 15.101 ? 54  ASN AAA ND2 1 ? 
ATOM   110  N  N   . LYS A 1 16  ? 12.548  -9.968  -12.428 1.000 11.057 ? 55  LYS AAA N   1 ? 
ATOM   111  C  CA  . LYS A 1 16  ? 12.298  -8.527  -12.507 1.000 11.140 ? 55  LYS AAA CA  1 ? 
ATOM   112  C  C   . LYS A 1 16  ? 13.560  -7.784  -12.078 1.000 11.512 ? 55  LYS AAA C   1 ? 
ATOM   113  O  O   . LYS A 1 16  ? 14.069  -7.947  -10.991 1.000 12.764 ? 55  LYS AAA O   1 ? 
ATOM   114  C  CB  . LYS A 1 16  ? 11.165  -8.194  -11.539 1.000 10.728 ? 55  LYS AAA CB  1 ? 
ATOM   115  C  CG  . LYS A 1 16  ? 10.776  -6.712  -11.496 1.000 11.442 ? 55  LYS AAA CG  1 ? 
ATOM   116  C  CD  . LYS A 1 16  ? 9.637   -6.402  -10.489 1.000 11.905 ? 55  LYS AAA CD  1 ? 
ATOM   117  C  CE  . LYS A 1 16  ? 9.041   -4.999  -10.594 1.000 12.090 ? 55  LYS AAA CE  1 ? 
ATOM   118  N  NZ  . LYS A 1 16  ? 10.023  -3.917  -10.359 1.000 9.934  ? 55  LYS AAA NZ  1 ? 
ATOM   119  N  N   . PRO A 1 17  ? 14.103  -6.875  -12.929 1.000 12.782 ? 56  PRO AAA N   1 ? 
ATOM   120  C  CA  . PRO A 1 17  ? 15.306  -6.109  -12.545 1.000 12.505 ? 56  PRO AAA CA  1 ? 
ATOM   121  C  C   . PRO A 1 17  ? 15.051  -5.191  -11.349 1.000 12.346 ? 56  PRO AAA C   1 ? 
ATOM   122  O  O   . PRO A 1 17  ? 13.968  -4.647  -11.259 1.000 11.944 ? 56  PRO AAA O   1 ? 
ATOM   123  C  CB  . PRO A 1 17  ? 15.683  -5.345  -13.841 1.000 13.330 ? 56  PRO AAA CB  1 ? 
ATOM   124  C  CG  . PRO A 1 17  ? 14.981  -6.074  -14.920 1.000 17.213 ? 56  PRO AAA CG  1 ? 
ATOM   125  C  CD  . PRO A 1 17  ? 13.696  -6.615  -14.313 1.000 12.339 ? 56  PRO AAA CD  1 ? 
ATOM   126  N  N   . LYS A 1 18  ? 16.046  -5.079  -10.479 1.000 12.742 ? 57  LYS AAA N   1 ? 
ATOM   127  C  CA  . LYS A 1 18  ? 15.849  -4.390  -9.200  1.000 12.458 ? 57  LYS AAA CA  1 ? 
ATOM   128  C  C   . LYS A 1 18  ? 16.831  -3.250  -9.137  1.000 12.434 ? 57  LYS AAA C   1 ? 
ATOM   129  O  O   . LYS A 1 18  ? 17.932  -3.412  -9.649  1.000 13.315 ? 57  LYS AAA O   1 ? 
ATOM   130  C  CB  . LYS A 1 18  ? 16.115  -5.340  -8.018  1.000 11.912 ? 57  LYS AAA CB  1 ? 
ATOM   131  C  CG  . LYS A 1 18  ? 15.436  -6.668  -8.170  1.000 12.707 ? 57  LYS AAA CG  1 ? 
ATOM   132  C  CD  . LYS A 1 18  ? 13.909  -6.434  -8.222  1.000 13.082 ? 57  LYS AAA CD  1 ? 
ATOM   133  C  CE  . LYS A 1 18  ? 13.161  -7.669  -7.793  1.000 13.260 ? 57  LYS AAA CE  1 ? 
ATOM   134  N  NZ  . LYS A 1 18  ? 13.703  -8.876  -8.479  1.000 10.679 ? 57  LYS AAA NZ  1 ? 
ATOM   135  N  N   . ARG A 1 19  ? 16.498  -2.201  -8.403  1.000 11.614 ? 58  ARG AAA N   1 ? 
ATOM   136  C  CA  . ARG A 1 19  ? 17.528  -1.200  -8.167  1.000 13.227 ? 58  ARG AAA CA  1 ? 
ATOM   137  C  C   . ARG A 1 19  ? 17.220  -0.547  -6.844  1.000 15.194 ? 58  ARG AAA C   1 ? 
ATOM   138  O  O   . ARG A 1 19  ? 16.072  -0.346  -6.540  1.000 20.561 ? 58  ARG AAA O   1 ? 
ATOM   139  C  CB  . ARG A 1 19  ? 17.498  -0.233  -9.379  1.000 16.342 ? 58  ARG AAA CB  1 ? 
ATOM   140  C  CG  . ARG A 1 19  ? 18.399  0.992   -9.305  1.000 16.818 ? 58  ARG AAA CG  1 ? 
ATOM   141  C  CD  . ARG A 1 19  ? 18.038  1.612   -10.648 1.000 13.042 ? 58  ARG AAA CD  1 ? 
ATOM   142  N  NE  . ARG A 1 19  ? 16.768  2.309   -10.770 1.000 12.849 ? 58  ARG AAA NE  1 ? 
ATOM   143  C  CZ  . ARG A 1 19  ? 16.605  3.410   -11.469 1.000 11.494 ? 58  ARG AAA CZ  1 ? 
ATOM   144  N  NH1 . ARG A 1 19  ? 17.605  3.940   -12.181 1.000 14.643 ? 58  ARG AAA NH1 1 ? 
ATOM   145  N  NH2 . ARG A 1 19  ? 15.447  4.033   -11.382 1.000 13.195 ? 58  ARG AAA NH2 1 ? 
ATOM   146  N  N   . GLN A 1 20  ? 18.281  -0.136  -6.159  1.000 15.876 ? 59  GLN AAA N   1 ? 
ATOM   147  C  CA  . GLN A 1 20  ? 18.172  0.791   -5.048  1.000 18.832 ? 59  GLN AAA CA  1 ? 
ATOM   148  C  C   . GLN A 1 20  ? 18.346  2.198   -5.612  1.000 18.624 ? 59  GLN AAA C   1 ? 
ATOM   149  O  O   . GLN A 1 20  ? 19.233  2.474   -6.452  1.000 21.150 ? 59  GLN AAA O   1 ? 
ATOM   150  C  CB  . GLN A 1 20  ? 19.242  0.472   -4.000  1.000 23.558 ? 59  GLN AAA CB  1 ? 
ATOM   151  C  CG  . GLN A 1 20  ? 18.908  -0.758  -3.160  1.000 28.917 ? 59  GLN AAA CG  1 ? 
ATOM   152  C  CD  . GLN A 1 20  ? 20.067  -1.353  -2.385  1.000 39.292 ? 59  GLN AAA CD  1 ? 
ATOM   153  O  OE1 . GLN A 1 20  ? 19.881  -2.046  -1.379  1.000 46.455 ? 59  GLN AAA OE1 1 ? 
ATOM   154  N  NE2 . GLN A 1 20  ? 21.282  -1.120  -2.859  1.000 42.399 ? 59  GLN AAA NE2 1 ? 
ATOM   155  N  N   . THR A 1 21  ? 17.423  3.093   -5.231  1.000 15.082 ? 60  THR AAA N   1 ? 
ATOM   156  C  CA  . THR A 1 21  ? 17.625  4.507   -5.516  1.000 13.572 ? 60  THR AAA CA  1 ? 
ATOM   157  C  C   . THR A 1 21  ? 17.454  5.280   -4.203  1.000 12.233 ? 60  THR AAA C   1 ? 
ATOM   158  O  O   . THR A 1 21  ? 16.836  4.795   -3.233  1.000 12.174 ? 60  THR AAA O   1 ? 
ATOM   159  C  CB  . THR A 1 21  ? 16.721  5.102   -6.603  1.000 13.809 ? 60  THR AAA CB  1 ? 
ATOM   160  O  OG1 . THR A 1 21  ? 15.402  5.223   -6.060  1.000 13.973 ? 60  THR AAA OG1 1 ? 
ATOM   161  C  CG2 . THR A 1 21  ? 16.657  4.277   -7.875  1.000 14.188 ? 60  THR AAA CG2 1 ? 
ATOM   162  N  N   . ASN A 1 22  ? 18.021  6.502   -4.169  1.000 12.851 ? 61  ASN AAA N   1 ? 
ATOM   163  C  CA  . ASN A 1 22  ? 17.856  7.339   -2.987  1.000 12.391 ? 61  ASN AAA CA  1 ? 
ATOM   164  C  C   . ASN A 1 22  ? 16.367  7.629   -2.718  1.000 10.587 ? 61  ASN AAA C   1 ? 
ATOM   165  O  O   . ASN A 1 22  ? 15.938  7.750   -1.578  1.000 11.514 ? 61  ASN AAA O   1 ? 
ATOM   166  C  CB  . ASN A 1 22  ? 18.661  8.644   -3.071  1.000 12.835 ? 61  ASN AAA CB  1 ? 
ATOM   167  C  CG  . ASN A 1 22  ? 18.161  9.565   -4.165  1.000 13.387 ? 61  ASN AAA CG  1 ? 
ATOM   168  O  OD1 . ASN A 1 22  ? 17.944  9.164   -5.302  1.000 15.676 ? 61  ASN AAA OD1 1 ? 
ATOM   169  N  ND2 . ASN A 1 22  ? 17.968  10.824  -3.811  1.000 15.661 ? 61  ASN AAA ND2 1 ? 
ATOM   170  N  N   . GLN A 1 23  ? 15.585  7.687   -3.808  1.000 10.560 ? 62  GLN AAA N   1 ? 
ATOM   171  C  CA  . GLN A 1 23  ? 14.145  7.913   -3.659  1.000 10.097 ? 62  GLN AAA CA  1 ? 
ATOM   172  C  C   . GLN A 1 23  ? 13.452  6.711   -3.003  1.000 9.532  ? 62  GLN AAA C   1 ? 
ATOM   173  O  O   . GLN A 1 23  ? 12.598  6.878   -2.125  1.000 10.136 ? 62  GLN AAA O   1 ? 
ATOM   174  C  CB  . GLN A 1 23  ? 13.468  8.239   -4.982  1.000 10.552 ? 62  GLN AAA CB  1 ? 
ATOM   175  C  CG  . GLN A 1 23  ? 14.012  9.546   -5.567  1.000 12.233 ? 62  GLN AAA CG  1 ? 
ATOM   176  C  CD  . GLN A 1 23  ? 13.255  9.876   -6.820  1.000 13.199 ? 62  GLN AAA CD  1 ? 
ATOM   177  O  OE1 . GLN A 1 23  ? 12.857  9.001   -7.582  1.000 13.551 ? 62  GLN AAA OE1 1 ? 
ATOM   178  N  NE2 . GLN A 1 23  ? 13.148  11.169  -7.074  1.000 13.376 ? 62  GLN AAA NE2 1 ? 
ATOM   179  N  N   . LEU A 1 24  ? 13.844  5.493   -3.423  1.000 10.076 ? 63  LEU AAA N   1 ? 
ATOM   180  C  CA  . LEU A 1 24  ? 13.268  4.300   -2.812  1.000 9.738  ? 63  LEU AAA CA  1 ? 
ATOM   181  C  C   . LEU A 1 24  ? 13.711  4.179   -1.356  1.000 10.896 ? 63  LEU AAA C   1 ? 
ATOM   182  O  O   . LEU A 1 24  ? 12.933  3.751   -0.501  1.000 10.898 ? 63  LEU AAA O   1 ? 
ATOM   183  C  CB  . LEU A 1 24  ? 13.640  3.061   -3.635  1.000 11.155 ? 63  LEU AAA CB  1 ? 
ATOM   184  C  CG  . LEU A 1 24  ? 12.802  2.899   -4.898  1.000 10.865 ? 63  LEU AAA CG  1 ? 
ATOM   185  C  CD1 . LEU A 1 24  ? 13.486  1.945   -5.893  1.000 12.453 ? 63  LEU AAA CD1 1 ? 
ATOM   186  C  CD2 . LEU A 1 24  ? 11.405  2.405   -4.519  1.000 10.828 ? 63  LEU AAA CD2 1 ? 
ATOM   187  N  N   . GLN A 1 25  ? 14.949  4.586   -1.037  1.000 10.839 ? 64  GLN AAA N   1 ? 
ATOM   188  C  CA  . GLN A 1 25  ? 15.380  4.591   0.359   1.000 12.265 ? 64  GLN AAA CA  1 ? 
ATOM   189  C  C   . GLN A 1 25  ? 14.535  5.544   1.209   1.000 11.413 ? 64  GLN AAA C   1 ? 
ATOM   190  O  O   . GLN A 1 25  ? 14.145  5.185   2.311   1.000 12.975 ? 64  GLN AAA O   1 ? 
ATOM   191  C  CB  . GLN A 1 25  ? 16.872  4.937   0.426   1.000 14.623 ? 64  GLN AAA CB  1 ? 
ATOM   192  C  CG  . GLN A 1 25  ? 17.758  3.785   -0.041  1.000 18.969 ? 64  GLN AAA CG  1 ? 
ATOM   193  C  CD  . GLN A 1 25  ? 19.131  4.231   -0.488  0.500 19.796 ? 64  GLN AAA CD  1 ? 
ATOM   194  O  OE1 . GLN A 1 25  ? 19.515  5.385   -0.330  0.500 21.465 ? 64  GLN AAA OE1 1 ? 
ATOM   195  N  NE2 . GLN A 1 25  ? 19.876  3.308   -1.074  0.500 23.981 ? 64  GLN AAA NE2 1 ? 
ATOM   196  N  N   . TYR A 1 26  ? 14.232  6.730   0.669   1.000 11.436 ? 65  TYR AAA N   1 ? 
ATOM   197  C  CA  . TYR A 1 26  ? 13.340  7.662   1.331   1.000 10.971 ? 65  TYR AAA CA  1 ? 
ATOM   198  C  C   . TYR A 1 26  ? 11.928  7.087   1.519   1.000 10.729 ? 65  TYR AAA C   1 ? 
ATOM   199  O  O   . TYR A 1 26  ? 11.310  7.252   2.576   1.000 10.921 ? 65  TYR AAA O   1 ? 
ATOM   200  C  CB  . TYR A 1 26  ? 13.320  8.939   0.498   1.000 11.542 ? 65  TYR AAA CB  1 ? 
ATOM   201  C  CG  . TYR A 1 26  ? 12.378  10.008  1.022   1.000 10.910 ? 65  TYR AAA CG  1 ? 
ATOM   202  C  CD1 . TYR A 1 26  ? 11.066  10.086  0.571   1.000 11.964 ? 65  TYR AAA CD1 1 ? 
ATOM   203  C  CD2 . TYR A 1 26  ? 12.823  11.012  1.891   1.000 12.402 ? 65  TYR AAA CD2 1 ? 
ATOM   204  C  CE1 . TYR A 1 26  ? 10.190  11.062  1.023   1.000 11.591 ? 65  TYR AAA CE1 1 ? 
ATOM   205  C  CE2 . TYR A 1 26  ? 11.973  12.033  2.300   1.000 12.638 ? 65  TYR AAA CE2 1 ? 
ATOM   206  C  CZ  . TYR A 1 26  ? 10.663  12.070  1.846   1.000 11.327 ? 65  TYR AAA CZ  1 ? 
ATOM   207  O  OH  . TYR A 1 26  ? 9.826   13.079  2.273   1.000 13.046 ? 65  TYR AAA OH  1 ? 
ATOM   208  N  N   . LEU A 1 27  ? 11.421  6.391   0.494   1.000 9.419  ? 66  LEU AAA N   1 ? 
ATOM   209  C  CA  . LEU A 1 27  ? 10.106  5.768   0.643   1.000 10.340 ? 66  LEU AAA CA  1 ? 
ATOM   210  C  C   . LEU A 1 27  ? 10.068  4.749   1.783   1.000 10.494 ? 66  LEU AAA C   1 ? 
ATOM   211  O  O   . LEU A 1 27  ? 9.025   4.616   2.441   1.000 12.460 ? 66  LEU AAA O   1 ? 
ATOM   212  C  CB  . LEU A 1 27  ? 9.730   5.145   -0.700  1.000 10.529 ? 66  LEU AAA CB  1 ? 
ATOM   213  C  CG  . LEU A 1 27  ? 9.179   6.170   -1.695  1.000 11.009 ? 66  LEU AAA CG  1 ? 
ATOM   214  C  CD1 . LEU A 1 27  ? 9.262   5.671   -3.114  1.000 12.677 ? 66  LEU AAA CD1 1 ? 
ATOM   215  C  CD2 . LEU A 1 27  ? 7.729   6.492   -1.378  1.000 15.346 ? 66  LEU AAA CD2 1 ? 
ATOM   216  N  N   . LEU A 1 28  ? 11.136  4.014   2.039   1.000 10.206 ? 67  LEU AAA N   1 ? 
ATOM   217  C  CA  . LEU A 1 28  ? 11.164  3.057   3.143   1.000 11.310 ? 67  LEU AAA CA  1 ? 
ATOM   218  C  C   . LEU A 1 28  ? 11.390  3.781   4.464   1.000 12.414 ? 67  LEU AAA C   1 ? 
ATOM   219  O  O   . LEU A 1 28  ? 10.660  3.561   5.443   1.000 13.398 ? 67  LEU AAA O   1 ? 
ATOM   220  C  CB  . LEU A 1 28  ? 12.240  2.006   2.904   1.000 13.070 ? 67  LEU AAA CB  1 ? 
ATOM   221  C  CG  . LEU A 1 28  ? 12.419  0.999   4.048   1.000 13.792 ? 67  LEU AAA CG  1 ? 
ATOM   222  C  CD1 . LEU A 1 28  ? 11.115  0.296   4.368   1.000 15.121 ? 67  LEU AAA CD1 1 ? 
ATOM   223  C  CD2 . LEU A 1 28  ? 13.466  -0.043  3.658   1.000 16.614 ? 67  LEU AAA CD2 1 ? 
ATOM   224  N  N   . ARG A 1 29  ? 12.439  4.608   4.517   1.000 12.712 ? 68  ARG AAA N   1 ? 
ATOM   225  C  CA  . ARG A 1 29  ? 12.934  5.127   5.794   1.000 14.102 ? 68  ARG AAA CA  1 ? 
ATOM   226  C  C   . ARG A 1 29  ? 12.088  6.289   6.280   1.000 14.160 ? 68  ARG AAA C   1 ? 
ATOM   227  O  O   . ARG A 1 29  ? 12.085  6.525   7.501   1.000 17.662 ? 68  ARG AAA O   1 ? 
ATOM   228  C  CB  . ARG A 1 29  ? 14.401  5.562   5.657   1.000 16.179 ? 68  ARG AAA CB  1 ? 
ATOM   229  C  CG  . ARG A 1 29  ? 15.376  4.441   5.306   1.000 20.666 ? 68  ARG AAA CG  1 ? 
ATOM   230  C  CD  . ARG A 1 29  ? 16.812  4.963   5.213   1.000 24.878 ? 68  ARG AAA CD  1 ? 
ATOM   231  N  NE  . ARG A 1 29  ? 17.784  4.130   4.501   0.500 22.678 ? 68  ARG AAA NE  1 ? 
ATOM   232  C  CZ  . ARG A 1 29  ? 18.757  4.583   3.698   0.500 24.280 ? 68  ARG AAA CZ  1 ? 
ATOM   233  N  NH1 . ARG A 1 29  ? 18.894  5.877   3.456   0.500 26.722 ? 68  ARG AAA NH1 1 ? 
ATOM   234  N  NH2 . ARG A 1 29  ? 19.585  3.733   3.115   0.500 26.179 ? 68  ARG AAA NH2 1 ? 
ATOM   235  N  N   . VAL A 1 30  ? 11.416  7.021   5.393   1.000 12.954 ? 69  VAL AAA N   1 ? 
ATOM   236  C  CA  . VAL A 1 30  ? 10.601  8.175   5.762   1.000 13.320 ? 69  VAL AAA CA  1 ? 
ATOM   237  C  C   . VAL A 1 30  ? 9.108   7.881   5.563   1.000 13.612 ? 69  VAL AAA C   1 ? 
ATOM   238  O  O   . VAL A 1 30  ? 8.298   8.062   6.497   1.000 15.006 ? 69  VAL AAA O   1 ? 
ATOM   239  C  CB  . VAL A 1 30  ? 11.057  9.460   5.046   1.000 13.174 ? 69  VAL AAA CB  1 ? 
ATOM   240  C  CG1 . VAL A 1 30  ? 10.146  10.614  5.448   1.000 15.140 ? 69  VAL AAA CG1 1 ? 
ATOM   241  C  CG2 . VAL A 1 30  ? 12.503  9.808   5.397   1.000 13.217 ? 69  VAL AAA CG2 1 ? 
ATOM   242  N  N   . VAL A 1 31  ? 8.709   7.525   4.342   1.000 12.455 ? 70  VAL AAA N   1 ? 
ATOM   243  C  CA  . VAL A 1 31  ? 7.298   7.451   4.049   1.000 13.021 ? 70  VAL AAA CA  1 ? 
ATOM   244  C  C   . VAL A 1 31  ? 6.668   6.242   4.741   1.000 11.780 ? 70  VAL AAA C   1 ? 
ATOM   245  O  O   . VAL A 1 31  ? 5.692   6.392   5.493   1.000 13.749 ? 70  VAL AAA O   1 ? 
ATOM   246  C  CB  . VAL A 1 31  ? 7.033   7.458   2.536   1.000 12.453 ? 70  VAL AAA CB  1 ? 
ATOM   247  C  CG1 . VAL A 1 31  ? 5.519   7.390   2.243   1.000 13.851 ? 70  VAL AAA CG1 1 ? 
ATOM   248  C  CG2 . VAL A 1 31  ? 7.649   8.667   1.849   1.000 13.987 ? 70  VAL AAA CG2 1 ? 
ATOM   249  N  N   . LEU A 1 32  ? 7.174   5.044   4.450   1.000 11.991 ? 71  LEU AAA N   1 ? 
ATOM   250  C  CA  . LEU A 1 32  ? 6.581   3.853   5.034   1.000 13.055 ? 71  LEU AAA CA  1 ? 
ATOM   251  C  C   . LEU A 1 32  ? 6.711   3.936   6.553   1.000 13.815 ? 71  LEU AAA C   1 ? 
ATOM   252  O  O   . LEU A 1 32  ? 5.726   3.634   7.266   1.000 14.187 ? 71  LEU AAA O   1 ? 
ATOM   253  C  CB  . LEU A 1 32  ? 7.249   2.584   4.503   1.000 13.757 ? 71  LEU AAA CB  1 ? 
ATOM   254  C  CG  . LEU A 1 32  ? 6.638   1.296   5.081   1.000 16.014 ? 71  LEU AAA CG  1 ? 
ATOM   255  C  CD1 . LEU A 1 32  ? 5.219   1.068   4.568   1.000 15.966 ? 71  LEU AAA CD1 1 ? 
ATOM   256  C  CD2 . LEU A 1 32  ? 7.539   0.083   4.924   1.000 20.205 ? 71  LEU AAA CD2 1 ? 
ATOM   257  N  N   . LYS A 1 33  ? 7.875   4.334   7.063   1.000 14.946 ? 72  LYS AAA N   1 ? 
ATOM   258  C  CA  . LYS A 1 33  ? 8.077   4.437   8.517   1.000 18.124 ? 72  LYS AAA CA  1 ? 
ATOM   259  C  C   . LYS A 1 33  ? 6.996   5.297   9.176   1.000 17.298 ? 72  LYS AAA C   1 ? 
ATOM   260  O  O   . LYS A 1 33  ? 6.426   4.891   10.211  1.000 21.108 ? 72  LYS AAA O   1 ? 
ATOM   261  C  CB  . LYS A 1 33  ? 9.460   5.046   8.803   1.000 20.037 ? 72  LYS AAA CB  1 ? 
ATOM   262  C  CG  . LYS A 1 33  ? 9.809   5.144   10.287  0.500 21.029 ? 72  LYS AAA CG  1 ? 
ATOM   263  C  CD  . LYS A 1 33  ? 11.108  5.872   10.583  0.500 23.253 ? 72  LYS AAA CD  1 ? 
ATOM   264  C  CE  . LYS A 1 33  ? 11.054  7.361   10.310  0.500 25.194 ? 72  LYS AAA CE  1 ? 
ATOM   265  N  NZ  . LYS A 1 33  ? 11.105  8.133   11.573  0.500 27.319 ? 72  LYS AAA NZ  1 ? 
ATOM   266  N  N   . THR A 1 34  ? 6.685   6.440   8.561   1.000 14.959 ? 73  THR AAA N   1 ? 
ATOM   267  C  CA  . THR A 1 34  ? 5.712   7.418   9.068   1.000 17.332 ? 73  THR AAA CA  1 ? 
ATOM   268  C  C   . THR A 1 34  ? 4.321   6.770   9.096   1.000 15.856 ? 73  THR AAA C   1 ? 
ATOM   269  O  O   . THR A 1 34  ? 3.579   6.861   10.073  1.000 17.061 ? 73  THR AAA O   1 ? 
ATOM   270  C  CB  . THR A 1 34  ? 5.670   8.699   8.213   1.000 17.382 ? 73  THR AAA CB  1 ? 
ATOM   271  O  OG1 . THR A 1 34  ? 6.894   9.404   8.447   1.000 20.378 ? 73  THR AAA OG1 1 ? 
ATOM   272  C  CG2 . THR A 1 34  ? 4.518   9.633   8.556   1.000 20.119 ? 73  THR AAA CG2 1 ? 
ATOM   273  N  N   . LEU A 1 35  ? 3.913   6.154   7.989   1.000 13.973 ? 74  LEU AAA N   1 ? 
ATOM   274  C  CA  . LEU A 1 35  ? 2.543   5.683   7.881   1.000 13.529 ? 74  LEU AAA CA  1 ? 
ATOM   275  C  C   . LEU A 1 35  ? 2.386   4.395   8.690   1.000 12.094 ? 74  LEU AAA C   1 ? 
ATOM   276  O  O   . LEU A 1 35  ? 1.302   4.192   9.238   1.000 13.670 ? 74  LEU AAA O   1 ? 
ATOM   277  C  CB  . LEU A 1 35  ? 2.203   5.436   6.391   1.000 12.023 ? 74  LEU AAA CB  1 ? 
ATOM   278  C  CG  . LEU A 1 35  ? 1.654   6.644   5.610   1.000 15.434 ? 74  LEU AAA CG  1 ? 
ATOM   279  C  CD1 . LEU A 1 35  ? 2.608   7.825   5.485   1.000 16.125 ? 74  LEU AAA CD1 1 ? 
ATOM   280  C  CD2 . LEU A 1 35  ? 1.132   6.244   4.221   1.000 15.575 ? 74  LEU AAA CD2 1 ? 
ATOM   281  N  N   . TRP A 1 36  ? 3.387   3.532   8.773   1.000 12.016 ? 75  TRP AAA N   1 ? 
ATOM   282  C  CA  . TRP A 1 36  ? 3.231   2.218   9.383   1.000 12.876 ? 75  TRP AAA CA  1 ? 
ATOM   283  C  C   . TRP A 1 36  ? 2.905   2.353   10.872  1.000 13.262 ? 75  TRP AAA C   1 ? 
ATOM   284  O  O   . TRP A 1 36  ? 2.140   1.541   11.398  1.000 14.783 ? 75  TRP AAA O   1 ? 
ATOM   285  C  CB  . TRP A 1 36  ? 4.489   1.384   9.165   1.000 13.985 ? 75  TRP AAA CB  1 ? 
ATOM   286  C  CG  . TRP A 1 36  ? 4.375   -0.013  9.657   1.000 14.050 ? 75  TRP AAA CG  1 ? 
ATOM   287  C  CD1 . TRP A 1 36  ? 4.717   -0.510  10.888  1.000 15.849 ? 75  TRP AAA CD1 1 ? 
ATOM   288  C  CD2 . TRP A 1 36  ? 3.845   -1.120  8.908   1.000 12.612 ? 75  TRP AAA CD2 1 ? 
ATOM   289  N  NE1 . TRP A 1 36  ? 4.412   -1.837  10.955  1.000 16.004 ? 75  TRP AAA NE1 1 ? 
ATOM   290  C  CE2 . TRP A 1 36  ? 3.949   -2.268  9.720   1.000 13.363 ? 75  TRP AAA CE2 1 ? 
ATOM   291  C  CE3 . TRP A 1 36  ? 3.362   -1.265  7.591   1.000 12.093 ? 75  TRP AAA CE3 1 ? 
ATOM   292  C  CZ2 . TRP A 1 36  ? 3.484   -3.515  9.312   1.000 15.238 ? 75  TRP AAA CZ2 1 ? 
ATOM   293  C  CZ3 . TRP A 1 36  ? 2.946   -2.510  7.179   1.000 13.083 ? 75  TRP AAA CZ3 1 ? 
ATOM   294  C  CH2 . TRP A 1 36  ? 3.029   -3.621  8.010   1.000 13.684 ? 75  TRP AAA CH2 1 ? 
ATOM   295  N  N   . LYS A 1 37  ? 3.502   3.357   11.524  1.000 14.632 ? 76  LYS AAA N   1 ? 
ATOM   296  C  CA  . LYS A 1 37  ? 3.341   3.475   12.974  1.000 14.482 ? 76  LYS AAA CA  1 ? 
ATOM   297  C  C   . LYS A 1 37  ? 2.129   4.321   13.347  1.000 14.556 ? 76  LYS AAA C   1 ? 
ATOM   298  O  O   . LYS A 1 37  ? 1.824   4.460   14.551  1.000 15.316 ? 76  LYS AAA O   1 ? 
ATOM   299  C  CB  . LYS A 1 37  ? 4.621   4.025   13.608  1.000 19.209 ? 76  LYS AAA CB  1 ? 
ATOM   300  C  CG  . LYS A 1 37  ? 4.951   5.439   13.217  1.000 20.556 ? 76  LYS AAA CG  1 ? 
ATOM   301  C  CD  . LYS A 1 37  ? 6.274   5.883   13.865  1.000 25.318 ? 76  LYS AAA CD  1 ? 
ATOM   302  C  CE  . LYS A 1 37  ? 6.798   7.225   13.383  1.000 32.078 ? 76  LYS AAA CE  1 ? 
ATOM   303  N  NZ  . LYS A 1 37  ? 6.023   8.390   13.880  1.000 38.482 ? 76  LYS AAA NZ  1 ? 
ATOM   304  N  N   . HIS A 1 38  ? 1.407   4.886   12.381  1.000 13.989 ? 77  HIS AAA N   1 ? 
ATOM   305  C  CA  . HIS A 1 38  ? 0.253   5.719   12.643  1.000 13.278 ? 77  HIS AAA CA  1 ? 
ATOM   306  C  C   . HIS A 1 38  ? -0.854  4.917   13.330  1.000 11.706 ? 77  HIS AAA C   1 ? 
ATOM   307  O  O   . HIS A 1 38  ? -1.042  3.743   13.069  1.000 11.471 ? 77  HIS AAA O   1 ? 
ATOM   308  C  CB  . HIS A 1 38  ? -0.233  6.341   11.330  1.000 13.992 ? 77  HIS AAA CB  1 ? 
ATOM   309  C  CG  . HIS A 1 38  ? -1.198  7.455   11.492  1.000 13.690 ? 77  HIS AAA CG  1 ? 
ATOM   310  N  ND1 . HIS A 1 38  ? -2.556  7.271   11.754  1.000 12.934 ? 77  HIS AAA ND1 1 ? 
ATOM   311  C  CD2 . HIS A 1 38  ? -1.001  8.787   11.383  1.000 15.630 ? 77  HIS AAA CD2 1 ? 
ATOM   312  C  CE1 . HIS A 1 38  ? -3.136  8.432   11.855  1.000 13.823 ? 77  HIS AAA CE1 1 ? 
ATOM   313  N  NE2 . HIS A 1 38  ? -2.180  9.407   11.594  1.000 15.485 ? 77  HIS AAA NE2 1 ? 
ATOM   314  N  N   . GLN A 1 39  ? -1.582  5.614   14.229  1.000 11.844 ? 78  GLN AAA N   1 ? 
ATOM   315  C  CA  . GLN A 1 39  ? -2.708  5.008   14.937  1.000 11.848 ? 78  GLN AAA CA  1 ? 
ATOM   316  C  C   . GLN A 1 39  ? -3.714  4.328   14.007  1.000 10.695 ? 78  GLN AAA C   1 ? 
ATOM   317  O  O   . GLN A 1 39  ? -4.272  3.290   14.354  1.000 11.393 ? 78  GLN AAA O   1 ? 
ATOM   318  C  CB  . GLN A 1 39  ? -3.416  6.084   15.760  1.000 11.779 ? 78  GLN AAA CB  1 ? 
ATOM   319  C  CG  . GLN A 1 39  ? -4.543  5.528   16.629  1.000 13.275 ? 78  GLN AAA CG  1 ? 
ATOM   320  C  CD  . GLN A 1 39  ? -5.190  6.604   17.451  1.000 14.093 ? 78  GLN AAA CD  1 ? 
ATOM   321  O  OE1 . GLN A 1 39  ? -5.237  6.509   18.695  1.000 17.257 ? 78  GLN AAA OE1 1 ? 
ATOM   322  N  NE2 . GLN A 1 39  ? -5.635  7.649   16.793  1.000 13.548 ? 78  GLN AAA NE2 1 ? 
ATOM   323  N  N   . PHE A 1 40  ? -3.864  4.884   12.788  1.000 10.755 ? 79  PHE AAA N   1 ? 
ATOM   324  C  CA  . PHE A 1 40  ? -4.857  4.374   11.857  1.000 10.226 ? 79  PHE AAA CA  1 ? 
ATOM   325  C  C   . PHE A 1 40  ? -4.267  3.410   10.821  1.000 9.542  ? 79  PHE AAA C   1 ? 
ATOM   326  O  O   . PHE A 1 40  ? -4.985  3.054   9.873   1.000 10.470 ? 79  PHE AAA O   1 ? 
ATOM   327  C  CB  . PHE A 1 40  ? -5.481  5.552   11.103  1.000 10.700 ? 79  PHE AAA CB  1 ? 
ATOM   328  C  CG  . PHE A 1 40  ? -6.375  6.458   11.914  1.000 10.685 ? 79  PHE AAA CG  1 ? 
ATOM   329  C  CD1 . PHE A 1 40  ? -6.880  6.090   13.162  1.000 10.863 ? 79  PHE AAA CD1 1 ? 
ATOM   330  C  CD2 . PHE A 1 40  ? -6.729  7.712   11.390  1.000 11.854 ? 79  PHE AAA CD2 1 ? 
ATOM   331  C  CE1 . PHE A 1 40  ? -7.761  6.957   13.820  1.000 13.063 ? 79  PHE AAA CE1 1 ? 
ATOM   332  C  CE2 . PHE A 1 40  ? -7.579  8.576   12.064  1.000 13.761 ? 79  PHE AAA CE2 1 ? 
ATOM   333  C  CZ  . PHE A 1 40  ? -8.105  8.188   13.280  1.000 14.083 ? 79  PHE AAA CZ  1 ? 
ATOM   334  N  N   . ALA A 1 41  ? -3.035  2.926   11.006  1.000 10.395 ? 80  ALA AAA N   1 ? 
ATOM   335  C  CA  . ALA A 1 41  ? -2.413  2.072   10.014  1.000 9.760  ? 80  ALA AAA CA  1 ? 
ATOM   336  C  C   . ALA A 1 41  ? -3.013  0.684   9.938   1.000 9.548  ? 80  ALA AAA C   1 ? 
ATOM   337  O  O   . ALA A 1 41  ? -2.898  0.031   8.907   1.000 9.616  ? 80  ALA AAA O   1 ? 
ATOM   338  C  CB  . ALA A 1 41  ? -0.924  1.944   10.247  1.000 12.182 ? 80  ALA AAA CB  1 ? 
ATOM   339  N  N   . TRP A 1 42  ? -3.517  0.144   11.064  1.000 9.447  ? 81  TRP AAA N   1 ? 
ATOM   340  C  CA  . TRP A 1 42  ? -3.729  -1.285  11.185  1.000 9.193  ? 81  TRP AAA CA  1 ? 
ATOM   341  C  C   . TRP A 1 42  ? -4.614  -1.875  10.088  1.000 9.357  ? 81  TRP AAA C   1 ? 
ATOM   342  O  O   . TRP A 1 42  ? -4.308  -2.986  9.632   1.000 10.479 ? 81  TRP AAA O   1 ? 
ATOM   343  C  CB  . TRP A 1 42  ? -4.225  -1.693  12.601  1.000 10.221 ? 81  TRP AAA CB  1 ? 
ATOM   344  C  CG  . TRP A 1 42  ? -5.542  -1.090  13.018  1.000 10.162 ? 81  TRP AAA CG  1 ? 
ATOM   345  C  CD1 . TRP A 1 42  ? -5.697  0.115   13.673  1.000 10.232 ? 81  TRP AAA CD1 1 ? 
ATOM   346  C  CD2 . TRP A 1 42  ? -6.880  -1.576  12.746  1.000 11.425 ? 81  TRP AAA CD2 1 ? 
ATOM   347  N  NE1 . TRP A 1 42  ? -7.022  0.375   13.867  1.000 11.546 ? 81  TRP AAA NE1 1 ? 
ATOM   348  C  CE2 . TRP A 1 42  ? -7.760  -0.634  13.319  1.000 11.210 ? 81  TRP AAA CE2 1 ? 
ATOM   349  C  CE3 . TRP A 1 42  ? -7.437  -2.715  12.128  1.000 11.757 ? 81  TRP AAA CE3 1 ? 
ATOM   350  C  CZ2 . TRP A 1 42  ? -9.154  -0.768  13.279  1.000 13.391 ? 81  TRP AAA CZ2 1 ? 
ATOM   351  C  CZ3 . TRP A 1 42  ? -8.819  -2.846  12.073  1.000 13.026 ? 81  TRP AAA CZ3 1 ? 
ATOM   352  C  CH2 . TRP A 1 42  ? -9.651  -1.885  12.646  1.000 13.481 ? 81  TRP AAA CH2 1 ? 
ATOM   353  N  N   . PRO A 1 43  ? -5.659  -1.239  9.555   1.000 8.993  ? 82  PRO AAA N   1 ? 
ATOM   354  C  CA  . PRO A 1 43  ? -6.441  -1.876  8.496   1.000 9.149  ? 82  PRO AAA CA  1 ? 
ATOM   355  C  C   . PRO A 1 43  ? -5.669  -2.049  7.192   1.000 9.354  ? 82  PRO AAA C   1 ? 
ATOM   356  O  O   . PRO A 1 43  ? -6.137  -2.788  6.319   1.000 10.445 ? 82  PRO AAA O   1 ? 
ATOM   357  C  CB  . PRO A 1 43  ? -7.614  -0.916  8.232   1.000 9.388  ? 82  PRO AAA CB  1 ? 
ATOM   358  C  CG  . PRO A 1 43  ? -7.706  -0.087  9.527   1.000 9.716  ? 82  PRO AAA CG  1 ? 
ATOM   359  C  CD  . PRO A 1 43  ? -6.264  0.058   9.944   1.000 9.364  ? 82  PRO AAA CD  1 ? 
ATOM   360  N  N   . PHE A 1 44  ? -4.538  -1.351  7.069   1.000 8.953  ? 83  PHE AAA N   1 ? 
ATOM   361  C  CA  . PHE A 1 44  ? -3.773  -1.278  5.839   1.000 8.683  ? 83  PHE AAA CA  1 ? 
ATOM   362  C  C   . PHE A 1 44  ? -2.476  -2.042  5.953   1.000 9.152  ? 83  PHE AAA C   1 ? 
ATOM   363  O  O   . PHE A 1 44  ? -1.708  -2.027  4.980   1.000 9.603  ? 83  PHE AAA O   1 ? 
ATOM   364  C  CB  . PHE A 1 44  ? -3.469  0.182   5.517   1.000 9.404  ? 83  PHE AAA CB  1 ? 
ATOM   365  C  CG  . PHE A 1 44  ? -4.736  0.989   5.468   1.000 9.253  ? 83  PHE AAA CG  1 ? 
ATOM   366  C  CD1 . PHE A 1 44  ? -5.589  0.911   4.362   1.000 10.784 ? 83  PHE AAA CD1 1 ? 
ATOM   367  C  CD2 . PHE A 1 44  ? -5.103  1.808   6.527   1.000 9.925  ? 83  PHE AAA CD2 1 ? 
ATOM   368  C  CE1 . PHE A 1 44  ? -6.791  1.611   4.336   1.000 12.216 ? 83  PHE AAA CE1 1 ? 
ATOM   369  C  CE2 . PHE A 1 44  ? -6.321  2.494   6.498   1.000 10.529 ? 83  PHE AAA CE2 1 ? 
ATOM   370  C  CZ  . PHE A 1 44  ? -7.133  2.411   5.404   1.000 11.316 ? 83  PHE AAA CZ  1 ? 
ATOM   371  N  N   . GLN A 1 45  ? -2.196  -2.758  7.046   1.000 8.577  ? 84  GLN AAA N   1 ? 
ATOM   372  C  CA  . GLN A 1 45  ? -0.893  -3.364  7.233   1.000 9.221  ? 84  GLN AAA CA  1 ? 
ATOM   373  C  C   . GLN A 1 45  ? -0.806  -4.780  6.670   1.000 9.103  ? 84  GLN AAA C   1 ? 
ATOM   374  O  O   . GLN A 1 45  ? 0.255   -5.385  6.744   1.000 10.514 ? 84  GLN AAA O   1 ? 
ATOM   375  C  CB  . GLN A 1 45  ? -0.575  -3.402  8.724   1.000 9.904  ? 84  GLN AAA CB  1 ? 
ATOM   376  C  CG  . GLN A 1 45  ? -0.148  -2.064  9.279   1.000 11.935 ? 84  GLN AAA CG  1 ? 
ATOM   377  C  CD  . GLN A 1 45  ? 0.065   -2.061  10.788  1.000 12.530 ? 84  GLN AAA CD  1 ? 
ATOM   378  O  OE1 . GLN A 1 45  ? -0.540  -2.858  11.507  1.000 14.264 ? 84  GLN AAA OE1 1 ? 
ATOM   379  N  NE2 . GLN A 1 45  ? 0.965   -1.196  11.255  1.000 13.520 ? 84  GLN AAA NE2 1 ? 
ATOM   380  N  N   . GLN A 1 46  ? -1.854  -5.265  6.019   1.000 8.760  ? 85  GLN AAA N   1 ? 
ATOM   381  C  CA  . GLN A 1 46  ? -1.851  -6.599  5.442   1.000 8.881  ? 85  GLN AAA CA  1 ? 
ATOM   382  C  C   . GLN A 1 46  ? -2.957  -6.627  4.398   1.000 8.874  ? 85  GLN AAA C   1 ? 
ATOM   383  O  O   . GLN A 1 46  ? -3.881  -5.799  4.426   1.000 8.881  ? 85  GLN AAA O   1 ? 
ATOM   384  C  CB  . GLN A 1 46  ? -2.114  -7.691  6.490   1.000 9.835  ? 85  GLN AAA CB  1 ? 
ATOM   385  C  CG  . GLN A 1 46  ? -3.456  -7.538  7.249   1.000 10.462 ? 85  GLN AAA CG  1 ? 
ATOM   386  C  CD  . GLN A 1 46  ? -3.446  -6.392  8.251   1.000 11.096 ? 85  GLN AAA CD  1 ? 
ATOM   387  O  OE1 . GLN A 1 46  ? -2.532  -6.278  9.051   1.000 12.970 ? 85  GLN AAA OE1 1 ? 
ATOM   388  N  NE2 . GLN A 1 46  ? -4.416  -5.495  8.165   1.000 11.840 ? 85  GLN AAA NE2 1 ? 
ATOM   389  N  N   . PRO A 1 47  ? -2.939  -7.588  3.459   1.000 9.358  ? 86  PRO AAA N   1 ? 
ATOM   390  C  CA  . PRO A 1 47  ? -4.041  -7.713  2.507   1.000 9.426  ? 86  PRO AAA CA  1 ? 
ATOM   391  C  C   . PRO A 1 47  ? -5.401  -7.828  3.202   1.000 9.601  ? 86  PRO AAA C   1 ? 
ATOM   392  O  O   . PRO A 1 47  ? -5.497  -8.419  4.298   1.000 10.843 ? 86  PRO AAA O   1 ? 
ATOM   393  C  CB  . PRO A 1 47  ? -3.735  -9.010  1.733   1.000 11.315 ? 86  PRO AAA CB  1 ? 
ATOM   394  C  CG  . PRO A 1 47  ? -2.221  -9.121  1.837   1.000 12.101 ? 86  PRO AAA CG  1 ? 
ATOM   395  C  CD  . PRO A 1 47  ? -1.865  -8.581  3.207   1.000 11.311 ? 86  PRO AAA CD  1 ? 
ATOM   396  N  N   . VAL A 1 48  ? -6.429  -7.315  2.543   1.000 9.091  ? 87  VAL AAA N   1 ? 
ATOM   397  C  CA  . VAL A 1 48  ? -7.770  -7.463  3.069   1.000 10.324 ? 87  VAL AAA CA  1 ? 
ATOM   398  C  C   . VAL A 1 48  ? -8.149  -8.947  3.093   1.000 10.556 ? 87  VAL AAA C   1 ? 
ATOM   399  O  O   . VAL A 1 48  ? -8.135  -9.609  2.053   1.000 10.805 ? 87  VAL AAA O   1 ? 
ATOM   400  C  CB  . VAL A 1 48  ? -8.770  -6.626  2.263   1.000 11.184 ? 87  VAL AAA CB  1 ? 
ATOM   401  C  CG1 . VAL A 1 48  ? -10.216 -6.873  2.697   1.000 12.145 ? 87  VAL AAA CG1 1 ? 
ATOM   402  C  CG2 . VAL A 1 48  ? -8.455  -5.143  2.388   1.000 11.306 ? 87  VAL AAA CG2 1 ? 
ATOM   403  N  N   . ASP A 1 49  ? -8.520  -9.438  4.273   1.000 10.950 ? 88  ASP AAA N   1 ? 
ATOM   404  C  CA  . ASP A 1 49  ? -8.979  -10.816 4.405   1.000 11.300 ? 88  ASP AAA CA  1 ? 
ATOM   405  C  C   . ASP A 1 49  ? -10.501 -10.757 4.333   1.000 10.608 ? 88  ASP AAA C   1 ? 
ATOM   406  O  O   . ASP A 1 49  ? -11.194 -10.511 5.311   1.000 10.529 ? 88  ASP AAA O   1 ? 
ATOM   407  C  CB  . ASP A 1 49  ? -8.481  -11.464 5.688   1.000 13.651 ? 88  ASP AAA CB  1 ? 
ATOM   408  C  CG  . ASP A 1 49  ? -8.900  -12.918 5.819   1.000 13.272 ? 88  ASP AAA CG  1 ? 
ATOM   409  O  OD1 . ASP A 1 49  ? -9.864  -13.337 5.172   1.000 12.227 ? 88  ASP AAA OD1 1 ? 
ATOM   410  O  OD2 . ASP A 1 49  ? -8.258  -13.620 6.647   1.000 18.197 ? 88  ASP AAA OD2 1 ? 
ATOM   411  N  N   . ALA A 1 50  ? -10.988 -10.946 3.118   1.000 10.975 ? 89  ALA AAA N   1 ? 
ATOM   412  C  CA  . ALA A 1 50  ? -12.404 -10.780 2.834   1.000 11.578 ? 89  ALA AAA CA  1 ? 
ATOM   413  C  C   . ALA A 1 50  ? -13.224 -11.902 3.490   1.000 11.362 ? 89  ALA AAA C   1 ? 
ATOM   414  O  O   . ALA A 1 50  ? -14.423 -11.712 3.766   1.000 12.056 ? 89  ALA AAA O   1 ? 
ATOM   415  C  CB  . ALA A 1 50  ? -12.587 -10.723 1.329   1.000 14.182 ? 89  ALA AAA CB  1 ? 
ATOM   416  N  N   . VAL A 1 51  ? -12.620 -13.056 3.780   1.000 11.051 ? 90  VAL AAA N   1 ? 
ATOM   417  C  CA  . VAL A 1 51  ? -13.344 -14.122 4.468   1.000 11.519 ? 90  VAL AAA CA  1 ? 
ATOM   418  C  C   . VAL A 1 51  ? -13.562 -13.709 5.912   1.000 11.839 ? 90  VAL AAA C   1 ? 
ATOM   419  O  O   . VAL A 1 51  ? -14.686 -13.688 6.429   1.000 12.000 ? 90  VAL AAA O   1 ? 
ATOM   420  C  CB  . VAL A 1 51  ? -12.554 -15.454 4.387   1.000 11.486 ? 90  VAL AAA CB  1 ? 
ATOM   421  C  CG1 . VAL A 1 51  ? -13.209 -16.556 5.235   1.000 14.442 ? 90  VAL AAA CG1 1 ? 
ATOM   422  C  CG2 . VAL A 1 51  ? -12.441 -15.887 2.927   1.000 14.296 ? 90  VAL AAA CG2 1 ? 
ATOM   423  N  N   . LYS A 1 52  ? -12.486 -13.265 6.560   1.000 11.094 ? 91  LYS AAA N   1 ? 
ATOM   424  C  CA  . LYS A 1 52  ? -12.573 -12.963 7.986   1.000 13.012 ? 91  LYS AAA CA  1 ? 
ATOM   425  C  C   . LYS A 1 52  ? -13.507 -11.773 8.190   1.000 12.157 ? 91  LYS AAA C   1 ? 
ATOM   426  O  O   . LYS A 1 52  ? -14.186 -11.684 9.203   1.000 12.611 ? 91  LYS AAA O   1 ? 
ATOM   427  C  CB  . LYS A 1 52  ? -11.214 -12.695 8.637   1.000 13.656 ? 91  LYS AAA CB  1 ? 
ATOM   428  C  CG  . LYS A 1 52  ? -11.229 -12.720 10.174  1.000 17.986 ? 91  LYS AAA CG  1 ? 
ATOM   429  C  CD  . LYS A 1 52  ? -9.877  -12.774 10.849  1.000 18.273 ? 91  LYS AAA CD  1 ? 
ATOM   430  C  CE  . LYS A 1 52  ? -9.921  -13.166 12.322  1.000 18.222 ? 91  LYS AAA CE  1 ? 
ATOM   431  N  NZ  . LYS A 1 52  ? -8.608  -12.973 12.950  1.000 20.667 ? 91  LYS AAA NZ  1 ? 
ATOM   432  N  N   . LEU A 1 53  ? -13.466 -10.786 7.295   1.000 11.150 ? 92  LEU AAA N   1 ? 
ATOM   433  C  CA  . LEU A 1 53  ? -14.310 -9.604  7.370   1.000 11.282 ? 92  LEU AAA CA  1 ? 
ATOM   434  C  C   . LEU A 1 53  ? -15.722 -9.802  6.826   1.000 12.680 ? 92  LEU AAA C   1 ? 
ATOM   435  O  O   . LEU A 1 53  ? -16.533 -8.870  6.891   1.000 13.484 ? 92  LEU AAA O   1 ? 
ATOM   436  C  CB  . LEU A 1 53  ? -13.647 -8.431  6.642   1.000 11.881 ? 92  LEU AAA CB  1 ? 
ATOM   437  C  CG  . LEU A 1 53  ? -12.359 -7.918  7.285   1.000 12.720 ? 92  LEU AAA CG  1 ? 
ATOM   438  C  CD1 . LEU A 1 53  ? -11.614 -6.993  6.351   1.000 18.072 ? 92  LEU AAA CD1 1 ? 
ATOM   439  C  CD2 . LEU A 1 53  ? -12.644 -7.213  8.604   1.000 16.593 ? 92  LEU AAA CD2 1 ? 
ATOM   440  N  N   . ASN A 1 54  ? -16.035 -10.974 6.282   1.000 11.693 ? 93  ASN AAA N   1 ? 
ATOM   441  C  CA  . ASN A 1 54  ? -17.358 -11.235 5.724   1.000 12.775 ? 93  ASN AAA CA  1 ? 
ATOM   442  C  C   . ASN A 1 54  ? -17.701 -10.222 4.648   1.000 12.650 ? 93  ASN AAA C   1 ? 
ATOM   443  O  O   . ASN A 1 54  ? -18.823 -9.714  4.629   1.000 14.212 ? 93  ASN AAA O   1 ? 
ATOM   444  C  CB  . ASN A 1 54  ? -18.466 -11.325 6.803   1.000 16.405 ? 93  ASN AAA CB  1 ? 
ATOM   445  C  CG  . ASN A 1 54  ? -19.717 -11.956 6.218   1.000 20.154 ? 93  ASN AAA CG  1 ? 
ATOM   446  O  OD1 . ASN A 1 54  ? -19.661 -12.734 5.255   1.000 23.823 ? 93  ASN AAA OD1 1 ? 
ATOM   447  N  ND2 . ASN A 1 54  ? -20.881 -11.598 6.742   1.000 22.041 ? 93  ASN AAA ND2 1 ? 
ATOM   448  N  N   . LEU A 1 55  ? -16.774 -10.062 3.699   1.000 11.460 ? 94  LEU AAA N   1 ? 
ATOM   449  C  CA  . LEU A 1 55  ? -16.961 -9.154  2.571   1.000 10.902 ? 94  LEU AAA CA  1 ? 
ATOM   450  C  C   . LEU A 1 55  ? -16.791 -9.972  1.313   1.000 10.542 ? 94  LEU AAA C   1 ? 
ATOM   451  O  O   . LEU A 1 55  ? -15.779 -9.815  0.586   1.000 9.751  ? 94  LEU AAA O   1 ? 
ATOM   452  C  CB  . LEU A 1 55  ? -15.902 -8.051  2.616   1.000 12.224 ? 94  LEU AAA CB  1 ? 
ATOM   453  C  CG  . LEU A 1 55  ? -15.959 -7.156  3.857   1.000 13.875 ? 94  LEU AAA CG  1 ? 
ATOM   454  C  CD1 . LEU A 1 55  ? -14.816 -6.137  3.834   1.000 16.692 ? 94  LEU AAA CD1 1 ? 
ATOM   455  C  CD2 . LEU A 1 55  ? -17.304 -6.462  3.962   1.000 16.381 ? 94  LEU AAA CD2 1 ? 
ATOM   456  N  N   . PRO A 1 56  ? -17.708 -10.917 1.006   1.000 10.083 ? 95  PRO AAA N   1 ? 
ATOM   457  C  CA  . PRO A 1 56  ? -17.474 -11.808 -0.124  1.000 10.695 ? 95  PRO AAA CA  1 ? 
ATOM   458  C  C   . PRO A 1 56  ? -17.330 -11.130 -1.473  1.000 10.386 ? 95  PRO AAA C   1 ? 
ATOM   459  O  O   . PRO A 1 56  ? -16.682 -11.642 -2.371  1.000 12.336 ? 95  PRO AAA O   1 ? 
ATOM   460  C  CB  . PRO A 1 56  ? -18.703 -12.756 -0.108  1.000 11.971 ? 95  PRO AAA CB  1 ? 
ATOM   461  C  CG  . PRO A 1 56  ? -19.720 -11.958 0.619   1.000 12.502 ? 95  PRO AAA CG  1 ? 
ATOM   462  C  CD  . PRO A 1 56  ? -18.964 -11.227 1.721   1.000 11.919 ? 95  PRO AAA CD  1 ? 
ATOM   463  N  N   . ASP A 1 57  ? -17.876 -9.928  -1.634  1.000 9.984  ? 96  ASP AAA N   1 ? 
ATOM   464  C  CA  . ASP A 1 57  ? -17.740 -9.183  -2.869  1.000 9.941  ? 96  ASP AAA CA  1 ? 
ATOM   465  C  C   . ASP A 1 57  ? -16.435 -8.371  -2.963  1.000 9.556  ? 96  ASP AAA C   1 ? 
ATOM   466  O  O   . ASP A 1 57  ? -16.267 -7.703  -3.964  1.000 11.025 ? 96  ASP AAA O   1 ? 
ATOM   467  C  CB  . ASP A 1 57  ? -18.954 -8.293  -3.141  1.000 11.720 ? 96  ASP AAA CB  1 ? 
ATOM   468  C  CG  . ASP A 1 57  ? -19.012 -7.078  -2.270  1.000 14.184 ? 96  ASP AAA CG  1 ? 
ATOM   469  O  OD1 . ASP A 1 57  ? -18.378 -7.076  -1.193  1.000 14.121 ? 96  ASP AAA OD1 1 ? 
ATOM   470  O  OD2 . ASP A 1 57  ? -19.717 -6.127  -2.662  1.000 17.988 ? 96  ASP AAA OD2 1 ? 
ATOM   471  N  N   . TYR A 1 58  ? -15.567 -8.366  -1.950  1.000 9.694  ? 97  TYR AAA N   1 ? 
ATOM   472  C  CA  . TYR A 1 58  ? -14.474 -7.405  -1.942  1.000 9.317  ? 97  TYR AAA CA  1 ? 
ATOM   473  C  C   . TYR A 1 58  ? -13.631 -7.576  -3.213  1.000 9.410  ? 97  TYR AAA C   1 ? 
ATOM   474  O  O   . TYR A 1 58  ? -13.340 -6.581  -3.894  1.000 9.247  ? 97  TYR AAA O   1 ? 
ATOM   475  C  CB  . TYR A 1 58  ? -13.609 -7.542  -0.686  1.000 10.515 ? 97  TYR AAA CB  1 ? 
ATOM   476  C  CG  . TYR A 1 58  ? -12.544 -6.483  -0.618  1.000 9.188  ? 97  TYR AAA CG  1 ? 
ATOM   477  C  CD1 . TYR A 1 58  ? -12.842 -5.177  -0.207  1.000 9.659  ? 97  TYR AAA CD1 1 ? 
ATOM   478  C  CD2 . TYR A 1 58  ? -11.276 -6.744  -1.086  1.000 9.521  ? 97  TYR AAA CD2 1 ? 
ATOM   479  C  CE1 . TYR A 1 58  ? -11.885 -4.177  -0.245  1.000 9.373  ? 97  TYR AAA CE1 1 ? 
ATOM   480  C  CE2 . TYR A 1 58  ? -10.303 -5.763  -1.089  1.000 9.539  ? 97  TYR AAA CE2 1 ? 
ATOM   481  C  CZ  . TYR A 1 58  ? -10.604 -4.475  -0.677  1.000 9.704  ? 97  TYR AAA CZ  1 ? 
ATOM   482  O  OH  . TYR A 1 58  ? -9.650  -3.460  -0.707  1.000 11.782 ? 97  TYR AAA OH  1 ? 
ATOM   483  N  N   . TYR A 1 59  ? -13.200 -8.825  -3.486  1.000 9.833  ? 98  TYR AAA N   1 ? 
ATOM   484  C  CA  . TYR A 1 59  ? -12.325 -9.079  -4.628  1.000 10.569 ? 98  TYR AAA CA  1 ? 
ATOM   485  C  C   . TYR A 1 59  ? -13.108 -9.260  -5.923  1.000 11.136 ? 98  TYR AAA C   1 ? 
ATOM   486  O  O   . TYR A 1 59  ? -12.478 -9.432  -6.977  1.000 13.758 ? 98  TYR AAA O   1 ? 
ATOM   487  C  CB  . TYR A 1 59  ? -11.359 -10.233 -4.340  1.000 10.370 ? 98  TYR AAA CB  1 ? 
ATOM   488  C  CG  . TYR A 1 59  ? -10.353 -9.858  -3.284  1.000 9.841  ? 98  TYR AAA CG  1 ? 
ATOM   489  C  CD1 . TYR A 1 59  ? -9.355  -8.923  -3.582  1.000 10.024 ? 98  TYR AAA CD1 1 ? 
ATOM   490  C  CD2 . TYR A 1 59  ? -10.416 -10.403 -2.002  1.000 9.352  ? 98  TYR AAA CD2 1 ? 
ATOM   491  C  CE1 . TYR A 1 59  ? -8.454  -8.564  -2.597  1.000 10.164 ? 98  TYR AAA CE1 1 ? 
ATOM   492  C  CE2 . TYR A 1 59  ? -9.480  -10.071 -1.031  1.000 9.963  ? 98  TYR AAA CE2 1 ? 
ATOM   493  C  CZ  . TYR A 1 59  ? -8.484  -9.132  -1.338  1.000 9.318  ? 98  TYR AAA CZ  1 ? 
ATOM   494  O  OH  . TYR A 1 59  ? -7.555  -8.784  -0.387  1.000 10.754 ? 98  TYR AAA OH  1 ? 
ATOM   495  N  N   . LYS A 1 60  ? -14.427 -9.122  -5.871  1.000 11.736 ? 99  LYS AAA N   1 ? 
ATOM   496  C  CA  . LYS A 1 60  ? -15.225 -8.953  -7.068  1.000 13.697 ? 99  LYS AAA CA  1 ? 
ATOM   497  C  C   . LYS A 1 60  ? -15.112 -7.501  -7.535  1.000 13.399 ? 99  LYS AAA C   1 ? 
ATOM   498  O  O   . LYS A 1 60  ? -15.121 -7.231  -8.737  1.000 16.691 ? 99  LYS AAA O   1 ? 
ATOM   499  C  CB  . LYS A 1 60  ? -16.682 -9.353  -6.771  1.000 16.231 ? 99  LYS AAA CB  1 ? 
ATOM   500  C  CG  . LYS A 1 60  ? -17.667 -9.282  -7.927  1.000 17.058 ? 99  LYS AAA CG  1 ? 
ATOM   501  C  CD  . LYS A 1 60  ? -17.431 -10.423 -8.898  1.000 21.593 ? 99  LYS AAA CD  1 ? 
ATOM   502  C  CE  . LYS A 1 60  ? -18.228 -10.305 -10.171 1.000 25.184 ? 99  LYS AAA CE  1 ? 
ATOM   503  N  NZ  . LYS A 1 60  ? -17.955 -11.512 -10.983 1.000 27.925 ? 99  LYS AAA NZ  1 ? 
ATOM   504  N  N   . ILE A 1 61  ? -15.006 -6.532  -6.592  1.000 11.576 ? 100 ILE AAA N   1 ? 
ATOM   505  C  CA  . ILE A 1 61  ? -14.947 -5.110  -6.897  1.000 12.013 ? 100 ILE AAA CA  1 ? 
ATOM   506  C  C   . ILE A 1 61  ? -13.497 -4.649  -7.045  1.000 11.052 ? 100 ILE AAA C   1 ? 
ATOM   507  O  O   . ILE A 1 61  ? -13.171 -3.841  -7.931  1.000 13.623 ? 100 ILE AAA O   1 ? 
ATOM   508  C  CB  . ILE A 1 61  ? -15.659 -4.345  -5.760  1.000 13.125 ? 100 ILE AAA CB  1 ? 
ATOM   509  C  CG1 . ILE A 1 61  ? -17.112 -4.778  -5.544  1.000 15.848 ? 100 ILE AAA CG1 1 ? 
ATOM   510  C  CG2 . ILE A 1 61  ? -15.562 -2.847  -5.962  1.000 13.784 ? 100 ILE AAA CG2 1 ? 
ATOM   511  C  CD1 . ILE A 1 61  ? -17.953 -4.747  -6.766  1.000 18.270 ? 100 ILE AAA CD1 1 ? 
ATOM   512  N  N   . ILE A 1 62  ? -12.630 -5.129  -6.174  1.000 10.292 ? 101 ILE AAA N   1 ? 
ATOM   513  C  CA  . ILE A 1 62  ? -11.245 -4.664  -6.148  1.000 9.623  ? 101 ILE AAA CA  1 ? 
ATOM   514  C  C   . ILE A 1 62  ? -10.385 -5.679  -6.884  1.000 9.908  ? 101 ILE AAA C   1 ? 
ATOM   515  O  O   . ILE A 1 62  ? -10.078 -6.743  -6.366  1.000 10.729 ? 101 ILE AAA O   1 ? 
ATOM   516  C  CB  . ILE A 1 62  ? -10.807 -4.433  -4.698  1.000 9.814  ? 101 ILE AAA CB  1 ? 
ATOM   517  C  CG1 . ILE A 1 62  ? -11.617 -3.322  -4.003  1.000 9.707  ? 101 ILE AAA CG1 1 ? 
ATOM   518  C  CG2 . ILE A 1 62  ? -9.312  -4.124  -4.637  1.000 10.479 ? 101 ILE AAA CG2 1 ? 
ATOM   519  C  CD1 . ILE A 1 62  ? -11.683 -1.998  -4.753  1.000 10.965 ? 101 ILE AAA CD1 1 ? 
ATOM   520  N  N   . LYS A 1 63  ? -10.017 -5.324  -8.091  1.000 9.974  ? 102 LYS AAA N   1 ? 
ATOM   521  C  CA  . LYS A 1 63  ? -9.250  -6.258  -8.921  1.000 10.903 ? 102 LYS AAA CA  1 ? 
ATOM   522  C  C   . LYS A 1 63  ? -7.779  -5.906  -8.924  1.000 11.982 ? 102 LYS AAA C   1 ? 
ATOM   523  O  O   . LYS A 1 63  ? -6.992  -6.645  -9.514  1.000 13.747 ? 102 LYS AAA O   1 ? 
ATOM   524  C  CB  . LYS A 1 63  ? -9.744  -6.252  -10.364 1.000 12.176 ? 102 LYS AAA CB  1 ? 
ATOM   525  C  CG  . LYS A 1 63  ? -11.187 -6.696  -10.505 1.000 14.356 ? 102 LYS AAA CG  1 ? 
ATOM   526  C  CD  . LYS A 1 63  ? -11.316 -8.140  -10.054 1.000 16.333 ? 102 LYS AAA CD  1 ? 
ATOM   527  C  CE  . LYS A 1 63  ? -12.660 -8.744  -10.353 1.000 18.741 ? 102 LYS AAA CE  1 ? 
ATOM   528  N  NZ  . LYS A 1 63  ? -12.736 -10.051 -9.707  1.000 16.766 ? 102 LYS AAA NZ  1 ? 
ATOM   529  N  N   . THR A 1 64  ? -7.385  -4.801  -8.325  1.000 11.587 ? 103 THR AAA N   1 ? 
ATOM   530  C  CA  . THR A 1 64  ? -5.991  -4.435  -8.217  1.000 12.350 ? 103 THR AAA CA  1 ? 
ATOM   531  C  C   . THR A 1 64  ? -5.721  -4.166  -6.746  1.000 10.930 ? 103 THR AAA C   1 ? 
ATOM   532  O  O   . THR A 1 64  ? -5.532  -3.002  -6.335  1.000 12.806 ? 103 THR AAA O   1 ? 
ATOM   533  C  CB  . THR A 1 64  ? -5.622  -3.253  -9.111  1.000 16.114 ? 103 THR AAA CB  1 ? 
ATOM   534  O  OG1 . THR A 1 64  ? -6.344  -2.143  -8.604  1.000 27.284 ? 103 THR AAA OG1 1 ? 
ATOM   535  C  CG2 . THR A 1 64  ? -5.893  -3.548  -10.566 1.000 16.607 ? 103 THR AAA CG2 1 ? 
ATOM   536  N  N   . PRO A 1 65  ? -5.633  -5.188  -5.903  1.000 10.002 ? 104 PRO AAA N   1 ? 
ATOM   537  C  CA  . PRO A 1 65  ? -5.473  -4.952  -4.474  1.000 10.629 ? 104 PRO AAA CA  1 ? 
ATOM   538  C  C   . PRO A 1 65  ? -4.057  -4.521  -4.136  1.000 9.339  ? 104 PRO AAA C   1 ? 
ATOM   539  O  O   . PRO A 1 65  ? -3.073  -4.922  -4.761  1.000 10.034 ? 104 PRO AAA O   1 ? 
ATOM   540  C  CB  . PRO A 1 65  ? -5.736  -6.295  -3.820  1.000 12.253 ? 104 PRO AAA CB  1 ? 
ATOM   541  C  CG  . PRO A 1 65  ? -5.898  -7.313  -4.930  1.000 12.673 ? 104 PRO AAA CG  1 ? 
ATOM   542  C  CD  . PRO A 1 65  ? -5.818  -6.620  -6.251  1.000 11.985 ? 104 PRO AAA CD  1 ? 
ATOM   543  N  N   . MET A 1 66  ? -3.925  -3.694  -3.102  1.000 9.155  ? 105 MET AAA N   1 ? 
ATOM   544  C  CA  . MET A 1 66  ? -2.610  -3.384  -2.563  1.000 7.703  ? 105 MET AAA CA  1 ? 
ATOM   545  C  C   . MET A 1 66  ? -2.760  -3.002  -1.099  1.000 7.821  ? 105 MET AAA C   1 ? 
ATOM   546  O  O   . MET A 1 66  ? -3.828  -2.465  -0.694  1.000 9.414  ? 105 MET AAA O   1 ? 
ATOM   547  C  CB  . MET A 1 66  ? -2.024  -2.193  -3.326  1.000 8.211  ? 105 MET AAA CB  1 ? 
ATOM   548  C  CG  . MET A 1 66  ? -0.545  -1.888  -3.038  1.000 9.391  ? 105 MET AAA CG  1 ? 
ATOM   549  S  SD  . MET A 1 66  ? 0.604   -3.292  -3.002  1.000 8.980  ? 105 MET AAA SD  1 ? 
ATOM   550  C  CE  . MET A 1 66  ? 0.451   -3.934  -4.657  1.000 10.832 ? 105 MET AAA CE  1 ? 
ATOM   551  N  N   . ASP A 1 67  ? -1.709  -3.179  -0.326  1.000 7.956  ? 106 ASP AAA N   1 ? 
ATOM   552  C  CA  . ASP A 1 67  ? -1.747  -2.904  1.112   1.000 8.019  ? 106 ASP AAA CA  1 ? 
ATOM   553  C  C   . ASP A 1 67  ? -0.326  -2.555  1.511   1.000 7.767  ? 106 ASP AAA C   1 ? 
ATOM   554  O  O   . ASP A 1 67  ? 0.634   -2.856  0.768   1.000 7.997  ? 106 ASP AAA O   1 ? 
ATOM   555  C  CB  . ASP A 1 67  ? -2.248  -4.150  1.889   1.000 8.722  ? 106 ASP AAA CB  1 ? 
ATOM   556  C  CG  . ASP A 1 67  ? -1.261  -5.293  1.773   1.000 8.345  ? 106 ASP AAA CG  1 ? 
ATOM   557  O  OD1 . ASP A 1 67  ? -1.314  -5.981  0.687   1.000 9.299  ? 106 ASP AAA OD1 1 ? 
ATOM   558  O  OD2 . ASP A 1 67  ? -0.424  -5.437  2.643   1.000 8.763  ? 106 ASP AAA OD2 1 ? 
ATOM   559  N  N   . MET A 1 68  ? -0.149  -1.981  2.711   1.000 8.563  ? 107 MET AAA N   1 ? 
ATOM   560  C  CA  . MET A 1 68  ? 1.149   -1.544  3.164   1.000 8.645  ? 107 MET AAA CA  1 ? 
ATOM   561  C  C   . MET A 1 68  ? 2.025   -2.698  3.594   1.000 8.634  ? 107 MET AAA C   1 ? 
ATOM   562  O  O   . MET A 1 68  ? 3.246   -2.528  3.624   1.000 9.587  ? 107 MET AAA O   1 ? 
ATOM   563  C  CB  . MET A 1 68  ? 1.082   -0.556  4.322   1.000 10.779 ? 107 MET AAA CB  1 ? 
ATOM   564  C  CG  . MET A 1 68  ? 0.554   0.781   3.967   1.000 11.491 ? 107 MET AAA CG  1 ? 
ATOM   565  S  SD  . MET A 1 68  ? 1.042   2.112   5.108   1.000 12.582 ? 107 MET AAA SD  1 ? 
ATOM   566  C  CE  . MET A 1 68  ? 0.294   1.581   6.646   1.000 11.616 ? 107 MET AAA CE  1 ? 
ATOM   567  N  N   . GLY A 1 69  ? 1.459   -3.852  3.989   1.000 8.955  ? 108 GLY AAA N   1 ? 
ATOM   568  C  CA  . GLY A 1 69  ? 2.291   -5.002  4.270   1.000 9.831  ? 108 GLY AAA CA  1 ? 
ATOM   569  C  C   . GLY A 1 69  ? 3.046   -5.464  3.031   1.000 9.478  ? 108 GLY AAA C   1 ? 
ATOM   570  O  O   . GLY A 1 69  ? 4.262   -5.725  3.065   1.000 10.107 ? 108 GLY AAA O   1 ? 
ATOM   571  N  N   . THR A 1 70  ? 2.327   -5.511  1.912   1.000 9.040  ? 109 THR AAA N   1 ? 
ATOM   572  C  CA  . THR A 1 70  ? 2.955   -5.811  0.625   1.000 9.058  ? 109 THR AAA CA  1 ? 
ATOM   573  C  C   . THR A 1 70  ? 3.988   -4.756  0.256   1.000 8.802  ? 109 THR AAA C   1 ? 
ATOM   574  O  O   . THR A 1 70  ? 5.110   -5.090  -0.182  1.000 8.841  ? 109 THR AAA O   1 ? 
ATOM   575  C  CB  . THR A 1 70  ? 1.859   -5.920  -0.433  1.000 8.664  ? 109 THR AAA CB  1 ? 
ATOM   576  O  OG1 . THR A 1 70  ? 0.997   -7.015  -0.109  1.000 10.046 ? 109 THR AAA OG1 1 ? 
ATOM   577  C  CG2 . THR A 1 70  ? 2.447   -6.168  -1.806  1.000 10.745 ? 109 THR AAA CG2 1 ? 
ATOM   578  N  N   . ILE A 1 71  ? 3.655   -3.476  0.443   1.000 8.247  ? 110 ILE AAA N   1 ? 
ATOM   579  C  CA  . ILE A 1 71  ? 4.603   -2.432  0.073   1.000 8.797  ? 110 ILE AAA CA  1 ? 
ATOM   580  C  C   . ILE A 1 71  ? 5.859   -2.541  0.943   1.000 8.849  ? 110 ILE AAA C   1 ? 
ATOM   581  O  O   . ILE A 1 71  ? 6.989   -2.373  0.468   1.000 9.573  ? 110 ILE AAA O   1 ? 
ATOM   582  C  CB  . ILE A 1 71  ? 3.950   -1.036  0.224   1.000 8.375  ? 110 ILE AAA CB  1 ? 
ATOM   583  C  CG1 . ILE A 1 71  ? 2.862   -0.865  -0.831  1.000 8.885  ? 110 ILE AAA CG1 1 ? 
ATOM   584  C  CG2 . ILE A 1 71  ? 4.994   0.081   0.123   1.000 9.401  ? 110 ILE AAA CG2 1 ? 
ATOM   585  C  CD1 . ILE A 1 71  ? 1.947   0.328   -0.586  1.000 9.290  ? 110 ILE AAA CD1 1 ? 
ATOM   586  N  N   . LYS A 1 72  ? 5.683   -2.819  2.243   1.000 9.422  ? 111 LYS AAA N   1 ? 
ATOM   587  C  CA  . LYS A 1 72  ? 6.815   -2.972  3.147   1.000 10.409 ? 111 LYS AAA CA  1 ? 
ATOM   588  C  C   . LYS A 1 72  ? 7.719   -4.091  2.660   1.000 11.542 ? 111 LYS AAA C   1 ? 
ATOM   589  O  O   . LYS A 1 72  ? 8.943   -3.929  2.650   1.000 12.748 ? 111 LYS AAA O   1 ? 
ATOM   590  C  CB  . LYS A 1 72  ? 6.257   -3.202  4.541   1.000 11.580 ? 111 LYS AAA CB  1 ? 
ATOM   591  C  CG  . LYS A 1 72  ? 7.355   -3.430  5.585   1.000 14.328 ? 111 LYS AAA CG  1 ? 
ATOM   592  C  CD  . LYS A 1 72  ? 6.713   -3.536  6.976   1.000 16.736 ? 111 LYS AAA CD  1 ? 
ATOM   593  C  CE  . LYS A 1 72  ? 7.741   -3.436  8.089   1.000 23.434 ? 111 LYS AAA CE  1 ? 
ATOM   594  N  NZ  . LYS A 1 72  ? 8.378   -4.751  8.262   1.000 27.092 ? 111 LYS AAA NZ  1 ? 
ATOM   595  N  N   . LYS A 1 73  ? 7.140   -5.212  2.297   1.000 10.854 ? 112 LYS AAA N   1 ? 
ATOM   596  C  CA  . LYS A 1 73  ? 7.946   -6.320  1.781   1.000 12.206 ? 112 LYS AAA CA  1 ? 
ATOM   597  C  C   . LYS A 1 73  ? 8.649   -5.920  0.487   1.000 10.578 ? 112 LYS AAA C   1 ? 
ATOM   598  O  O   . LYS A 1 73  ? 9.807   -6.298  0.271   1.000 11.982 ? 112 LYS AAA O   1 ? 
ATOM   599  C  CB  . LYS A 1 73  ? 7.037   -7.529  1.525   1.000 14.058 ? 112 LYS AAA CB  1 ? 
ATOM   600  C  CG  . LYS A 1 73  ? 6.602   -8.300  2.766   1.000 19.445 ? 112 LYS AAA CG  1 ? 
ATOM   601  C  CD  . LYS A 1 73  ? 5.702   -9.480  2.398   1.000 23.490 ? 112 LYS AAA CD  1 ? 
ATOM   602  C  CE  . LYS A 1 73  ? 5.165   -10.233 3.597   1.000 28.455 ? 112 LYS AAA CE  1 ? 
ATOM   603  N  NZ  . LYS A 1 73  ? 3.788   -9.786  3.928   1.000 35.777 ? 112 LYS AAA NZ  1 ? 
ATOM   604  N  N   . ARG A 1 74  ? 7.945   -5.245  -0.403  1.000 10.051 ? 113 ARG AAA N   1 ? 
ATOM   605  C  CA  . ARG A 1 74  ? 8.550   -4.836  -1.669  1.000 9.451  ? 113 ARG AAA CA  1 ? 
ATOM   606  C  C   . ARG A 1 74  ? 9.719   -3.892  -1.407  1.000 10.082 ? 113 ARG AAA C   1 ? 
ATOM   607  O  O   . ARG A 1 74  ? 10.778  -4.007  -2.080  1.000 10.904 ? 113 ARG AAA O   1 ? 
ATOM   608  C  CB  . ARG A 1 74  ? 7.506   -4.195  -2.575  1.000 8.965  ? 113 ARG AAA CB  1 ? 
ATOM   609  C  CG  . ARG A 1 74  ? 6.543   -5.186  -3.217  1.000 8.273  ? 113 ARG AAA CG  1 ? 
ATOM   610  C  CD  . ARG A 1 74  ? 5.530   -4.545  -4.125  1.000 8.772  ? 113 ARG AAA CD  1 ? 
ATOM   611  N  NE  . ARG A 1 74  ? 4.761   -5.539  -4.814  1.000 8.697  ? 113 ARG AAA NE  1 ? 
ATOM   612  C  CZ  . ARG A 1 74  ? 3.992   -5.317  -5.835  1.000 8.585  ? 113 ARG AAA CZ  1 ? 
ATOM   613  N  NH1 . ARG A 1 74  ? 3.751   -4.088  -6.266  1.000 10.329 ? 113 ARG AAA NH1 1 ? 
ATOM   614  N  NH2 . ARG A 1 74  ? 3.434   -6.358  -6.469  1.000 10.623 ? 113 ARG AAA NH2 1 ? 
ATOM   615  N  N   . LEU A 1 75  ? 9.595   -2.969  -0.473  1.000 9.809  ? 114 LEU AAA N   1 ? 
ATOM   616  C  CA  . LEU A 1 75  ? 10.695  -2.066  -0.166  1.000 10.315 ? 114 LEU AAA CA  1 ? 
ATOM   617  C  C   . LEU A 1 75  ? 11.839  -2.800  0.524   1.000 11.449 ? 114 LEU AAA C   1 ? 
ATOM   618  O  O   . LEU A 1 75  ? 13.029  -2.606  0.142   1.000 13.338 ? 114 LEU AAA O   1 ? 
ATOM   619  C  CB  . LEU A 1 75  ? 10.209  -0.916  0.692   1.000 9.967  ? 114 LEU AAA CB  1 ? 
ATOM   620  C  CG  . LEU A 1 75  ? 9.364   0.114   -0.043  1.000 9.470  ? 114 LEU AAA CG  1 ? 
ATOM   621  C  CD1 . LEU A 1 75  ? 8.650   1.036   0.940   1.000 10.664 ? 114 LEU AAA CD1 1 ? 
ATOM   622  C  CD2 . LEU A 1 75  ? 10.230  0.965   -0.988  1.000 10.825 ? 114 LEU AAA CD2 1 ? 
ATOM   623  N  N   . GLU A 1 76  ? 11.546  -3.613  1.537   1.000 11.654 ? 115 GLU AAA N   1 ? 
ATOM   624  C  CA  . GLU A 1 76  ? 12.560  -4.330  2.313   1.000 13.255 ? 115 GLU AAA CA  1 ? 
ATOM   625  C  C   . GLU A 1 76  ? 13.300  -5.367  1.472   1.000 15.282 ? 115 GLU AAA C   1 ? 
ATOM   626  O  O   . GLU A 1 76  ? 14.518  -5.552  1.662   1.000 18.158 ? 115 GLU AAA O   1 ? 
ATOM   627  C  CB  . GLU A 1 76  ? 12.008  -4.883  3.631   1.000 15.453 ? 115 GLU AAA CB  1 ? 
ATOM   628  C  CG  . GLU A 1 76  ? 11.571  -3.767  4.572   1.000 16.904 ? 115 GLU AAA CG  1 ? 
ATOM   629  C  CD  . GLU A 1 76  ? 10.954  -4.227  5.880   1.000 19.292 ? 115 GLU AAA CD  1 ? 
ATOM   630  O  OE1 . GLU A 1 76  ? 10.634  -5.393  5.974   1.000 23.479 ? 115 GLU AAA OE1 1 ? 
ATOM   631  O  OE2 . GLU A 1 76  ? 10.726  -3.369  6.746   1.000 24.744 ? 115 GLU AAA OE2 1 ? 
ATOM   632  N  N   . ASN A 1 77  ? 12.610  -5.995  0.516   1.000 14.191 ? 116 ASN AAA N   1 ? 
ATOM   633  C  CA  . ASN A 1 77  ? 13.159  -7.044  -0.321  1.000 16.663 ? 116 ASN AAA CA  1 ? 
ATOM   634  C  C   . ASN A 1 77  ? 13.562  -6.517  -1.695  1.000 16.170 ? 116 ASN AAA C   1 ? 
ATOM   635  O  O   . ASN A 1 77  ? 13.752  -7.345  -2.601  1.000 18.654 ? 116 ASN AAA O   1 ? 
ATOM   636  C  CB  . ASN A 1 77  ? 12.202  -8.234  -0.363  1.000 21.474 ? 116 ASN AAA CB  1 ? 
ATOM   637  C  CG  . ASN A 1 77  ? 12.091  -8.839  1.020   1.000 25.251 ? 116 ASN AAA CG  1 ? 
ATOM   638  O  OD1 . ASN A 1 77  ? 13.000  -9.538  1.455   1.000 37.883 ? 116 ASN AAA OD1 1 ? 
ATOM   639  N  ND2 . ASN A 1 77  ? 11.029  -8.532  1.743   1.000 32.017 ? 116 ASN AAA ND2 1 ? 
ATOM   640  N  N   . ASN A 1 78  ? 13.765  -5.210  -1.844  1.000 15.217 ? 117 ASN AAA N   1 ? 
ATOM   641  C  CA  . ASN A 1 78  ? 14.220  -4.551  -3.059  1.000 15.824 ? 117 ASN AAA CA  1 ? 
ATOM   642  C  C   . ASN A 1 78  ? 13.514  -5.190  -4.258  1.000 15.111 ? 117 ASN AAA C   1 ? 
ATOM   643  O  O   . ASN A 1 78  ? 14.123  -5.856  -5.130  1.000 17.024 ? 117 ASN AAA O   1 ? 
ATOM   644  C  CB  . ASN A 1 78  ? 15.750  -4.656  -3.166  1.000 22.817 ? 117 ASN AAA CB  1 ? 
ATOM   645  C  CG  . ASN A 1 78  ? 16.429  -4.017  -1.967  1.000 24.445 ? 117 ASN AAA CG  1 ? 
ATOM   646  O  OD1 . ASN A 1 78  ? 16.420  -2.788  -1.809  1.000 28.743 ? 117 ASN AAA OD1 1 ? 
ATOM   647  N  ND2 . ASN A 1 78  ? 16.956  -4.855  -1.082  1.000 28.980 ? 117 ASN AAA ND2 1 ? 
ATOM   648  N  N   . TYR A 1 79  ? 12.224  -4.923  -4.387  1.000 11.555 ? 118 TYR AAA N   1 ? 
ATOM   649  C  CA  . TYR A 1 79  ? 11.413  -5.418  -5.485  1.000 10.847 ? 118 TYR AAA CA  1 ? 
ATOM   650  C  C   . TYR A 1 79  ? 11.331  -4.390  -6.621  1.000 9.257  ? 118 TYR AAA C   1 ? 
ATOM   651  O  O   . TYR A 1 79  ? 11.054  -4.725  -7.762  1.000 9.586  ? 118 TYR AAA O   1 ? 
ATOM   652  C  CB  . TYR A 1 79  ? 10.008  -5.739  -4.966  1.000 10.302 ? 118 TYR AAA CB  1 ? 
ATOM   653  C  CG  . TYR A 1 79  ? 9.030   -6.190  -6.017  1.000 9.769  ? 118 TYR AAA CG  1 ? 
ATOM   654  C  CD1 . TYR A 1 79  ? 9.048   -7.495  -6.445  1.000 9.871  ? 118 TYR AAA CD1 1 ? 
ATOM   655  C  CD2 . TYR A 1 79  ? 8.067   -5.333  -6.538  1.000 10.199 ? 118 TYR AAA CD2 1 ? 
ATOM   656  C  CE1 . TYR A 1 79  ? 8.153   -7.943  -7.387  1.000 10.731 ? 118 TYR AAA CE1 1 ? 
ATOM   657  C  CE2 . TYR A 1 79  ? 7.150   -5.763  -7.449  1.000 10.764 ? 118 TYR AAA CE2 1 ? 
ATOM   658  C  CZ  . TYR A 1 79  ? 7.190   -7.080  -7.888  1.000 10.409 ? 118 TYR AAA CZ  1 ? 
ATOM   659  O  OH  . TYR A 1 79  ? 6.269   -7.478  -8.829  1.000 12.976 ? 118 TYR AAA OH  1 ? 
ATOM   660  N  N   . TYR A 1 80  ? 11.515  -3.105  -6.290  1.000 9.352  ? 119 TYR AAA N   1 ? 
ATOM   661  C  CA  . TYR A 1 80  ? 11.222  -2.025  -7.231  1.000 9.694  ? 119 TYR AAA CA  1 ? 
ATOM   662  C  C   . TYR A 1 80  ? 12.453  -1.674  -8.067  1.000 10.399 ? 119 TYR AAA C   1 ? 
ATOM   663  O  O   . TYR A 1 80  ? 13.577  -1.899  -7.629  1.000 12.892 ? 119 TYR AAA O   1 ? 
ATOM   664  C  CB  . TYR A 1 80  ? 10.781  -0.809  -6.413  1.000 9.792  ? 119 TYR AAA CB  1 ? 
ATOM   665  C  CG  . TYR A 1 80  ? 9.459   -0.949  -5.688  1.000 8.947  ? 119 TYR AAA CG  1 ? 
ATOM   666  C  CD1 . TYR A 1 80  ? 8.264   -1.159  -6.358  1.000 8.938  ? 119 TYR AAA CD1 1 ? 
ATOM   667  C  CD2 . TYR A 1 80  ? 9.426   -0.861  -4.294  1.000 9.423  ? 119 TYR AAA CD2 1 ? 
ATOM   668  C  CE1 . TYR A 1 80  ? 7.058   -1.241  -5.670  1.000 8.665  ? 119 TYR AAA CE1 1 ? 
ATOM   669  C  CE2 . TYR A 1 80  ? 8.241   -0.923  -3.597  1.000 9.424  ? 119 TYR AAA CE2 1 ? 
ATOM   670  C  CZ  . TYR A 1 80  ? 7.056   -1.096  -4.277  1.000 8.910  ? 119 TYR AAA CZ  1 ? 
ATOM   671  O  OH  . TYR A 1 80  ? 5.899   -1.101  -3.520  1.000 9.793  ? 119 TYR AAA OH  1 ? 
ATOM   672  N  N   . TRP A 1 81  ? 12.162  -1.093  -9.243  1.000 10.323 ? 120 TRP AAA N   1 ? 
ATOM   673  C  CA  . TRP A 1 81  ? 13.164  -0.381  -10.051 1.000 10.978 ? 120 TRP AAA CA  1 ? 
ATOM   674  C  C   . TRP A 1 81  ? 13.148  1.124   -9.759  1.000 10.318 ? 120 TRP AAA C   1 ? 
ATOM   675  O  O   . TRP A 1 81  ? 14.205  1.768   -9.783  1.000 11.285 ? 120 TRP AAA O   1 ? 
ATOM   676  C  CB  . TRP A 1 81  ? 12.945  -0.635  -11.559 1.000 11.434 ? 120 TRP AAA CB  1 ? 
ATOM   677  C  CG  . TRP A 1 81  ? 14.019  -0.031  -12.428 1.000 11.024 ? 120 TRP AAA CG  1 ? 
ATOM   678  C  CD1 . TRP A 1 81  ? 13.962  1.167   -13.108 1.000 11.772 ? 120 TRP AAA CD1 1 ? 
ATOM   679  C  CD2 . TRP A 1 81  ? 15.288  -0.617  -12.722 1.000 10.190 ? 120 TRP AAA CD2 1 ? 
ATOM   680  N  NE1 . TRP A 1 81  ? 15.155  1.330   -13.779 1.000 11.427 ? 120 TRP AAA NE1 1 ? 
ATOM   681  C  CE2 . TRP A 1 81  ? 15.998  0.287   -13.542 1.000 10.637 ? 120 TRP AAA CE2 1 ? 
ATOM   682  C  CE3 . TRP A 1 81  ? 15.950  -1.786  -12.338 1.000 11.104 ? 120 TRP AAA CE3 1 ? 
ATOM   683  C  CZ2 . TRP A 1 81  ? 17.283  0.005   -14.003 1.000 11.042 ? 120 TRP AAA CZ2 1 ? 
ATOM   684  C  CZ3 . TRP A 1 81  ? 17.221  -2.071  -12.810 1.000 10.959 ? 120 TRP AAA CZ3 1 ? 
ATOM   685  C  CH2 . TRP A 1 81  ? 17.902  -1.141  -13.619 1.000 11.789 ? 120 TRP AAA CH2 1 ? 
ATOM   686  N  N   . ASN A 1 82  ? 11.996  1.713   -9.480  1.000 10.961 ? 121 ASN AAA N   1 ? 
ATOM   687  C  CA  . ASN A 1 82  ? 11.961  3.157   -9.260  1.000 10.664 ? 121 ASN AAA CA  1 ? 
ATOM   688  C  C   . ASN A 1 82  ? 10.901  3.532   -8.222  1.000 10.984 ? 121 ASN AAA C   1 ? 
ATOM   689  O  O   . ASN A 1 82  ? 10.044  2.715   -7.842  1.000 11.062 ? 121 ASN AAA O   1 ? 
ATOM   690  C  CB  . ASN A 1 82  ? 11.792  3.928   -10.573 1.000 11.400 ? 121 ASN AAA CB  1 ? 
ATOM   691  C  CG  . ASN A 1 82  ? 10.491  3.650   -11.305 1.000 11.043 ? 121 ASN AAA CG  1 ? 
ATOM   692  O  OD1 . ASN A 1 82  ? 9.452   3.476   -10.655 1.000 12.946 ? 121 ASN AAA OD1 1 ? 
ATOM   693  N  ND2 . ASN A 1 82  ? 10.437  3.646   -12.638 1.000 12.298 ? 121 ASN AAA ND2 1 ? 
ATOM   694  N  N   . ALA A 1 83  ? 10.916  4.804   -7.829  1.000 10.204 ? 122 ALA AAA N   1 ? 
ATOM   695  C  CA  . ALA A 1 83  ? 9.993   5.307   -6.827  1.000 10.482 ? 122 ALA AAA CA  1 ? 
ATOM   696  C  C   . ALA A 1 83  ? 8.586   5.335   -7.371  1.000 10.577 ? 122 ALA AAA C   1 ? 
ATOM   697  O  O   . ALA A 1 83  ? 7.652   5.170   -6.560  1.000 10.423 ? 122 ALA AAA O   1 ? 
ATOM   698  C  CB  . ALA A 1 83  ? 10.414  6.713   -6.468  1.000 12.403 ? 122 ALA AAA CB  1 ? 
ATOM   699  N  N   . GLN A 1 84  ? 8.389   5.606   -8.633  1.000 10.009 ? 123 GLN AAA N   1 ? 
ATOM   700  C  CA  . GLN A 1 84  ? 7.056   5.697   -9.197  1.000 11.097 ? 123 GLN AAA CA  1 ? 
ATOM   701  C  C   . GLN A 1 84  ? 6.288   4.398   -8.989  1.000 9.547  ? 123 GLN AAA C   1 ? 
ATOM   702  O  O   . GLN A 1 84  ? 5.086   4.438   -8.715  1.000 9.948  ? 123 GLN AAA O   1 ? 
ATOM   703  C  CB  . GLN A 1 84  ? 7.063   6.074   -10.678 1.000 13.374 ? 123 GLN AAA CB  1 ? 
ATOM   704  C  CG  . GLN A 1 84  ? 5.660   6.277   -11.279 1.000 17.542 ? 123 GLN AAA CG  1 ? 
ATOM   705  C  CD  . GLN A 1 84  ? 4.813   7.233   -10.458 0.500 18.753 ? 123 GLN AAA CD  1 ? 
ATOM   706  O  OE1 . GLN A 1 84  ? 3.643   6.973   -10.144 0.500 24.242 ? 123 GLN AAA OE1 1 ? 
ATOM   707  N  NE2 . GLN A 1 84  ? 5.432   8.303   -9.979  0.500 19.223 ? 123 GLN AAA NE2 1 ? 
ATOM   708  N  N   . GLU A 1 85  ? 6.954   3.243   -9.111  1.000 8.790  ? 124 GLU AAA N   1 ? 
ATOM   709  C  CA  . GLU A 1 85  ? 6.262   1.975   -8.872  1.000 8.653  ? 124 GLU AAA CA  1 ? 
ATOM   710  C  C   . GLU A 1 85  ? 5.702   1.924   -7.457  1.000 8.229  ? 124 GLU AAA C   1 ? 
ATOM   711  O  O   . GLU A 1 85  ? 4.582   1.411   -7.252  1.000 9.557  ? 124 GLU AAA O   1 ? 
ATOM   712  C  CB  . GLU A 1 85  ? 7.214   0.787   -9.097  1.000 9.367  ? 124 GLU AAA CB  1 ? 
ATOM   713  C  CG  . GLU A 1 85  ? 7.653   0.511   -10.544 1.000 10.888 ? 124 GLU AAA CG  1 ? 
ATOM   714  C  CD  . GLU A 1 85  ? 8.690   -0.629  -10.406 1.000 12.504 ? 124 GLU AAA CD  1 ? 
ATOM   715  O  OE1 . GLU A 1 85  ? 8.290   -1.808  -10.495 1.000 15.198 ? 124 GLU AAA OE1 1 ? 
ATOM   716  O  OE2 . GLU A 1 85  ? 9.795   -0.346  -10.102 1.000 15.514 ? 124 GLU AAA OE2 1 ? 
ATOM   717  N  N   . CYS A 1 86  ? 6.477   2.379   -6.501  1.000 8.381  ? 125 CYS AAA N   1 ? 
ATOM   718  C  CA  . CYS A 1 86  ? 6.063   2.288   -5.106  1.000 8.883  ? 125 CYS AAA CA  1 ? 
ATOM   719  C  C   . CYS A 1 86  ? 4.984   3.328   -4.802  1.000 8.769  ? 125 CYS AAA C   1 ? 
ATOM   720  O  O   . CYS A 1 86  ? 3.978   3.020   -4.140  1.000 8.793  ? 125 CYS AAA O   1 ? 
ATOM   721  C  CB  . CYS A 1 86  ? 7.310   2.469   -4.245  1.000 9.302  ? 125 CYS AAA CB  1 ? 
ATOM   722  S  SG  . CYS A 1 86  ? 6.938   2.492   -2.484  1.000 10.621 ? 125 CYS AAA SG  1 ? 
ATOM   723  N  N   . ILE A 1 87  ? 5.152   4.564   -5.278  1.000 8.525  ? 126 ILE AAA N   1 ? 
ATOM   724  C  CA  . ILE A 1 87  ? 4.103   5.569   -5.130  1.000 8.876  ? 126 ILE AAA CA  1 ? 
ATOM   725  C  C   . ILE A 1 87  ? 2.802   5.064   -5.739  1.000 9.340  ? 126 ILE AAA C   1 ? 
ATOM   726  O  O   . ILE A 1 87  ? 1.710   5.280   -5.158  1.000 9.510  ? 126 ILE AAA O   1 ? 
ATOM   727  C  CB  . ILE A 1 87  ? 4.597   6.876   -5.771  1.000 9.650  ? 126 ILE AAA CB  1 ? 
ATOM   728  C  CG1 . ILE A 1 87  ? 5.736   7.442   -4.936  1.000 10.523 ? 126 ILE AAA CG1 1 ? 
ATOM   729  C  CG2 . ILE A 1 87  ? 3.458   7.887   -5.895  1.000 10.963 ? 126 ILE AAA CG2 1 ? 
ATOM   730  C  CD1 . ILE A 1 87  ? 6.576   8.555   -5.639  1.000 12.628 ? 126 ILE AAA CD1 1 ? 
ATOM   731  N  N   . GLN A 1 88  ? 2.868   4.391   -6.880  1.000 9.378  ? 127 GLN AAA N   1 ? 
ATOM   732  C  CA  . GLN A 1 88  ? 1.658   3.860   -7.481  1.000 9.525  ? 127 GLN AAA CA  1 ? 
ATOM   733  C  C   . GLN A 1 88  ? 1.009   2.827   -6.564  1.000 8.134  ? 127 GLN AAA C   1 ? 
ATOM   734  O  O   . GLN A 1 88  ? -0.215  2.821   -6.452  1.000 9.228  ? 127 GLN AAA O   1 ? 
ATOM   735  C  CB  . GLN A 1 88  ? 1.939   3.228   -8.855  1.000 11.333 ? 127 GLN AAA CB  1 ? 
ATOM   736  C  CG  . GLN A 1 88  ? 0.700   2.597   -9.488  1.000 16.570 ? 127 GLN AAA CG  1 ? 
ATOM   737  C  CD  . GLN A 1 88  ? -0.423  3.598   -9.662  1.000 21.226 ? 127 GLN AAA CD  1 ? 
ATOM   738  O  OE1 . GLN A 1 88  ? -1.468  3.620   -8.963  1.000 24.403 ? 127 GLN AAA OE1 1 ? 
ATOM   739  N  NE2 . GLN A 1 88  ? -0.192  4.497   -10.607 1.000 23.216 ? 127 GLN AAA NE2 1 ? 
ATOM   740  N  N   . ASP A 1 89  ? 1.802   2.002   -5.902  1.000 7.803  ? 128 ASP AAA N   1 ? 
ATOM   741  C  CA  . ASP A 1 89  ? 1.229   1.029   -4.977  1.000 8.003  ? 128 ASP AAA CA  1 ? 
ATOM   742  C  C   . ASP A 1 89  ? 0.503   1.744   -3.832  1.000 7.815  ? 128 ASP AAA C   1 ? 
ATOM   743  O  O   . ASP A 1 89  ? -0.623  1.349   -3.475  1.000 8.497  ? 128 ASP AAA O   1 ? 
ATOM   744  C  CB  . ASP A 1 89  ? 2.311   0.119   -4.443  1.000 8.261  ? 128 ASP AAA CB  1 ? 
ATOM   745  C  CG  . ASP A 1 89  ? 2.806   -0.936  -5.431  1.000 9.118  ? 128 ASP AAA CG  1 ? 
ATOM   746  O  OD1 . ASP A 1 89  ? 2.134   -1.162  -6.444  1.000 10.427 ? 128 ASP AAA OD1 1 ? 
ATOM   747  O  OD2 . ASP A 1 89  ? 3.869   -1.512  -5.120  1.000 10.037 ? 128 ASP AAA OD2 1 ? 
ATOM   748  N  N   . PHE A 1 90  ? 1.086   2.798   -3.234  1.000 8.083  ? 129 PHE AAA N   1 ? 
ATOM   749  C  CA  . PHE A 1 90  ? 0.345   3.538   -2.207  1.000 7.562  ? 129 PHE AAA CA  1 ? 
ATOM   750  C  C   . PHE A 1 90  ? -0.952  4.100   -2.779  1.000 7.867  ? 129 PHE AAA C   1 ? 
ATOM   751  O  O   . PHE A 1 90  ? -2.011  4.008   -2.132  1.000 8.551  ? 129 PHE AAA O   1 ? 
ATOM   752  C  CB  . PHE A 1 90  ? 1.186   4.654   -1.601  1.000 8.608  ? 129 PHE AAA CB  1 ? 
ATOM   753  C  CG  . PHE A 1 90  ? 2.176   4.243   -0.546  1.000 8.470  ? 129 PHE AAA CG  1 ? 
ATOM   754  C  CD1 . PHE A 1 90  ? 1.745   4.039   0.763   1.000 10.294 ? 129 PHE AAA CD1 1 ? 
ATOM   755  C  CD2 . PHE A 1 90  ? 3.527   4.069   -0.857  1.000 9.171  ? 129 PHE AAA CD2 1 ? 
ATOM   756  C  CE1 . PHE A 1 90  ? 2.653   3.679   1.738   1.000 10.696 ? 129 PHE AAA CE1 1 ? 
ATOM   757  C  CE2 . PHE A 1 90  ? 4.433   3.738   0.137   1.000 10.093 ? 129 PHE AAA CE2 1 ? 
ATOM   758  C  CZ  . PHE A 1 90  ? 3.986   3.547   1.423   1.000 10.890 ? 129 PHE AAA CZ  1 ? 
ATOM   759  N  N   . ASN A 1 91  ? -0.903  4.744   -3.936  1.000 8.828  ? 130 ASN AAA N   1 ? 
ATOM   760  C  CA  . ASN A 1 91  ? -2.109  5.307   -4.528  1.000 9.344  ? 130 ASN AAA CA  1 ? 
ATOM   761  C  C   . ASN A 1 91  ? -3.157  4.228   -4.782  1.000 9.657  ? 130 ASN AAA C   1 ? 
ATOM   762  O  O   . ASN A 1 91  ? -4.359  4.488   -4.612  1.000 10.301 ? 130 ASN AAA O   1 ? 
ATOM   763  C  CB  . ASN A 1 91  ? -1.751  6.155   -5.736  1.000 12.393 ? 130 ASN AAA CB  1 ? 
ATOM   764  C  CG  . ASN A 1 91  ? -1.142  7.456   -5.228  1.000 15.517 ? 130 ASN AAA CG  1 ? 
ATOM   765  O  OD1 . ASN A 1 91  ? -1.572  8.031   -4.217  1.000 22.929 ? 130 ASN AAA OD1 1 ? 
ATOM   766  N  ND2 . ASN A 1 91  ? -0.106  7.878   -5.865  1.000 19.334 ? 130 ASN AAA ND2 1 ? 
ATOM   767  N  N   . THR A 1 92  ? -2.732  3.059   -5.250  1.000 8.743  ? 131 THR AAA N   1 ? 
ATOM   768  C  CA  . THR A 1 92  ? -3.680  1.970   -5.451  1.000 9.373  ? 131 THR AAA CA  1 ? 
ATOM   769  C  C   . THR A 1 92  ? -4.363  1.595   -4.136  1.000 8.512  ? 131 THR AAA C   1 ? 
ATOM   770  O  O   . THR A 1 92  ? -5.597  1.398   -4.118  1.000 8.822  ? 131 THR AAA O   1 ? 
ATOM   771  C  CB  . THR A 1 92  ? -2.974  0.761   -6.069  1.000 9.206  ? 131 THR AAA CB  1 ? 
ATOM   772  O  OG1 . THR A 1 92  ? -2.485  1.123   -7.363  1.000 11.778 ? 131 THR AAA OG1 1 ? 
ATOM   773  C  CG2 . THR A 1 92  ? -3.845  -0.474  -6.162  1.000 10.444 ? 131 THR AAA CG2 1 ? 
ATOM   774  N  N   . MET A 1 93  ? -3.576  1.436   -3.080  1.000 8.197  ? 132 MET AAA N   1 ? 
ATOM   775  C  CA  . MET A 1 93  ? -4.159  1.109   -1.790  1.000 8.524  ? 132 MET AAA CA  1 ? 
ATOM   776  C  C   . MET A 1 93  ? -5.212  2.122   -1.352  1.000 8.005  ? 132 MET AAA C   1 ? 
ATOM   777  O  O   . MET A 1 93  ? -6.314  1.754   -0.936  1.000 8.498  ? 132 MET AAA O   1 ? 
ATOM   778  C  CB  . MET A 1 93  ? -3.035  1.060   -0.756  1.000 8.059  ? 132 MET AAA CB  1 ? 
ATOM   779  C  CG  . MET A 1 93  ? -3.526  0.812   0.672   1.000 9.346  ? 132 MET AAA CG  1 ? 
ATOM   780  S  SD  . MET A 1 93  ? -2.182  0.857   1.845   1.000 9.528  ? 132 MET AAA SD  1 ? 
ATOM   781  C  CE  . MET A 1 93  ? -2.057  2.629   2.087   1.000 13.000 ? 132 MET AAA CE  1 ? 
ATOM   782  N  N   . PHE A 1 94  ? -4.900  3.418   -1.510  1.000 8.426  ? 133 PHE AAA N   1 ? 
ATOM   783  C  CA  . PHE A 1 94  ? -5.872  4.424   -1.092  1.000 8.930  ? 133 PHE AAA CA  1 ? 
ATOM   784  C  C   . PHE A 1 94  ? -7.114  4.353   -1.977  1.000 9.269  ? 133 PHE AAA C   1 ? 
ATOM   785  O  O   . PHE A 1 94  ? -8.256  4.398   -1.481  1.000 9.457  ? 133 PHE AAA O   1 ? 
ATOM   786  C  CB  . PHE A 1 94  ? -5.294  5.845   -1.129  1.000 9.414  ? 133 PHE AAA CB  1 ? 
ATOM   787  C  CG  . PHE A 1 94  ? -4.182  6.073   -0.155  1.000 9.603  ? 133 PHE AAA CG  1 ? 
ATOM   788  C  CD1 . PHE A 1 94  ? -4.430  5.814   1.174   1.000 11.413 ? 133 PHE AAA CD1 1 ? 
ATOM   789  C  CD2 . PHE A 1 94  ? -2.937  6.576   -0.521  1.000 10.220 ? 133 PHE AAA CD2 1 ? 
ATOM   790  C  CE1 . PHE A 1 94  ? -3.454  6.007   2.144   1.000 13.190 ? 133 PHE AAA CE1 1 ? 
ATOM   791  C  CE2 . PHE A 1 94  ? -1.968  6.753   0.459   1.000 11.884 ? 133 PHE AAA CE2 1 ? 
ATOM   792  C  CZ  . PHE A 1 94  ? -2.244  6.511   1.778   1.000 12.284 ? 133 PHE AAA CZ  1 ? 
ATOM   793  N  N   . THR A 1 95  ? -6.921  4.256   -3.305  1.000 9.823  ? 134 THR AAA N   1 ? 
ATOM   794  C  CA  A THR A 1 95  ? -8.072  4.213   -4.187  0.500 11.821 ? 134 THR AAA CA  1 ? 
ATOM   795  C  CA  B THR A 1 95  ? -8.003  4.126   -4.276  0.500 9.910  ? 134 THR AAA CA  1 ? 
ATOM   796  C  C   . THR A 1 95  ? -8.910  2.960   -3.922  1.000 10.345 ? 134 THR AAA C   1 ? 
ATOM   797  O  O   . THR A 1 95  ? -10.156 3.061   -3.999  1.000 11.618 ? 134 THR AAA O   1 ? 
ATOM   798  C  CB  A THR A 1 95  ? -7.662  4.539   -5.626  0.500 13.615 ? 134 THR AAA CB  1 ? 
ATOM   799  C  CB  B THR A 1 95  ? -7.480  3.937   -5.710  0.500 8.490  ? 134 THR AAA CB  1 ? 
ATOM   800  O  OG1 A THR A 1 95  ? -6.732  3.527   -5.973  0.500 20.006 ? 134 THR AAA OG1 1 ? 
ATOM   801  O  OG1 B THR A 1 95  ? -6.714  5.110   -5.952  0.500 9.795  ? 134 THR AAA OG1 1 ? 
ATOM   802  C  CG2 A THR A 1 95  ? -6.977  5.879   -5.738  0.500 13.898 ? 134 THR AAA CG2 1 ? 
ATOM   803  C  CG2 B THR A 1 95  ? -8.614  3.899   -6.711  0.500 9.311  ? 134 THR AAA CG2 1 ? 
ATOM   804  N  N   . ASN A 1 96  ? -8.329  1.817   -3.619  1.000 9.822  ? 135 ASN AAA N   1 ? 
ATOM   805  C  CA  . ASN A 1 96  ? -9.154  0.654   -3.311  1.000 9.899  ? 135 ASN AAA CA  1 ? 
ATOM   806  C  C   . ASN A 1 96  ? -10.121 0.993   -2.181  1.000 9.473  ? 135 ASN AAA C   1 ? 
ATOM   807  O  O   . ASN A 1 96  ? -11.301 0.621   -2.234  1.000 9.436  ? 135 ASN AAA O   1 ? 
ATOM   808  C  CB  . ASN A 1 96  ? -8.294  -0.538  -2.926  1.000 12.234 ? 135 ASN AAA CB  1 ? 
ATOM   809  C  CG  . ASN A 1 96  ? -7.472  -1.077  -4.121  1.000 13.480 ? 135 ASN AAA CG  1 ? 
ATOM   810  O  OD1 . ASN A 1 96  ? -7.749  -0.758  -5.251  1.000 15.979 ? 135 ASN AAA OD1 1 ? 
ATOM   811  N  ND2 . ASN A 1 96  ? -6.477  -1.840  -3.850  1.000 19.786 ? 135 ASN AAA ND2 1 ? 
ATOM   812  N  N   . CYS A 1 97  ? -9.605  1.661   -1.148  1.000 7.807  ? 136 CYS AAA N   1 ? 
ATOM   813  C  CA  . CYS A 1 97  ? -10.404 1.985   0.024   1.000 8.104  ? 136 CYS AAA CA  1 ? 
ATOM   814  C  C   . CYS A 1 97  ? -11.567 2.908   -0.355  1.000 7.942  ? 136 CYS AAA C   1 ? 
ATOM   815  O  O   . CYS A 1 97  ? -12.707 2.701   0.030   1.000 8.748  ? 136 CYS AAA O   1 ? 
ATOM   816  C  CB  . CYS A 1 97  ? -9.497  2.622   1.055   1.000 8.419  ? 136 CYS AAA CB  1 ? 
ATOM   817  S  SG  . CYS A 1 97  ? -10.355 2.999   2.588   1.000 10.940 ? 136 CYS AAA SG  1 ? 
ATOM   818  N  N   . TYR A 1 98  ? -11.256 3.922   -1.160  1.000 7.669  ? 137 TYR AAA N   1 ? 
ATOM   819  C  CA  . TYR A 1 98  ? -12.227 4.916   -1.544  1.000 9.463  ? 137 TYR AAA CA  1 ? 
ATOM   820  C  C   . TYR A 1 98  ? -13.255 4.330   -2.493  1.000 10.031 ? 137 TYR AAA C   1 ? 
ATOM   821  O  O   . TYR A 1 98  ? -14.406 4.817   -2.481  1.000 12.272 ? 137 TYR AAA O   1 ? 
ATOM   822  C  CB  . TYR A 1 98  ? -11.556 6.153   -2.118  1.000 9.985  ? 137 TYR AAA CB  1 ? 
ATOM   823  C  CG  . TYR A 1 98  ? -10.524 6.791   -1.228  1.000 9.871  ? 137 TYR AAA CG  1 ? 
ATOM   824  C  CD1 . TYR A 1 98  ? -10.654 6.821   0.146   1.000 10.626 ? 137 TYR AAA CD1 1 ? 
ATOM   825  C  CD2 . TYR A 1 98  ? -9.423  7.407   -1.768  1.000 10.107 ? 137 TYR AAA CD2 1 ? 
ATOM   826  C  CE1 . TYR A 1 98  ? -9.722  7.430   0.972   1.000 11.637 ? 137 TYR AAA CE1 1 ? 
ATOM   827  C  CE2 . TYR A 1 98  ? -8.477  8.019   -0.979  1.000 10.383 ? 137 TYR AAA CE2 1 ? 
ATOM   828  C  CZ  . TYR A 1 98  ? -8.637  8.039   0.385   1.000 10.624 ? 137 TYR AAA CZ  1 ? 
ATOM   829  O  OH  . TYR A 1 98  ? -7.716  8.655   1.200   1.000 13.491 ? 137 TYR AAA OH  1 ? 
ATOM   830  N  N   . ILE A 1 99  ? -12.883 3.385   -3.330  1.000 10.215 ? 138 ILE AAA N   1 ? 
ATOM   831  C  CA  . ILE A 1 99  ? -13.853 2.789   -4.247  1.000 11.619 ? 138 ILE AAA CA  1 ? 
ATOM   832  C  C   . ILE A 1 99  ? -14.780 1.830   -3.506  1.000 10.700 ? 138 ILE AAA C   1 ? 
ATOM   833  O  O   . ILE A 1 99  ? -15.983 1.797   -3.805  1.000 13.014 ? 138 ILE AAA O   1 ? 
ATOM   834  C  CB  . ILE A 1 99  ? -13.103 2.057   -5.387  1.000 13.270 ? 138 ILE AAA CB  1 ? 
ATOM   835  C  CG1 . ILE A 1 99  ? -12.490 3.087   -6.338  1.000 16.131 ? 138 ILE AAA CG1 1 ? 
ATOM   836  C  CG2 . ILE A 1 99  ? -13.989 1.069   -6.158  1.000 15.034 ? 138 ILE AAA CG2 1 ? 
ATOM   837  C  CD1 . ILE A 1 99  ? -11.757 2.500   -7.492  1.000 22.488 ? 138 ILE AAA CD1 1 ? 
ATOM   838  N  N   . TYR A 1 100 ? -14.257 1.024   -2.603  1.000 9.941  ? 139 TYR AAA N   1 ? 
ATOM   839  C  CA  . TYR A 1 100 ? -15.063 -0.010  -1.998  1.000 9.752  ? 139 TYR AAA CA  1 ? 
ATOM   840  C  C   . TYR A 1 100 ? -16.005 0.544   -0.927  1.000 10.263 ? 139 TYR AAA C   1 ? 
ATOM   841  O  O   . TYR A 1 100 ? -17.105 0.015   -0.736  1.000 11.135 ? 139 TYR AAA O   1 ? 
ATOM   842  C  CB  . TYR A 1 100 ? -14.190 -1.128  -1.421  1.000 9.828  ? 139 TYR AAA CB  1 ? 
ATOM   843  C  CG  . TYR A 1 100 ? -15.007 -2.282  -0.904  1.000 9.160  ? 139 TYR AAA CG  1 ? 
ATOM   844  C  CD1 . TYR A 1 100 ? -15.576 -3.199  -1.781  1.000 9.943  ? 139 TYR AAA CD1 1 ? 
ATOM   845  C  CD2 . TYR A 1 100 ? -15.308 -2.399  0.436   1.000 9.687  ? 139 TYR AAA CD2 1 ? 
ATOM   846  C  CE1 . TYR A 1 100 ? -16.417 -4.208  -1.337  1.000 10.585 ? 139 TYR AAA CE1 1 ? 
ATOM   847  C  CE2 . TYR A 1 100 ? -16.136 -3.417  0.908   1.000 10.462 ? 139 TYR AAA CE2 1 ? 
ATOM   848  C  CZ  . TYR A 1 100 ? -16.708 -4.302  0.005   1.000 10.419 ? 139 TYR AAA CZ  1 ? 
ATOM   849  O  OH  . TYR A 1 100 ? -17.523 -5.299  0.468   1.000 12.306 ? 139 TYR AAA OH  1 ? 
ATOM   850  N  N   . ASN A 1 101 ? -15.544 1.524   -0.161  1.000 9.502  ? 140 ASN AAA N   1 ? 
ATOM   851  C  CA  . ASN A 1 101 ? -16.250 1.942   1.036   1.000 10.236 ? 140 ASN AAA CA  1 ? 
ATOM   852  C  C   . ASN A 1 101 ? -17.041 3.216   0.800   1.000 11.618 ? 140 ASN AAA C   1 ? 
ATOM   853  O  O   . ASN A 1 101 ? -16.685 4.036   -0.031  1.000 14.763 ? 140 ASN AAA O   1 ? 
ATOM   854  C  CB  . ASN A 1 101 ? -15.273 2.133   2.181   1.000 10.522 ? 140 ASN AAA CB  1 ? 
ATOM   855  C  CG  . ASN A 1 101 ? -14.566 0.844   2.509   1.000 9.253  ? 140 ASN AAA CG  1 ? 
ATOM   856  O  OD1 . ASN A 1 101 ? -15.116 -0.016  3.190   1.000 10.881 ? 140 ASN AAA OD1 1 ? 
ATOM   857  N  ND2 . ASN A 1 101 ? -13.349 0.682   2.040   1.000 10.347 ? 140 ASN AAA ND2 1 ? 
ATOM   858  N  N   . LYS A 1 102 ? -18.039 3.445   1.642   1.000 13.359 ? 141 LYS AAA N   1 ? 
ATOM   859  C  CA  . LYS A 1 102 ? -18.858 4.662   1.592   1.000 14.099 ? 141 LYS AAA CA  1 ? 
ATOM   860  C  C   . LYS A 1 102 ? -18.051 5.850   2.106   1.000 14.023 ? 141 LYS AAA C   1 ? 
ATOM   861  O  O   . LYS A 1 102 ? -17.267 5.728   3.052   1.000 13.368 ? 141 LYS AAA O   1 ? 
ATOM   862  C  CB  . LYS A 1 102 ? -20.140 4.499   2.435   1.000 16.002 ? 141 LYS AAA CB  1 ? 
ATOM   863  C  CG  . LYS A 1 102 ? -21.113 3.410   1.960   1.000 22.286 ? 141 LYS AAA CG  1 ? 
ATOM   864  C  CD  . LYS A 1 102 ? -22.412 3.360   2.756   0.500 21.861 ? 141 LYS AAA CD  1 ? 
ATOM   865  C  CE  . LYS A 1 102 ? -23.207 2.085   2.560   0.500 25.161 ? 141 LYS AAA CE  1 ? 
ATOM   866  N  NZ  . LYS A 1 102 ? -22.507 0.903   3.129   1.000 32.454 ? 141 LYS AAA NZ  1 ? 
ATOM   867  N  N   . PRO A 1 103 ? -18.196 7.072   1.540   1.000 14.434 ? 142 PRO AAA N   1 ? 
ATOM   868  C  CA  . PRO A 1 103 ? -17.432 8.227   2.007   1.000 16.016 ? 142 PRO AAA CA  1 ? 
ATOM   869  C  C   . PRO A 1 103 ? -17.780 8.459   3.474   1.000 17.277 ? 142 PRO AAA C   1 ? 
ATOM   870  O  O   . PRO A 1 103 ? -18.909 8.213   3.906   1.000 20.281 ? 142 PRO AAA O   1 ? 
ATOM   871  C  CB  . PRO A 1 103 ? -17.908 9.378   1.092   1.000 18.511 ? 142 PRO AAA CB  1 ? 
ATOM   872  C  CG  . PRO A 1 103 ? -19.207 8.898   0.527   1.000 20.559 ? 142 PRO AAA CG  1 ? 
ATOM   873  C  CD  . PRO A 1 103 ? -19.039 7.397   0.363   1.000 17.098 ? 142 PRO AAA CD  1 ? 
ATOM   874  N  N   . GLY A 1 104 ? -16.817 8.887   4.279   1.000 20.340 ? 143 GLY AAA N   1 ? 
ATOM   875  C  CA  . GLY A 1 104 ? -17.216 9.004   5.684   1.000 21.731 ? 143 GLY AAA CA  1 ? 
ATOM   876  C  C   . GLY A 1 104 ? -17.328 7.715   6.528   1.000 20.032 ? 143 GLY AAA C   1 ? 
ATOM   877  O  O   . GLY A 1 104 ? -17.443 7.833   7.758   1.000 20.672 ? 143 GLY AAA O   1 ? 
ATOM   878  N  N   . ASP A 1 105 ? -17.295 6.488   5.952   1.000 14.855 ? 144 ASP AAA N   1 ? 
ATOM   879  C  CA  . ASP A 1 105 ? -17.012 5.302   6.739   1.000 14.385 ? 144 ASP AAA CA  1 ? 
ATOM   880  C  C   . ASP A 1 105 ? -15.688 5.496   7.488   1.000 11.723 ? 144 ASP AAA C   1 ? 
ATOM   881  O  O   . ASP A 1 105 ? -14.780 6.195   7.059   1.000 11.980 ? 144 ASP AAA O   1 ? 
ATOM   882  C  CB  . ASP A 1 105 ? -16.899 4.056   5.852   1.000 14.968 ? 144 ASP AAA CB  1 ? 
ATOM   883  C  CG  . ASP A 1 105 ? -18.184 3.438   5.360   1.000 18.882 ? 144 ASP AAA CG  1 ? 
ATOM   884  O  OD1 . ASP A 1 105 ? -19.260 3.901   5.782   1.000 21.379 ? 144 ASP AAA OD1 1 ? 
ATOM   885  O  OD2 . ASP A 1 105 ? -18.079 2.471   4.583   1.000 21.993 ? 144 ASP AAA OD2 1 ? 
ATOM   886  N  N   . ASP A 1 106 ? -15.584 4.888   8.662   1.000 10.507 ? 145 ASP AAA N   1 ? 
ATOM   887  C  CA  . ASP A 1 106 ? -14.381 4.995   9.448   1.000 10.411 ? 145 ASP AAA CA  1 ? 
ATOM   888  C  C   . ASP A 1 106 ? -13.121 4.662   8.654   1.000 9.754  ? 145 ASP AAA C   1 ? 
ATOM   889  O  O   . ASP A 1 106 ? -12.134 5.383   8.781   1.000 10.214 ? 145 ASP AAA O   1 ? 
ATOM   890  C  CB  . ASP A 1 106 ? -14.426 4.096   10.678  1.000 10.748 ? 145 ASP AAA CB  1 ? 
ATOM   891  C  CG  . ASP A 1 106 ? -15.291 4.665   11.804  1.000 12.703 ? 145 ASP AAA CG  1 ? 
ATOM   892  O  OD1 . ASP A 1 106 ? -15.605 5.858   11.805  1.000 13.174 ? 145 ASP AAA OD1 1 ? 
ATOM   893  O  OD2 . ASP A 1 106 ? -15.644 3.833   12.689  1.000 14.818 ? 145 ASP AAA OD2 1 ? 
ATOM   894  N  N   A ILE A 1 107 ? -13.099 3.585   7.862   0.500 9.282  ? 146 ILE AAA N   1 ? 
ATOM   895  N  N   B ILE A 1 107 ? -13.201 3.606   7.844   0.500 9.537  ? 146 ILE AAA N   1 ? 
ATOM   896  C  CA  A ILE A 1 107 ? -11.844 3.276   7.169   0.500 9.221  ? 146 ILE AAA CA  1 ? 
ATOM   897  C  CA  B ILE A 1 107 ? -12.026 3.155   7.111   0.500 9.762  ? 146 ILE AAA CA  1 ? 
ATOM   898  C  C   A ILE A 1 107 ? -11.469 4.370   6.159   0.500 8.580  ? 146 ILE AAA C   1 ? 
ATOM   899  C  C   B ILE A 1 107 ? -11.546 4.237   6.135   0.500 8.973  ? 146 ILE AAA C   1 ? 
ATOM   900  O  O   A ILE A 1 107 ? -10.291 4.620   5.902   0.500 8.652  ? 146 ILE AAA O   1 ? 
ATOM   901  O  O   B ILE A 1 107 ? -10.353 4.374   5.905   0.500 8.691  ? 146 ILE AAA O   1 ? 
ATOM   902  C  CB  A ILE A 1 107 ? -11.884 1.896   6.495   0.500 9.248  ? 146 ILE AAA CB  1 ? 
ATOM   903  C  CB  B ILE A 1 107 ? -12.333 1.816   6.432   0.500 10.252 ? 146 ILE AAA CB  1 ? 
ATOM   904  C  CG1 A ILE A 1 107 ? -10.479 1.445   6.087   0.500 10.266 ? 146 ILE AAA CG1 1 ? 
ATOM   905  C  CG1 B ILE A 1 107 ? -11.081 1.157   5.850   0.500 10.764 ? 146 ILE AAA CG1 1 ? 
ATOM   906  C  CG2 A ILE A 1 107 ? -12.911 1.808   5.354   0.500 9.337  ? 146 ILE AAA CG2 1 ? 
ATOM   907  C  CG2 B ILE A 1 107 ? -13.448 1.915   5.399   0.500 9.950  ? 146 ILE AAA CG2 1 ? 
ATOM   908  C  CD1 A ILE A 1 107 ? -10.364 0.015   5.621   0.500 10.296 ? 146 ILE AAA CD1 1 ? 
ATOM   909  C  CD1 B ILE A 1 107 ? -9.970  0.920   6.845   0.500 12.460 ? 146 ILE AAA CD1 1 ? 
ATOM   910  N  N   . VAL A 1 108 ? -12.488 5.000   5.557   1.000 8.138  ? 147 VAL AAA N   1 ? 
ATOM   911  C  CA  . VAL A 1 108 ? -12.186 6.091   4.643   1.000 9.029  ? 147 VAL AAA CA  1 ? 
ATOM   912  C  C   . VAL A 1 108 ? -11.551 7.246   5.379   1.000 9.053  ? 147 VAL AAA C   1 ? 
ATOM   913  O  O   . VAL A 1 108 ? -10.576 7.824   4.904   1.000 10.146 ? 147 VAL AAA O   1 ? 
ATOM   914  C  CB  . VAL A 1 108 ? -13.456 6.530   3.917   1.000 9.284  ? 147 VAL AAA CB  1 ? 
ATOM   915  C  CG1 . VAL A 1 108 ? -13.214 7.766   3.076   1.000 10.402 ? 147 VAL AAA CG1 1 ? 
ATOM   916  C  CG2 . VAL A 1 108 ? -13.945 5.412   2.993   1.000 10.511 ? 147 VAL AAA CG2 1 ? 
ATOM   917  N  N   . LEU A 1 109 ? -12.093 7.602   6.566   1.000 9.309  ? 148 LEU AAA N   1 ? 
ATOM   918  C  CA  . LEU A 1 109 ? -11.435 8.654   7.361   1.000 9.804  ? 148 LEU AAA CA  1 ? 
ATOM   919  C  C   . LEU A 1 109 ? -10.001 8.277   7.734   1.000 9.439  ? 148 LEU AAA C   1 ? 
ATOM   920  O  O   . LEU A 1 109 ? -9.098  9.112   7.745   1.000 9.852  ? 148 LEU AAA O   1 ? 
ATOM   921  C  CB  . LEU A 1 109 ? -12.224 8.900   8.646   1.000 11.307 ? 148 LEU AAA CB  1 ? 
ATOM   922  C  CG  . LEU A 1 109 ? -13.658 9.379   8.425   1.000 14.181 ? 148 LEU AAA CG  1 ? 
ATOM   923  C  CD1 . LEU A 1 109 ? -14.402 9.396   9.751   1.000 16.606 ? 148 LEU AAA CD1 1 ? 
ATOM   924  C  CD2 . LEU A 1 109 ? -13.652 10.771  7.816   1.000 19.435 ? 148 LEU AAA CD2 1 ? 
ATOM   925  N  N   . MET A 1 110 ? -9.775  6.996   8.005   1.000 9.242  ? 149 MET AAA N   1 ? 
ATOM   926  C  CA  . MET A 1 110 ? -8.438  6.517   8.336   1.000 8.873  ? 149 MET AAA CA  1 ? 
ATOM   927  C  C   . MET A 1 110 ? -7.496  6.632   7.138   1.000 8.568  ? 149 MET AAA C   1 ? 
ATOM   928  O  O   . MET A 1 110 ? -6.382  7.151   7.255   1.000 9.354  ? 149 MET AAA O   1 ? 
ATOM   929  C  CB  . MET A 1 110 ? -8.539  5.091   8.856   1.000 8.279  ? 149 MET AAA CB  1 ? 
ATOM   930  C  CG  . MET A 1 110 ? -9.324  4.990   10.184  1.000 9.275  ? 149 MET AAA CG  1 ? 
ATOM   931  S  SD  . MET A 1 110 ? -9.803  3.323   10.622  1.000 10.327 ? 149 MET AAA SD  1 ? 
ATOM   932  C  CE  . MET A 1 110 ? -8.300  2.881   11.431  1.000 11.313 ? 149 MET AAA CE  1 ? 
ATOM   933  N  N   . ALA A 1 111 ? -7.956  6.138   5.995   1.000 8.326  ? 150 ALA AAA N   1 ? 
ATOM   934  C  CA  . ALA A 1 111 ? -7.196  6.293   4.759   1.000 8.772  ? 150 ALA AAA CA  1 ? 
ATOM   935  C  C   . ALA A 1 111 ? -6.891  7.748   4.443   1.000 9.371  ? 150 ALA AAA C   1 ? 
ATOM   936  O  O   . ALA A 1 111 ? -5.766  8.050   4.035   1.000 10.154 ? 150 ALA AAA O   1 ? 
ATOM   937  C  CB  . ALA A 1 111 ? -7.901  5.597   3.602   1.000 9.817  ? 150 ALA AAA CB  1 ? 
ATOM   938  N  N   . GLU A 1 112 ? -7.860  8.621   4.636   1.000 9.667  ? 151 GLU AAA N   1 ? 
ATOM   939  C  CA  . GLU A 1 112 ? -7.622  10.020  4.321   1.000 10.815 ? 151 GLU AAA CA  1 ? 
ATOM   940  C  C   . GLU A 1 112 ? -6.538  10.630  5.202   1.000 9.873  ? 151 GLU AAA C   1 ? 
ATOM   941  O  O   . GLU A 1 112 ? -5.756  11.469  4.735   1.000 10.534 ? 151 GLU AAA O   1 ? 
ATOM   942  C  CB  . GLU A 1 112 ? -8.908  10.796  4.463   1.000 13.080 ? 151 GLU AAA CB  1 ? 
ATOM   943  C  CG  . GLU A 1 112 ? -9.837  10.538  3.312   1.000 16.072 ? 151 GLU AAA CG  1 ? 
ATOM   944  C  CD  . GLU A 1 112 ? -11.208 11.168  3.465   1.000 20.918 ? 151 GLU AAA CD  1 ? 
ATOM   945  O  OE1 . GLU A 1 112 ? -11.603 11.466  4.599   1.000 24.203 ? 151 GLU AAA OE1 1 ? 
ATOM   946  O  OE2 . GLU A 1 112 ? -11.908 11.269  2.433   1.000 26.574 ? 151 GLU AAA OE2 1 ? 
ATOM   947  N  N   . ALA A 1 113 ? -6.486  10.254  6.496   1.000 10.085 ? 152 ALA AAA N   1 ? 
ATOM   948  C  CA  . ALA A 1 113 ? -5.448  10.762  7.374   1.000 10.870 ? 152 ALA AAA CA  1 ? 
ATOM   949  C  C   . ALA A 1 113 ? -4.100  10.258  6.886   1.000 10.067 ? 152 ALA AAA C   1 ? 
ATOM   950  O  O   . ALA A 1 113 ? -3.120  11.016  6.909   1.000 10.360 ? 152 ALA AAA O   1 ? 
ATOM   951  C  CB  . ALA A 1 113 ? -5.746  10.368  8.824   1.000 11.390 ? 152 ALA AAA CB  1 ? 
ATOM   952  N  N   . LEU A 1 114 ? -3.976  8.966   6.566   1.000 9.715  ? 153 LEU AAA N   1 ? 
ATOM   953  C  CA  . LEU A 1 114 ? -2.710  8.460   6.050   1.000 9.733  ? 153 LEU AAA CA  1 ? 
ATOM   954  C  C   . LEU A 1 114 ? -2.324  9.122   4.721   1.000 9.843  ? 153 LEU AAA C   1 ? 
ATOM   955  O  O   . LEU A 1 114 ? -1.140  9.401   4.506   1.000 10.306 ? 153 LEU AAA O   1 ? 
ATOM   956  C  CB  . LEU A 1 114 ? -2.821  6.948   5.892   1.000 10.583 ? 153 LEU AAA CB  1 ? 
ATOM   957  C  CG  . LEU A 1 114 ? -3.131  6.161   7.174   1.000 12.268 ? 153 LEU AAA CG  1 ? 
ATOM   958  C  CD1 . LEU A 1 114 ? -3.420  4.708   6.862   1.000 15.843 ? 153 LEU AAA CD1 1 ? 
ATOM   959  C  CD2 . LEU A 1 114 ? -1.975  6.262   8.143   1.000 15.427 ? 153 LEU AAA CD2 1 ? 
ATOM   960  N  N   . GLU A 1 115 ? -3.329  9.363   3.866   1.000 9.479  ? 154 GLU AAA N   1 ? 
ATOM   961  C  CA  . GLU A 1 115 ? -3.012  9.957   2.565   1.000 10.159 ? 154 GLU AAA CA  1 ? 
ATOM   962  C  C   . GLU A 1 115 ? -2.496  11.382  2.731   1.000 10.212 ? 154 GLU AAA C   1 ? 
ATOM   963  O  O   . GLU A 1 115 ? -1.619  11.815  1.962   1.000 10.403 ? 154 GLU AAA O   1 ? 
ATOM   964  C  CB  . GLU A 1 115 ? -4.232  9.891   1.669   1.000 10.732 ? 154 GLU AAA CB  1 ? 
ATOM   965  C  CG  . GLU A 1 115 ? -3.917  10.347  0.242   1.000 12.096 ? 154 GLU AAA CG  1 ? 
ATOM   966  C  CD  . GLU A 1 115 ? -5.108  10.401  -0.680  1.000 15.273 ? 154 GLU AAA CD  1 ? 
ATOM   967  O  OE1 . GLU A 1 115 ? -6.232  10.333  -0.230  1.000 15.288 ? 154 GLU AAA OE1 1 ? 
ATOM   968  O  OE2 . GLU A 1 115 ? -4.827  10.583  -1.905  1.000 18.409 ? 154 GLU AAA OE2 1 ? 
ATOM   969  N  N   . LYS A 1 116 ? -3.022  12.116  3.715   1.000 9.505  ? 155 LYS AAA N   1 ? 
ATOM   970  C  CA  . LYS A 1 116 ? -2.554  13.480  3.920   1.000 10.530 ? 155 LYS AAA CA  1 ? 
ATOM   971  C  C   . LYS A 1 116 ? -1.087  13.453  4.317   1.000 10.394 ? 155 LYS AAA C   1 ? 
ATOM   972  O  O   . LYS A 1 116 ? -0.300  14.285  3.849   1.000 10.608 ? 155 LYS AAA O   1 ? 
ATOM   973  C  CB  . LYS A 1 116 ? -3.424  14.107  4.999   1.000 11.496 ? 155 LYS AAA CB  1 ? 
ATOM   974  C  CG  . LYS A 1 116 ? -2.953  15.492  5.405   1.000 14.625 ? 155 LYS AAA CG  1 ? 
ATOM   975  C  CD  . LYS A 1 116 ? -3.890  16.123  6.402   1.000 17.418 ? 155 LYS AAA CD  1 ? 
ATOM   976  C  CE  . LYS A 1 116 ? -3.529  17.563  6.720   1.000 22.114 ? 155 LYS AAA CE  1 ? 
ATOM   977  N  NZ  . LYS A 1 116 ? -4.539  18.209  7.589   1.000 29.455 ? 155 LYS AAA NZ  1 ? 
ATOM   978  N  N   . LEU A 1 117 ? -0.700  12.515  5.177   1.000 10.435 ? 156 LEU AAA N   1 ? 
ATOM   979  C  CA  . LEU A 1 117 ? 0.693   12.389  5.563   1.000 10.629 ? 156 LEU AAA CA  1 ? 
ATOM   980  C  C   . LEU A 1 117 ? 1.511   11.970  4.358   1.000 10.320 ? 156 LEU AAA C   1 ? 
ATOM   981  O  O   . LEU A 1 117 ? 2.636   12.459  4.168   1.000 10.947 ? 156 LEU AAA O   1 ? 
ATOM   982  C  CB  . LEU A 1 117 ? 0.821   11.396  6.732   1.000 13.169 ? 156 LEU AAA CB  1 ? 
ATOM   983  C  CG  . LEU A 1 117 ? 0.285   11.877  8.086   1.000 16.384 ? 156 LEU AAA CG  1 ? 
ATOM   984  C  CD1 . LEU A 1 117 ? 0.255   10.748  9.112   1.000 18.296 ? 156 LEU AAA CD1 1 ? 
ATOM   985  C  CD2 . LEU A 1 117 ? 1.147   12.985  8.669   1.000 20.108 ? 156 LEU AAA CD2 1 ? 
ATOM   986  N  N   . PHE A 1 118 ? 0.994   10.995  3.596   1.000 9.498  ? 157 PHE AAA N   1 ? 
ATOM   987  C  CA  . PHE A 1 118 ? 1.697   10.537  2.410   1.000 9.738  ? 157 PHE AAA CA  1 ? 
ATOM   988  C  C   . PHE A 1 118 ? 2.001   11.710  1.474   1.000 9.309  ? 157 PHE AAA C   1 ? 
ATOM   989  O  O   . PHE A 1 118 ? 3.146   11.793  0.966   1.000 10.437 ? 157 PHE AAA O   1 ? 
ATOM   990  C  CB  . PHE A 1 118 ? 0.839   9.455   1.729   1.000 9.949  ? 157 PHE AAA CB  1 ? 
ATOM   991  C  CG  . PHE A 1 118 ? 1.430   8.899   0.453   1.000 10.402 ? 157 PHE AAA CG  1 ? 
ATOM   992  C  CD1 . PHE A 1 118 ? 2.504   8.027   0.475   1.000 10.744 ? 157 PHE AAA CD1 1 ? 
ATOM   993  C  CD2 . PHE A 1 118 ? 0.883   9.268   -0.761  1.000 13.492 ? 157 PHE AAA CD2 1 ? 
ATOM   994  C  CE1 . PHE A 1 118 ? 3.045   7.535   -0.707  1.000 12.326 ? 157 PHE AAA CE1 1 ? 
ATOM   995  C  CE2 . PHE A 1 118 ? 1.396   8.745   -1.955  1.000 14.915 ? 157 PHE AAA CE2 1 ? 
ATOM   996  C  CZ  . PHE A 1 118 ? 2.478   7.906   -1.894  1.000 15.005 ? 157 PHE AAA CZ  1 ? 
ATOM   997  N  N   . LEU A 1 119 ? 0.995   12.511  1.153   1.000 9.323  ? 158 LEU AAA N   1 ? 
ATOM   998  C  CA  . LEU A 1 119 ? 1.181   13.630  0.220   1.000 10.878 ? 158 LEU AAA CA  1 ? 
ATOM   999  C  C   . LEU A 1 119 ? 2.280   14.581  0.726   1.000 10.467 ? 158 LEU AAA C   1 ? 
ATOM   1000 O  O   . LEU A 1 119 ? 3.143   15.039  -0.051  1.000 11.222 ? 158 LEU AAA O   1 ? 
ATOM   1001 C  CB  . LEU A 1 119 ? -0.144  14.375  0.051   1.000 12.680 ? 158 LEU AAA CB  1 ? 
ATOM   1002 C  CG  . LEU A 1 119 ? -0.091  15.604  -0.882  1.000 14.622 ? 158 LEU AAA CG  1 ? 
ATOM   1003 C  CD1 . LEU A 1 119 ? 0.561   15.280  -2.221  1.000 16.834 ? 158 LEU AAA CD1 1 ? 
ATOM   1004 C  CD2 . LEU A 1 119 ? -1.474  16.233  -1.100  1.000 17.420 ? 158 LEU AAA CD2 1 ? 
ATOM   1005 N  N   . GLN A 1 120 ? 2.253   14.881  2.032   1.000 10.944 ? 159 GLN AAA N   1 ? 
ATOM   1006 C  CA  . GLN A 1 120 ? 3.259   15.802  2.552   1.000 12.110 ? 159 GLN AAA CA  1 ? 
ATOM   1007 C  C   . GLN A 1 120 ? 4.640   15.202  2.325   1.000 11.921 ? 159 GLN AAA C   1 ? 
ATOM   1008 O  O   . GLN A 1 120 ? 5.578   15.930  1.957   1.000 12.472 ? 159 GLN AAA O   1 ? 
ATOM   1009 C  CB  . GLN A 1 120 ? 3.006   16.023  4.030   1.000 14.768 ? 159 GLN AAA CB  1 ? 
ATOM   1010 C  CG  . GLN A 1 120 ? 3.734   17.276  4.525   1.000 20.586 ? 159 GLN AAA CG  1 ? 
ATOM   1011 C  CD  . GLN A 1 120 ? 5.101   16.953  5.073   0.500 20.511 ? 159 GLN AAA CD  1 ? 
ATOM   1012 O  OE1 . GLN A 1 120 ? 6.091   17.646  4.823   0.500 21.740 ? 159 GLN AAA OE1 1 ? 
ATOM   1013 N  NE2 . GLN A 1 120 ? 5.163   15.874  5.827   0.500 20.757 ? 159 GLN AAA NE2 1 ? 
ATOM   1014 N  N   . LYS A 1 121 ? 4.778   13.911  2.592   1.000 11.036 ? 160 LYS AAA N   1 ? 
ATOM   1015 C  CA  . LYS A 1 121 ? 6.089   13.290  2.456   1.000 11.338 ? 160 LYS AAA CA  1 ? 
ATOM   1016 C  C   . LYS A 1 121 ? 6.513   13.201  0.995   1.000 11.333 ? 160 LYS AAA C   1 ? 
ATOM   1017 O  O   . LYS A 1 121 ? 7.692   13.360  0.671   1.000 12.809 ? 160 LYS AAA O   1 ? 
ATOM   1018 C  CB  . LYS A 1 121 ? 6.108   11.917  3.145   1.000 12.715 ? 160 LYS AAA CB  1 ? 
ATOM   1019 C  CG  . LYS A 1 121 ? 5.819   11.928  4.637   1.000 15.716 ? 160 LYS AAA CG  1 ? 
ATOM   1020 C  CD  . LYS A 1 121 ? 6.724   12.906  5.356   1.000 19.800 ? 160 LYS AAA CD  1 ? 
ATOM   1021 C  CE  . LYS A 1 121 ? 6.864   12.471  6.791   1.000 24.867 ? 160 LYS AAA CE  1 ? 
ATOM   1022 N  NZ  . LYS A 1 121 ? 7.410   13.589  7.596   1.000 28.273 ? 160 LYS AAA NZ  1 ? 
ATOM   1023 N  N   . ILE A 1 122 ? 5.588   12.862  0.102   1.000 10.636 ? 161 ILE AAA N   1 ? 
ATOM   1024 C  CA  . ILE A 1 122 ? 5.936   12.707  -1.304  1.000 11.408 ? 161 ILE AAA CA  1 ? 
ATOM   1025 C  C   . ILE A 1 122 ? 6.267   14.033  -1.970  1.000 11.059 ? 161 ILE AAA C   1 ? 
ATOM   1026 O  O   . ILE A 1 122 ? 7.108   14.068  -2.881  1.000 11.596 ? 161 ILE AAA O   1 ? 
ATOM   1027 C  CB  . ILE A 1 122 ? 4.842   11.951  -2.084  1.000 14.726 ? 161 ILE AAA CB  1 ? 
ATOM   1028 C  CG1 . ILE A 1 122 ? 4.736   10.502  -1.616  1.000 19.562 ? 161 ILE AAA CG1 1 ? 
ATOM   1029 C  CG2 . ILE A 1 122 ? 5.127   12.019  -3.575  1.000 22.687 ? 161 ILE AAA CG2 1 ? 
ATOM   1030 C  CD1 . ILE A 1 122 ? 6.032   9.746   -1.765  1.000 20.188 ? 161 ILE AAA CD1 1 ? 
ATOM   1031 N  N   . ASN A 1 123 ? 5.679   15.126  -1.483  1.000 11.390 ? 162 ASN AAA N   1 ? 
ATOM   1032 C  CA  . ASN A 1 123 ? 6.062   16.434  -2.008  1.000 11.944 ? 162 ASN AAA CA  1 ? 
ATOM   1033 C  C   . ASN A 1 123 ? 7.525   16.743  -1.693  1.000 13.165 ? 162 ASN AAA C   1 ? 
ATOM   1034 O  O   . ASN A 1 123 ? 8.106   17.561  -2.407  1.000 13.534 ? 162 ASN AAA O   1 ? 
ATOM   1035 C  CB  . ASN A 1 123 ? 5.108   17.514  -1.495  1.000 13.193 ? 162 ASN AAA CB  1 ? 
ATOM   1036 C  CG  . ASN A 1 123 ? 3.768   17.475  -2.206  1.000 12.346 ? 162 ASN AAA CG  1 ? 
ATOM   1037 O  OD1 . ASN A 1 123 ? 3.620   16.851  -3.270  1.000 15.942 ? 162 ASN AAA OD1 1 ? 
ATOM   1038 N  ND2 . ASN A 1 123 ? 2.793   18.153  -1.621  1.000 15.433 ? 162 ASN AAA ND2 1 ? 
ATOM   1039 N  N   . GLU A 1 124 ? 8.094   16.096  -0.678  1.000 12.132 ? 163 GLU AAA N   1 ? 
ATOM   1040 C  CA  . GLU A 1 124 ? 9.488   16.236  -0.298  1.000 13.490 ? 163 GLU AAA CA  1 ? 
ATOM   1041 C  C   . GLU A 1 124 ? 10.359  15.071  -0.750  1.000 13.668 ? 163 GLU AAA C   1 ? 
ATOM   1042 O  O   . GLU A 1 124 ? 11.532  14.977  -0.383  1.000 15.735 ? 163 GLU AAA O   1 ? 
ATOM   1043 C  CB  . GLU A 1 124 ? 9.600   16.424  1.216   1.000 14.474 ? 163 GLU AAA CB  1 ? 
ATOM   1044 C  CG  . GLU A 1 124 ? 9.080   17.807  1.608   1.000 16.497 ? 163 GLU AAA CG  1 ? 
ATOM   1045 C  CD  . GLU A 1 124 ? 9.983   18.999  1.295   1.000 17.058 ? 163 GLU AAA CD  1 ? 
ATOM   1046 O  OE1 . GLU A 1 124 ? 10.948  18.880  0.550   1.000 21.096 ? 163 GLU AAA OE1 1 ? 
ATOM   1047 O  OE2 . GLU A 1 124 ? 9.695   20.075  1.858   1.000 23.415 ? 163 GLU AAA OE2 1 ? 
ATOM   1048 N  N   . LEU A 1 125 ? 9.840   14.230  -1.651  1.000 12.202 ? 164 LEU AAA N   1 ? 
ATOM   1049 C  CA  . LEU A 1 125 ? 10.641  13.161  -2.209  1.000 13.130 ? 164 LEU AAA CA  1 ? 
ATOM   1050 C  C   . LEU A 1 125 ? 11.885  13.800  -2.803  1.000 12.649 ? 164 LEU AAA C   1 ? 
ATOM   1051 O  O   . LEU A 1 125 ? 11.785  14.707  -3.641  1.000 12.709 ? 164 LEU AAA O   1 ? 
ATOM   1052 C  CB  . LEU A 1 125 ? 9.840   12.412  -3.272  1.000 13.167 ? 164 LEU AAA CB  1 ? 
ATOM   1053 C  CG  . LEU A 1 125 ? 10.567  11.226  -3.905  1.000 12.388 ? 164 LEU AAA CG  1 ? 
ATOM   1054 C  CD1 . LEU A 1 125 ? 10.548  10.033  -2.952  1.000 14.436 ? 164 LEU AAA CD1 1 ? 
ATOM   1055 C  CD2 . LEU A 1 125 ? 9.933   10.818  -5.217  1.000 13.272 ? 164 LEU AAA CD2 1 ? 
ATOM   1056 N  N   . PRO A 1 126 ? 13.098  13.311  -2.454  1.000 12.899 ? 165 PRO AAA N   1 ? 
ATOM   1057 C  CA  . PRO A 1 126 ? 14.290  14.005  -2.878  1.000 14.573 ? 165 PRO AAA CA  1 ? 
ATOM   1058 C  C   . PRO A 1 126 ? 14.536  13.787  -4.341  1.000 12.813 ? 165 PRO AAA C   1 ? 
ATOM   1059 O  O   . PRO A 1 126 ? 14.172  12.807  -5.026  1.000 13.316 ? 165 PRO AAA O   1 ? 
ATOM   1060 C  CB  . PRO A 1 126 ? 15.443  13.334  -2.117  1.000 16.637 ? 165 PRO AAA CB  1 ? 
ATOM   1061 C  CG  . PRO A 1 126 ? 14.906  11.978  -1.784  1.000 19.824 ? 165 PRO AAA CG  1 ? 
ATOM   1062 C  CD  . PRO A 1 126 ? 13.417  12.203  -1.533  1.000 16.815 ? 165 PRO AAA CD  1 ? 
ATOM   1063 N  N   . THR A 1 127 ? 15.222  14.802  -4.865  1.000 15.816 ? 166 THR AAA N   1 ? 
ATOM   1064 C  CA  . THR A 1 127 ? 15.735  14.701  -6.206  1.000 16.325 ? 166 THR AAA CA  1 ? 
ATOM   1065 C  C   . THR A 1 127 ? 16.578  13.417  -6.345  1.000 16.571 ? 166 THR AAA C   1 ? 
ATOM   1066 O  O   . THR A 1 127 ? 17.348  13.085  -5.456  1.000 18.021 ? 166 THR AAA O   1 ? 
ATOM   1067 C  CB  . THR A 1 127 ? 16.631  15.930  -6.428  1.000 18.588 ? 166 THR AAA CB  1 ? 
ATOM   1068 O  OG1 . THR A 1 127 ? 15.845  17.094  -6.153  1.000 18.508 ? 166 THR AAA OG1 1 ? 
ATOM   1069 C  CG2 . THR A 1 127 ? 17.247  16.037  -7.804  1.000 22.077 ? 166 THR AAA CG2 1 ? 
ATOM   1070 N  N   . GLU A 1 128 ? 16.340  12.683  -7.427  1.000 16.484 ? 167 GLU AAA N   1 ? 
ATOM   1071 C  CA  . GLU A 1 128 ? 17.082  11.451  -7.700  1.000 19.279 ? 167 GLU AAA CA  1 ? 
ATOM   1072 C  C   . GLU A 1 128 ? 18.562  11.744  -7.903  1.000 25.040 ? 167 GLU AAA C   1 ? 
ATOM   1073 O  O   . GLU A 1 128 ? 18.935  12.558  -8.741  1.000 27.115 ? 167 GLU AAA O   1 ? 
ATOM   1074 C  CB  . GLU A 1 128 ? 16.523  10.696  -8.907  1.000 22.167 ? 167 GLU AAA CB  1 ? 
ATOM   1075 C  CG  . GLU A 1 128 ? 17.255  9.396   -9.233  1.000 29.014 ? 167 GLU AAA CG  1 ? 
ATOM   1076 C  CD  . GLU A 1 128 ? 16.522  8.541   -10.251 1.000 32.870 ? 167 GLU AAA CD  1 ? 
ATOM   1077 O  OE1 . GLU A 1 128 ? 15.597  9.069   -10.898 1.000 38.785 ? 167 GLU AAA OE1 1 ? 
ATOM   1078 O  OE2 . GLU A 1 128 ? 16.872  7.356   -10.406 1.000 35.993 ? 167 GLU AAA OE2 1 ? 
ATOM   1079 N  N   . GLU A 1 129 ? 19.410  11.038  -7.147  1.000 24.815 ? 168 GLU AAA N   1 ? 
ATOM   1080 C  CA  . GLU A 1 129 ? 20.835  11.211  -7.339  1.000 32.458 ? 168 GLU AAA CA  1 ? 
ATOM   1081 C  C   . GLU A 1 129 ? 21.433  9.854   -7.706  1.000 38.386 ? 168 GLU AAA C   1 ? 
ATOM   1082 O  O   . GLU A 1 129 ? 20.715  8.858   -7.943  1.000 37.361 ? 168 GLU AAA O   1 ? 
ATOM   1083 C  CB  . GLU A 1 129 ? 21.462  11.783  -6.069  1.000 37.703 ? 168 GLU AAA CB  1 ? 
ATOM   1084 C  CG  . GLU A 1 129 ? 21.528  10.766  -4.947  1.000 41.425 ? 168 GLU AAA CG  1 ? 
ATOM   1085 C  CD  . GLU A 1 129 ? 21.575  11.345  -3.549  1.000 48.563 ? 168 GLU AAA CD  1 ? 
ATOM   1086 O  OE1 . GLU A 1 129 ? 21.168  12.526  -3.372  1.000 46.786 ? 168 GLU AAA OE1 1 ? 
ATOM   1087 O  OE2 . GLU A 1 129 ? 21.998  10.604  -2.636  1.000 53.288 ? 168 GLU AAA OE2 1 ? 
ATOM   1088 O  OXT . GLU A 1 129 ? 22.667  9.780   -7.764  1.000 42.965 ? 168 GLU AAA OXT 1 ? 
HETATM 1089 C  C1  . GOL B 2 .   ? -10.597 -1.696  -8.972  1.000 18.967 ? 201 GOL AAA C1  1 ? 
HETATM 1090 O  O1  . GOL B 2 .   ? -10.443 -2.907  -9.713  1.000 17.762 ? 201 GOL AAA O1  1 ? 
HETATM 1091 C  C2  . GOL B 2 .   ? -9.293  -1.264  -8.366  1.000 17.911 ? 201 GOL AAA C2  1 ? 
HETATM 1092 O  O2  . GOL B 2 .   ? -8.745  -2.294  -7.534  1.000 14.736 ? 201 GOL AAA O2  1 ? 
HETATM 1093 C  C3  . GOL B 2 .   ? -9.453  -0.030  -7.500  1.000 20.836 ? 201 GOL AAA C3  1 ? 
HETATM 1094 O  O3  . GOL B 2 .   ? -8.221  0.341   -6.890  1.000 22.615 ? 201 GOL AAA O3  1 ? 
HETATM 1095 C  C1  . GOL C 2 .   ? -15.124 -26.136 -2.745  1.000 35.154 ? 202 GOL AAA C1  1 ? 
HETATM 1096 O  O1  . GOL C 2 .   ? -14.013 -26.962 -3.089  1.000 42.855 ? 202 GOL AAA O1  1 ? 
HETATM 1097 C  C2  . GOL C 2 .   ? -14.704 -25.052 -1.775  1.000 26.715 ? 202 GOL AAA C2  1 ? 
HETATM 1098 O  O2  . GOL C 2 .   ? -14.735 -23.768 -2.391  1.000 18.358 ? 202 GOL AAA O2  1 ? 
HETATM 1099 C  C3  . GOL C 2 .   ? -15.399 -25.079 -0.431  1.000 22.937 ? 202 GOL AAA C3  1 ? 
HETATM 1100 O  O3  . GOL C 2 .   ? -16.642 -24.374 -0.451  1.000 26.773 ? 202 GOL AAA O3  1 ? 
HETATM 1101 C  C1  . GOL D 2 .   ? -13.101 -3.185  3.529   1.000 20.057 ? 203 GOL AAA C1  1 ? 
HETATM 1102 O  O1  . GOL D 2 .   ? -13.847 -2.297  4.347   1.000 23.071 ? 203 GOL AAA O1  1 ? 
HETATM 1103 C  C2  . GOL D 2 .   ? -11.686 -2.712  3.335   1.000 20.038 ? 203 GOL AAA C2  1 ? 
HETATM 1104 O  O2  . GOL D 2 .   ? -11.737 -1.500  2.587   1.000 17.658 ? 203 GOL AAA O2  1 ? 
HETATM 1105 C  C3  . GOL D 2 .   ? -10.910 -2.461  4.605   1.000 23.599 ? 203 GOL AAA C3  1 ? 
HETATM 1106 O  O3  . GOL D 2 .   ? -10.769 -3.652  5.368   1.000 26.423 ? 203 GOL AAA O3  1 ? 
HETATM 1107 C  C4  . HEW E 3 .   ? -16.782 -14.710 2.404   1.000 25.373 ? 204 HEW AAA C4  1 ? 
HETATM 1108 C  C5  . HEW E 3 .   ? -17.996 -15.209 2.864   1.000 27.586 ? 204 HEW AAA C5  1 ? 
HETATM 1109 N  N1  . HEW E 3 .   ? -19.185 -17.169 0.167   1.000 24.320 ? 204 HEW AAA N1  1 ? 
HETATM 1110 N  N2  . HEW E 3 .   ? -18.780 -16.018 2.119   1.000 24.285 ? 204 HEW AAA N2  1 ? 
HETATM 1111 C  C3  . HEW E 3 .   ? -16.393 -15.012 1.103   1.000 22.519 ? 204 HEW AAA C3  1 ? 
HETATM 1112 C  C1  . HEW E 3 .   ? -18.382 -16.343 0.854   1.000 22.208 ? 204 HEW AAA C1  1 ? 
HETATM 1113 C  C2  . HEW E 3 .   ? -17.177 -15.843 0.315   1.000 23.469 ? 204 HEW AAA C2  1 ? 
HETATM 1114 BR BR1 . HEW E 3 .   ? -14.753 -14.315 0.421   1.000 23.208 ? 204 HEW AAA BR1 1 ? 
HETATM 1115 O  O   . HOH F 4 .   ? -6.566  -2.244  -2.864  1.000 16.069 ? 301 HOH AAA O   1 ? 
HETATM 1116 O  O   . HOH F 4 .   ? 9.537   -7.197  4.937   1.000 32.874 ? 302 HOH AAA O   1 ? 
HETATM 1117 O  O   . HOH F 4 .   ? -10.946 13.080  6.245   1.000 32.663 ? 303 HOH AAA O   1 ? 
HETATM 1118 O  O   . HOH F 4 .   ? 4.452   16.059  8.161   1.000 49.473 ? 304 HOH AAA O   1 ? 
HETATM 1119 O  O   . HOH F 4 .   ? -16.591 -0.395  -4.710  1.000 72.750 ? 305 HOH AAA O   1 ? 
HETATM 1120 O  O   . HOH F 4 .   ? -3.078  -18.835 1.770   1.000 33.936 ? 306 HOH AAA O   1 ? 
HETATM 1121 O  O   . HOH F 4 .   ? -8.503  -4.197  6.257   1.000 18.621 ? 307 HOH AAA O   1 ? 
HETATM 1122 O  O   . HOH F 4 .   ? -20.115 -3.882  -1.580  1.000 25.176 ? 308 HOH AAA O   1 ? 
HETATM 1123 O  O   . HOH F 4 .   ? 4.799   10.512  13.206  1.000 46.310 ? 309 HOH AAA O   1 ? 
HETATM 1124 O  O   . HOH F 4 .   ? -12.789 -3.318  6.883   1.000 42.611 ? 310 HOH AAA O   1 ? 
HETATM 1125 O  O   . HOH F 4 .   ? -20.934 5.825   5.964   1.000 33.156 ? 311 HOH AAA O   1 ? 
HETATM 1126 O  O   . HOH F 4 .   ? 7.362   20.452  2.855   1.000 27.659 ? 312 HOH AAA O   1 ? 
HETATM 1127 O  O   . HOH F 4 .   ? -7.083  -3.747  -0.844  1.000 14.584 ? 313 HOH AAA O   1 ? 
HETATM 1128 O  O   . HOH F 4 .   ? 12.346  -12.178 -2.827  1.000 26.085 ? 314 HOH AAA O   1 ? 
HETATM 1129 O  O   . HOH F 4 .   ? 11.086  9.425   -9.419  1.000 34.693 ? 315 HOH AAA O   1 ? 
HETATM 1130 O  O   . HOH F 4 .   ? -12.174 -13.270 -0.852  1.000 18.245 ? 316 HOH AAA O   1 ? 
HETATM 1131 O  O   . HOH F 4 .   ? -21.089 -6.244  -4.866  1.000 32.935 ? 317 HOH AAA O   1 ? 
HETATM 1132 O  O   . HOH F 4 .   ? 1.490   -8.733  4.539   1.000 28.973 ? 318 HOH AAA O   1 ? 
HETATM 1133 O  O   . HOH F 4 .   ? -9.761  -1.167  0.861   1.000 16.065 ? 319 HOH AAA O   1 ? 
HETATM 1134 O  O   . HOH F 4 .   ? -18.926 -10.954 -13.383 1.000 41.067 ? 320 HOH AAA O   1 ? 
HETATM 1135 O  O   . HOH F 4 .   ? 19.957  6.887   -6.326  1.000 21.733 ? 321 HOH AAA O   1 ? 
HETATM 1136 O  O   . HOH F 4 .   ? -21.410 7.346   3.624   1.000 40.391 ? 322 HOH AAA O   1 ? 
HETATM 1137 O  O   . HOH F 4 .   ? 10.634  14.739  4.202   1.000 26.519 ? 323 HOH AAA O   1 ? 
HETATM 1138 O  O   . HOH F 4 .   ? 7.170   2.642   11.461  1.000 29.013 ? 324 HOH AAA O   1 ? 
HETATM 1139 O  O   . HOH F 4 .   ? 15.253  -2.536  -5.222  1.000 29.899 ? 325 HOH AAA O   1 ? 
HETATM 1140 O  O   . HOH F 4 .   ? -8.501  -2.842  -11.566 1.000 26.467 ? 326 HOH AAA O   1 ? 
HETATM 1141 O  O   . HOH F 4 .   ? 1.820   -7.564  6.598   1.000 30.392 ? 327 HOH AAA O   1 ? 
HETATM 1142 O  O   . HOH F 4 .   ? -6.526  9.300   -3.549  1.000 32.729 ? 328 HOH AAA O   1 ? 
HETATM 1143 O  O   . HOH F 4 .   ? -17.596 7.115   10.346  1.000 24.071 ? 329 HOH AAA O   1 ? 
HETATM 1144 O  O   . HOH F 4 .   ? -16.899 7.190   13.753  1.000 12.083 ? 330 HOH AAA O   1 ? 
HETATM 1145 O  O   . HOH F 4 .   ? -16.554 -6.437  8.049   1.000 25.426 ? 331 HOH AAA O   1 ? 
HETATM 1146 O  O   . HOH F 4 .   ? -16.313 -7.531  -11.138 1.000 44.729 ? 332 HOH AAA O   1 ? 
HETATM 1147 O  O   . HOH F 4 .   ? 16.265  -13.875 -15.172 1.000 20.376 ? 333 HOH AAA O   1 ? 
HETATM 1148 O  O   . HOH F 4 .   ? -4.406  -10.626 5.405   1.000 18.507 ? 334 HOH AAA O   1 ? 
HETATM 1149 O  O   . HOH F 4 .   ? 2.782   16.041  7.099   1.000 33.314 ? 335 HOH AAA O   1 ? 
HETATM 1150 O  O   . HOH F 4 .   ? 12.249  21.001  -0.510  1.000 25.697 ? 336 HOH AAA O   1 ? 
HETATM 1151 O  O   . HOH F 4 .   ? -3.984  -9.924  -4.272  1.000 13.912 ? 337 HOH AAA O   1 ? 
HETATM 1152 O  O   . HOH F 4 .   ? -14.960 -13.751 10.775  1.000 24.401 ? 338 HOH AAA O   1 ? 
HETATM 1153 O  O   . HOH F 4 .   ? 11.801  -3.721  -12.597 1.000 13.613 ? 339 HOH AAA O   1 ? 
HETATM 1154 O  O   . HOH F 4 .   ? 18.774  14.554  -3.680  1.000 27.340 ? 340 HOH AAA O   1 ? 
HETATM 1155 O  O   . HOH F 4 .   ? -19.996 -8.555  0.404   1.000 21.276 ? 341 HOH AAA O   1 ? 
HETATM 1156 O  O   . HOH F 4 .   ? 0.782   7.261   -8.352  1.000 34.815 ? 342 HOH AAA O   1 ? 
HETATM 1157 O  O   . HOH F 4 .   ? -5.739  -2.398  1.237   1.000 11.174 ? 343 HOH AAA O   1 ? 
HETATM 1158 O  O   . HOH F 4 .   ? 15.466  18.992  -8.067  1.000 24.742 ? 344 HOH AAA O   1 ? 
HETATM 1159 O  O   . HOH F 4 .   ? -2.938  -6.493  -6.990  1.000 20.785 ? 345 HOH AAA O   1 ? 
HETATM 1160 O  O   . HOH F 4 .   ? 10.415  -16.033 -5.678  1.000 29.464 ? 346 HOH AAA O   1 ? 
HETATM 1161 O  O   . HOH F 4 .   ? 3.703   -11.815 -2.019  1.000 20.553 ? 347 HOH AAA O   1 ? 
HETATM 1162 O  O   . HOH F 4 .   ? -15.385 6.486   -0.522  1.000 15.579 ? 348 HOH AAA O   1 ? 
HETATM 1163 O  O   . HOH F 4 .   ? 1.878   -9.562  -0.683  1.000 24.687 ? 349 HOH AAA O   1 ? 
HETATM 1164 O  O   . HOH F 4 .   ? 17.293  8.878   0.543   1.000 24.385 ? 350 HOH AAA O   1 ? 
HETATM 1165 O  O   . HOH F 4 .   ? -9.338  11.848  8.016   1.000 22.352 ? 351 HOH AAA O   1 ? 
HETATM 1166 O  O   . HOH F 4 .   ? -0.722  -8.195  9.887   1.000 32.900 ? 352 HOH AAA O   1 ? 
HETATM 1167 O  O   . HOH F 4 .   ? -6.488  13.067  2.600   1.000 16.846 ? 353 HOH AAA O   1 ? 
HETATM 1168 O  O   . HOH F 4 .   ? -0.241  -0.640  -7.776  1.000 17.445 ? 354 HOH AAA O   1 ? 
HETATM 1169 O  O   . HOH F 4 .   ? -2.184  10.376  -2.870  1.000 28.127 ? 355 HOH AAA O   1 ? 
HETATM 1170 O  O   . HOH F 4 .   ? -3.363  -6.545  -1.099  1.000 10.633 ? 356 HOH AAA O   1 ? 
HETATM 1171 O  O   . HOH F 4 .   ? 5.566   18.703  1.857   1.000 24.709 ? 357 HOH AAA O   1 ? 
HETATM 1172 O  O   . HOH F 4 .   ? 2.523   2.496   16.387  1.000 20.318 ? 358 HOH AAA O   1 ? 
HETATM 1173 O  O   . HOH F 4 .   ? -2.332  -5.119  11.573  1.000 18.686 ? 359 HOH AAA O   1 ? 
HETATM 1174 O  O   . HOH F 4 .   ? -14.758 10.757  4.161   1.000 31.365 ? 360 HOH AAA O   1 ? 
HETATM 1175 O  O   . HOH F 4 .   ? -2.732  12.116  11.255  1.000 23.440 ? 361 HOH AAA O   1 ? 
HETATM 1176 O  O   . HOH F 4 .   ? -17.825 3.563   9.663   1.000 23.695 ? 362 HOH AAA O   1 ? 
HETATM 1177 O  O   . HOH F 4 .   ? -5.249  9.374   14.631  1.000 26.628 ? 363 HOH AAA O   1 ? 
HETATM 1178 O  O   . HOH F 4 .   ? -15.012 -10.882 -11.099 1.000 44.639 ? 364 HOH AAA O   1 ? 
HETATM 1179 O  O   . HOH F 4 .   ? -5.394  -3.577  3.660   1.000 11.685 ? 365 HOH AAA O   1 ? 
HETATM 1180 O  O   . HOH F 4 .   ? -0.967  16.785  2.782   1.000 18.921 ? 366 HOH AAA O   1 ? 
HETATM 1181 O  O   . HOH F 4 .   ? 1.766   -9.027  1.680   1.000 26.513 ? 367 HOH AAA O   1 ? 
HETATM 1182 O  O   . HOH F 4 .   ? 14.186  6.584   -10.641 1.000 20.476 ? 368 HOH AAA O   1 ? 
HETATM 1183 O  O   . HOH F 4 .   ? 15.583  -2.285  1.260   1.000 33.252 ? 369 HOH AAA O   1 ? 
HETATM 1184 O  O   . HOH F 4 .   ? 0.482   10.567  -5.315  1.000 24.813 ? 370 HOH AAA O   1 ? 
HETATM 1185 O  O   . HOH F 4 .   ? 4.263   -3.612  13.127  1.000 39.223 ? 371 HOH AAA O   1 ? 
HETATM 1186 O  O   . HOH F 4 .   ? 5.985   -2.881  -9.294  1.000 16.762 ? 372 HOH AAA O   1 ? 
HETATM 1187 O  O   . HOH F 4 .   ? -6.349  -6.018  6.187   1.000 18.533 ? 373 HOH AAA O   1 ? 
HETATM 1188 O  O   . HOH F 4 .   ? 11.960  21.584  2.578   1.000 29.725 ? 374 HOH AAA O   1 ? 
HETATM 1189 O  O   . HOH F 4 .   ? -6.459  -11.794 1.448   1.000 13.572 ? 375 HOH AAA O   1 ? 
HETATM 1190 O  O   . HOH F 4 .   ? -19.490 -4.034  2.045   1.000 31.827 ? 376 HOH AAA O   1 ? 
HETATM 1191 O  O   . HOH F 4 .   ? 3.287   19.702  0.685   1.000 24.869 ? 377 HOH AAA O   1 ? 
HETATM 1192 O  O   . HOH F 4 .   ? 3.983   -1.091  -8.576  1.000 15.998 ? 378 HOH AAA O   1 ? 
HETATM 1193 O  O   . HOH F 4 .   ? -17.851 4.218   -2.602  1.000 39.848 ? 379 HOH AAA O   1 ? 
HETATM 1194 O  O   . HOH F 4 .   ? 1.445   -14.257 -4.636  1.000 26.951 ? 380 HOH AAA O   1 ? 
HETATM 1195 O  O   . HOH F 4 .   ? 13.572  6.296   -8.016  1.000 13.734 ? 381 HOH AAA O   1 ? 
HETATM 1196 O  O   . HOH F 4 .   ? -17.035 -15.054 5.612   1.000 42.742 ? 382 HOH AAA O   1 ? 
HETATM 1197 O  O   . HOH F 4 .   ? 13.485  -0.759  -1.964  1.000 26.956 ? 383 HOH AAA O   1 ? 
HETATM 1198 O  O   . HOH F 4 .   ? -7.235  -0.092  1.015   1.000 11.814 ? 384 HOH AAA O   1 ? 
HETATM 1199 O  O   . HOH F 4 .   ? -4.518  -11.648 -0.619  1.000 13.425 ? 385 HOH AAA O   1 ? 
HETATM 1200 O  O   . HOH F 4 .   ? -3.925  -15.249 0.072   1.000 28.904 ? 386 HOH AAA O   1 ? 
HETATM 1201 O  O   . HOH F 4 .   ? -5.282  -16.793 1.555   1.000 26.001 ? 387 HOH AAA O   1 ? 
HETATM 1202 O  O   . HOH F 4 .   ? 5.866   -13.073 -4.628  1.000 17.307 ? 388 HOH AAA O   1 ? 
HETATM 1203 O  O   . HOH F 4 .   ? 6.900   -2.185  -12.958 1.000 26.405 ? 389 HOH AAA O   1 ? 
HETATM 1204 O  O   . HOH F 4 .   ? -14.252 -1.576  -9.294  1.000 27.997 ? 390 HOH AAA O   1 ? 
HETATM 1205 O  O   . HOH F 4 .   ? 13.741  1.021   -0.258  1.000 29.088 ? 391 HOH AAA O   1 ? 
HETATM 1206 O  O   . HOH F 4 .   ? -15.105 1.489   8.090   1.000 15.898 ? 392 HOH AAA O   1 ? 
HETATM 1207 O  O   . HOH F 4 .   ? 6.992   -9.454  -12.478 1.000 25.195 ? 393 HOH AAA O   1 ? 
HETATM 1208 O  O   . HOH F 4 .   ? 0.435   1.381   13.723  1.000 24.883 ? 394 HOH AAA O   1 ? 
HETATM 1209 O  O   . HOH F 4 .   ? -3.088  13.112  8.860   1.000 16.388 ? 395 HOH AAA O   1 ? 
HETATM 1210 O  O   . HOH F 4 .   ? -5.904  -6.118  -0.005  1.000 14.316 ? 396 HOH AAA O   1 ? 
HETATM 1211 O  O   . HOH F 4 .   ? -13.821 -11.428 -2.377  1.000 16.521 ? 397 HOH AAA O   1 ? 
HETATM 1212 O  O   . HOH F 4 .   ? -7.710  -8.202  6.734   1.000 20.948 ? 398 HOH AAA O   1 ? 
HETATM 1213 O  O   . HOH F 4 .   ? 7.849   3.856   -13.877 1.000 24.583 ? 399 HOH AAA O   1 ? 
HETATM 1214 O  O   . HOH F 4 .   ? 10.757  1.668   7.611   1.000 27.327 ? 400 HOH AAA O   1 ? 
HETATM 1215 O  O   . HOH F 4 .   ? -19.637 -7.727  6.552   1.000 34.382 ? 401 HOH AAA O   1 ? 
HETATM 1216 O  O   . HOH F 4 .   ? 5.091   -6.733  5.636   1.000 22.569 ? 402 HOH AAA O   1 ? 
HETATM 1217 O  O   . HOH F 4 .   ? 13.270  17.113  0.482   1.000 44.301 ? 403 HOH AAA O   1 ? 
HETATM 1218 O  O   . HOH F 4 .   ? 11.847  -8.715  -4.318  1.000 15.946 ? 404 HOH AAA O   1 ? 
HETATM 1219 O  O   . HOH F 4 .   ? -6.107  -15.314 3.340   1.000 41.341 ? 405 HOH AAA O   1 ? 
HETATM 1220 O  O   . HOH F 4 .   ? 10.129  -16.114 -11.041 1.000 26.338 ? 406 HOH AAA O   1 ? 
HETATM 1221 O  O   . HOH F 4 .   ? -1.431  -11.600 -7.125  1.000 15.134 ? 407 HOH AAA O   1 ? 
HETATM 1222 O  O   . HOH F 4 .   ? -8.366  7.342   -6.850  1.000 34.341 ? 408 HOH AAA O   1 ? 
HETATM 1223 O  O   . HOH F 4 .   ? -2.016  -5.287  -7.476  1.000 29.000 ? 409 HOH AAA O   1 ? 
HETATM 1224 O  O   . HOH F 4 .   ? 5.391   -5.256  -10.543 1.000 19.846 ? 410 HOH AAA O   1 ? 
HETATM 1225 O  O   . HOH F 4 .   ? 1.910   -4.818  -8.459  1.000 24.801 ? 411 HOH AAA O   1 ? 
HETATM 1226 O  O   . HOH F 4 .   ? 1.828   -1.303  14.069  1.000 33.912 ? 412 HOH AAA O   1 ? 
HETATM 1227 O  O   . HOH F 4 .   ? 1.811   -6.573  8.945   1.000 35.473 ? 413 HOH AAA O   1 ? 
HETATM 1228 O  O   . HOH F 4 .   ? -16.402 0.431   5.911   1.000 24.328 ? 414 HOH AAA O   1 ? 
HETATM 1229 O  O   . HOH F 4 .   ? 15.467  -8.531  -4.701  1.000 25.183 ? 415 HOH AAA O   1 ? 
HETATM 1230 O  O   . HOH F 4 .   ? -2.400  1.069   13.774  1.000 18.208 ? 416 HOH AAA O   1 ? 
HETATM 1231 O  O   . HOH F 4 .   ? -7.016  -14.701 11.138  1.000 31.916 ? 417 HOH AAA O   1 ? 
HETATM 1232 O  O   . HOH F 4 .   ? 13.483  -1.592  -4.668  1.000 20.684 ? 418 HOH AAA O   1 ? 
HETATM 1233 O  O   . HOH F 4 .   ? 0.254   19.190  -2.756  1.000 24.250 ? 419 HOH AAA O   1 ? 
HETATM 1234 O  O   . HOH F 4 .   ? -11.305 10.086  -0.230  1.000 30.082 ? 420 HOH AAA O   1 ? 
HETATM 1235 O  O   . HOH F 4 .   ? 10.316  6.929   -10.474 1.000 17.016 ? 421 HOH AAA O   1 ? 
HETATM 1236 O  O   . HOH F 4 .   ? 9.778   12.930  9.319   1.000 28.366 ? 422 HOH AAA O   1 ? 
HETATM 1237 O  O   . HOH F 4 .   ? 15.305  3.950   -15.251 1.000 13.960 ? 423 HOH AAA O   1 ? 
HETATM 1238 O  O   . HOH F 4 .   ? 18.420  -6.982  -10.453 1.000 31.111 ? 424 HOH AAA O   1 ? 
HETATM 1239 O  O   . HOH F 4 .   ? -5.119  16.670  10.153  1.000 32.823 ? 425 HOH AAA O   1 ? 
HETATM 1240 O  O   . HOH F 4 .   ? 18.297  11.454  -0.846  1.000 26.740 ? 426 HOH AAA O   1 ? 
HETATM 1241 O  O   . HOH F 4 .   ? -0.968  8.508   14.969  1.000 19.809 ? 427 HOH AAA O   1 ? 
HETATM 1242 O  O   . HOH F 4 .   ? 1.525   -8.485  -8.407  1.000 19.906 ? 428 HOH AAA O   1 ? 
HETATM 1243 O  O   . HOH F 4 .   ? -4.590  4.648   -8.184  1.000 36.272 ? 429 HOH AAA O   1 ? 
HETATM 1244 O  O   . HOH F 4 .   ? 2.604   4.485   -11.986 1.000 31.864 ? 430 HOH AAA O   1 ? 
HETATM 1245 O  O   . HOH F 4 .   ? 2.469   7.423   15.373  1.000 24.514 ? 431 HOH AAA O   1 ? 
HETATM 1246 O  O   . HOH F 4 .   ? -4.885  7.627   -4.755  1.000 36.152 ? 432 HOH AAA O   1 ? 
HETATM 1247 O  O   . HOH F 4 .   ? 21.256  -1.031  -7.125  1.000 25.274 ? 433 HOH AAA O   1 ? 
HETATM 1248 O  O   . HOH F 4 .   ? 16.637  1.604   -2.391  1.000 25.559 ? 434 HOH AAA O   1 ? 
HETATM 1249 O  O   . HOH F 4 .   ? -4.517  -9.124  -1.719  1.000 15.808 ? 435 HOH AAA O   1 ? 
HETATM 1250 O  O   . HOH F 4 .   ? 14.825  10.881  -13.601 1.000 49.124 ? 436 HOH AAA O   1 ? 
HETATM 1251 O  O   . HOH F 4 .   ? 4.672   13.196  9.656   1.000 32.533 ? 437 HOH AAA O   1 ? 
HETATM 1252 O  O   . HOH F 4 .   ? 5.203   3.754   -12.140 1.000 37.684 ? 438 HOH AAA O   1 ? 
HETATM 1253 O  O   . HOH F 4 .   ? 1.451   9.874   -8.402  1.000 40.762 ? 439 HOH AAA O   1 ? 
HETATM 1254 O  O   . HOH F 4 .   ? -5.225  -5.567  11.985  1.000 25.745 ? 440 HOH AAA O   1 ? 
HETATM 1255 O  O   . HOH F 4 .   ? 0.697   -11.046 -8.833  1.000 31.133 ? 441 HOH AAA O   1 ? 
HETATM 1256 O  O   . HOH F 4 .   ? -7.278  13.753  7.212   1.000 23.877 ? 442 HOH AAA O   1 ? 
HETATM 1257 O  O   . HOH F 4 .   ? 19.193  9.302   -12.483 1.000 38.704 ? 443 HOH AAA O   1 ? 
HETATM 1258 O  O   . HOH F 4 .   ? -20.001 -8.648  -12.075 1.000 38.229 ? 444 HOH AAA O   1 ? 
HETATM 1259 O  O   . HOH F 4 .   ? 16.074  6.574   -14.291 1.000 33.045 ? 445 HOH AAA O   1 ? 
HETATM 1260 O  O   . HOH F 4 .   ? -4.533  14.408  1.180   1.000 20.492 ? 446 HOH AAA O   1 ? 
HETATM 1261 O  O   . HOH F 4 .   ? 0.753   18.421  1.499   1.000 29.096 ? 447 HOH AAA O   1 ? 
HETATM 1262 O  O   . HOH F 4 .   ? 6.385   -14.647 -2.439  1.000 32.517 ? 448 HOH AAA O   1 ? 
HETATM 1263 O  O   . HOH F 4 .   ? 2.784   -11.341 0.666   1.000 29.711 ? 449 HOH AAA O   1 ? 
HETATM 1264 O  O   . HOH F 4 .   ? 9.605   7.287   -13.022 1.000 21.886 ? 450 HOH AAA O   1 ? 
HETATM 1265 O  O   . HOH F 4 .   ? -2.798  10.571  15.202  1.000 33.204 ? 451 HOH AAA O   1 ? 
HETATM 1266 O  O   . HOH F 4 .   ? -7.312  15.026  4.479   1.000 23.261 ? 452 HOH AAA O   1 ? 
HETATM 1267 O  O   . HOH F 4 .   ? 4.868   -14.608 -7.201  1.000 33.560 ? 453 HOH AAA O   1 ? 
HETATM 1268 O  O   . HOH F 4 .   ? -6.130  -20.128 -4.406  1.000 31.951 ? 454 HOH AAA O   1 ? 
HETATM 1269 O  O   . HOH F 4 .   ? 14.503  -2.313  6.605   1.000 35.725 ? 455 HOH AAA O   1 ? 
HETATM 1270 O  O   . HOH F 4 .   ? 13.415  15.343  3.051   1.000 37.353 ? 456 HOH AAA O   1 ? 
HETATM 1271 O  O   . HOH F 4 .   ? -0.602  -3.412  -8.479  1.000 24.800 ? 457 HOH AAA O   1 ? 
HETATM 1272 O  O   . HOH F 4 .   ? -0.693  18.094  5.309   1.000 35.982 ? 458 HOH AAA O   1 ? 
HETATM 1273 O  O   . HOH F 4 .   ? 0.507   0.338   -10.480 1.000 39.112 ? 459 HOH AAA O   1 ? 
HETATM 1274 O  O   . HOH F 4 .   ? -5.745  17.381  3.733   1.000 33.490 ? 460 HOH AAA O   1 ? 
HETATM 1275 O  O   . HOH F 4 .   ? 4.302   4.031   17.872  1.000 22.739 ? 461 HOH AAA O   1 ? 
HETATM 1276 O  O   . HOH F 4 .   ? -2.931  -12.721 1.297   1.000 21.426 ? 462 HOH AAA O   1 ? 
HETATM 1277 O  O   . HOH F 4 .   ? -5.648  -10.450 8.004   1.000 30.686 ? 463 HOH AAA O   1 ? 
HETATM 1278 O  O   . HOH F 4 .   ? -4.979  -12.602 3.658   1.000 24.691 ? 464 HOH AAA O   1 ? 
HETATM 1279 O  O   . HOH F 4 .   ? 8.288   0.639   9.312   1.000 39.070 ? 465 HOH AAA O   1 ? 
HETATM 1280 O  O   . HOH F 4 .   ? -10.465 7.275   -5.435  1.000 26.819 ? 466 HOH AAA O   1 ? 
HETATM 1281 O  O   . HOH F 4 .   ? -19.353 -5.426  7.010   1.000 40.545 ? 467 HOH AAA O   1 ? 
HETATM 1282 O  O   . HOH F 4 .   ? -1.379  15.412  9.080   1.000 26.996 ? 468 HOH AAA O   1 ? 
HETATM 1283 O  O   . HOH F 4 .   ? -5.597  14.034  9.188   1.000 23.116 ? 469 HOH AAA O   1 ? 
HETATM 1284 O  O   . HOH F 4 .   ? -10.887 10.953  11.871  1.000 25.866 ? 470 HOH AAA O   1 ? 
HETATM 1285 O  O   . HOH F 4 .   ? -2.023  -11.184 6.685   1.000 42.723 ? 471 HOH AAA O   1 ? 
HETATM 1286 O  O   . HOH F 4 .   ? 2.115   20.666  4.760   1.000 54.531 ? 472 HOH AAA O   1 ? 
HETATM 1287 O  O   . HOH F 4 .   ? -0.572  -12.438 2.527   1.000 36.948 ? 473 HOH AAA O   1 ? 
HETATM 1288 O  O   . HOH F 4 .   ? -7.068  12.633  11.231  1.000 30.598 ? 474 HOH AAA O   1 ? 
# 
